data_3O4Z
#
_entry.id   3O4Z
#
_cell.length_a   91.400
_cell.length_b   123.300
_cell.length_c   162.300
_cell.angle_alpha   90.00
_cell.angle_beta   95.17
_cell.angle_gamma   90.00
#
_symmetry.space_group_name_H-M   'P 1 21 1'
#
_entity_poly.entity_id   1
_entity_poly.type   'polypeptide(L)'
_entity_poly.pdbx_seq_one_letter_code
;MVLETLKQGLDSSQIHEALIQLDSYPREPVDLDASMVLIKFVIPVYPSLPERSKVILRRLASKSFTFLCQIVTFSRTISG
RDGLQEIRIYQEILEDIISFEPGCLTFYLKASTTSKADRDSIKALFFGSKLFNVLANRIDMAKYLGYLRLQWKFLLESNE
TDPPGFLGEWLVSSFLLNPVLAADMLLGELFLLKESYFFSFQKIISASSLIDQKRLIAKFLLPYIQVIVTLENLNDVRKI
LRRFDLDKIISLSVLFEIQSLPLKEVIVRLMSNHSSTKFVSALVSKFADFTDEEVDTKTCELLVLFAVHNLNHSQREEIA
HDERFLNGVTKHLGSNEREARERAMFIAKLLSGGHLKYESDFKINIPNVKFESNSDDKIIDFQSLKREIVKRIVFLKDLM
KEYEKTGESRKAPLIPLLKQTVKLIRQKADFQLEVGYYAQGILSSIVCLNNEFDEPLFEQWRINALTSILVVLPEKVNGA
INILFNSELSLQQRMSLLSALGLSARELRGLDDPTIVKPKFDFPTNRLPWDDQSHHNSRLVEVQESTSMIKKTKTVWKSR
KLGKDREKGTQNRFRKYAGLFFYPLAHGWLNGIDVGTYNQLFKSHYLTTLRIIYSCANPVHDFESMTELMNHIISSAIEE
GISLNKG
;
_entity_poly.pdbx_strand_id   A,B,C,D
#
# COMPACT_ATOMS: atom_id res chain seq x y z
N MET A 1 53.98 52.48 32.82
CA MET A 1 53.44 53.23 33.98
C MET A 1 51.94 53.48 33.83
N VAL A 2 51.52 53.85 32.63
CA VAL A 2 50.13 54.17 32.39
C VAL A 2 49.22 53.08 32.93
N LEU A 3 49.66 51.84 32.78
CA LEU A 3 48.88 50.67 33.20
C LEU A 3 48.60 50.71 34.70
N GLU A 4 49.41 51.43 35.45
CA GLU A 4 49.18 51.60 36.88
C GLU A 4 48.10 52.65 37.13
N THR A 5 48.08 53.69 36.30
CA THR A 5 47.21 54.85 36.50
C THR A 5 45.73 54.53 36.29
N LEU A 6 45.45 53.80 35.22
CA LEU A 6 44.08 53.52 34.84
C LEU A 6 43.33 52.72 35.88
N LYS A 7 44.08 51.97 36.69
CA LYS A 7 43.47 51.09 37.70
C LYS A 7 42.68 51.87 38.74
N GLN A 8 42.97 53.16 38.84
CA GLN A 8 42.36 53.99 39.88
C GLN A 8 41.20 54.85 39.39
N GLY A 9 41.24 55.25 38.12
CA GLY A 9 40.20 56.11 37.57
C GLY A 9 40.62 56.76 36.27
N LEU A 10 39.74 57.62 35.73
CA LEU A 10 40.03 58.25 34.44
C LEU A 10 38.86 58.98 33.80
N ASP A 11 39.05 60.28 33.55
CA ASP A 11 38.17 61.02 32.68
C ASP A 11 38.22 60.37 31.28
N SER A 12 37.07 60.26 30.62
CA SER A 12 37.02 59.57 29.32
C SER A 12 38.00 60.15 28.30
N SER A 13 38.41 61.39 28.52
CA SER A 13 39.40 62.05 27.65
C SER A 13 40.78 62.00 28.29
N GLN A 14 40.83 61.44 29.49
CA GLN A 14 42.07 61.17 30.19
C GLN A 14 42.48 59.74 29.87
N ILE A 15 41.49 58.89 29.66
CA ILE A 15 41.72 57.53 29.21
C ILE A 15 42.32 57.60 27.82
N HIS A 16 41.82 58.52 27.02
CA HIS A 16 42.32 58.73 25.67
C HIS A 16 43.76 59.20 25.70
N GLU A 17 44.06 60.06 26.66
CA GLU A 17 45.41 60.62 26.81
C GLU A 17 46.39 59.52 27.21
N ALA A 18 45.98 58.67 28.14
CA ALA A 18 46.81 57.55 28.58
C ALA A 18 47.13 56.62 27.41
N LEU A 19 46.12 56.33 26.60
CA LEU A 19 46.29 55.47 25.44
C LEU A 19 47.29 56.04 24.44
N ILE A 20 47.12 57.32 24.11
CA ILE A 20 48.03 58.01 23.20
C ILE A 20 49.47 57.91 23.72
N GLN A 21 49.62 58.04 25.03
CA GLN A 21 50.91 57.94 25.68
C GLN A 21 51.47 56.52 25.61
N LEU A 22 50.57 55.53 25.66
CA LEU A 22 50.98 54.14 25.61
C LEU A 22 51.61 53.79 24.27
N ASP A 23 51.05 54.35 23.21
CA ASP A 23 51.47 54.03 21.85
C ASP A 23 52.82 54.67 21.44
N SER A 24 53.15 55.81 22.01
CA SER A 24 54.43 56.42 21.71
C SER A 24 55.57 55.54 22.22
N TYR A 25 55.23 54.63 23.13
CA TYR A 25 56.22 53.68 23.65
C TYR A 25 56.50 52.59 22.63
N PRO A 26 57.59 51.83 22.83
CA PRO A 26 57.83 50.65 22.01
C PRO A 26 56.65 49.71 22.16
N ARG A 27 56.23 49.11 21.06
CA ARG A 27 55.04 48.26 21.06
C ARG A 27 54.99 47.21 22.17
N GLU A 28 55.96 46.29 22.16
CA GLU A 28 55.82 45.07 22.93
C GLU A 28 54.46 44.46 22.57
N PRO A 29 53.83 43.80 23.53
CA PRO A 29 52.43 43.72 23.30
C PRO A 29 51.83 43.36 24.63
N VAL A 30 50.51 43.36 24.71
CA VAL A 30 49.85 43.27 26.00
C VAL A 30 49.97 41.91 26.70
N ASP A 31 50.57 41.90 27.89
CA ASP A 31 50.63 40.69 28.70
C ASP A 31 49.24 40.41 29.23
N LEU A 32 49.04 39.24 29.84
CA LEU A 32 47.73 38.88 30.39
C LEU A 32 47.27 39.88 31.46
N ASP A 33 48.20 40.34 32.27
CA ASP A 33 47.89 41.28 33.35
C ASP A 33 47.43 42.64 32.84
N ALA A 34 48.15 43.17 31.85
CA ALA A 34 47.84 44.48 31.30
C ALA A 34 46.50 44.48 30.59
N SER A 35 46.21 43.41 29.87
CA SER A 35 44.94 43.30 29.17
C SER A 35 43.80 43.25 30.19
N MET A 36 44.00 42.51 31.26
CA MET A 36 43.00 42.43 32.31
C MET A 36 42.68 43.82 32.84
N VAL A 37 43.71 44.66 32.95
CA VAL A 37 43.54 46.03 33.41
C VAL A 37 42.80 46.84 32.34
N LEU A 38 43.14 46.61 31.07
CA LEU A 38 42.49 47.30 29.94
C LEU A 38 41.01 46.99 29.83
N ILE A 39 40.67 45.71 29.87
CA ILE A 39 39.29 45.29 29.71
C ILE A 39 38.40 45.89 30.78
N LYS A 40 38.85 45.79 32.02
CA LYS A 40 38.06 46.24 33.18
C LYS A 40 37.87 47.74 33.24
N PHE A 41 38.90 48.50 32.84
CA PHE A 41 38.89 49.95 33.06
C PHE A 41 38.67 50.81 31.81
N VAL A 42 39.09 50.32 30.65
CA VAL A 42 38.92 51.07 29.41
C VAL A 42 37.68 50.67 28.60
N ILE A 43 37.78 49.55 27.89
CA ILE A 43 36.71 49.12 26.98
C ILE A 43 35.33 49.74 27.30
N PRO A 44 34.94 49.79 28.59
CA PRO A 44 33.64 50.31 28.98
C PRO A 44 33.27 51.63 28.31
N VAL A 45 34.27 52.42 27.93
CA VAL A 45 34.01 53.70 27.26
C VAL A 45 34.28 53.64 25.76
N TYR A 46 34.96 52.59 25.33
CA TYR A 46 35.39 52.43 23.94
C TYR A 46 34.65 53.30 22.93
N PRO A 47 33.31 53.21 22.91
CA PRO A 47 32.51 53.95 21.94
C PRO A 47 32.67 55.46 22.10
N SER A 48 32.91 55.90 23.34
CA SER A 48 33.05 57.32 23.63
C SER A 48 34.37 57.90 23.10
N LEU A 49 35.44 57.09 23.15
CA LEU A 49 36.76 57.55 22.76
C LEU A 49 36.85 58.00 21.30
N PRO A 50 37.68 59.02 21.04
CA PRO A 50 37.89 59.50 19.67
C PRO A 50 38.47 58.40 18.79
N GLU A 51 38.23 58.51 17.48
CA GLU A 51 38.65 57.47 16.54
C GLU A 51 40.14 57.16 16.62
N ARG A 52 40.94 58.15 17.02
CA ARG A 52 42.38 57.95 17.10
C ARG A 52 42.70 56.99 18.24
N SER A 53 41.86 57.01 19.27
CA SER A 53 42.10 56.23 20.46
C SER A 53 41.58 54.81 20.31
N LYS A 54 40.49 54.68 19.55
CA LYS A 54 39.95 53.36 19.25
C LYS A 54 40.92 52.57 18.41
N VAL A 55 41.59 53.26 17.48
CA VAL A 55 42.46 52.60 16.51
C VAL A 55 43.66 51.97 17.19
N ILE A 56 44.23 52.68 18.16
CA ILE A 56 45.42 52.16 18.85
C ILE A 56 44.99 51.14 19.89
N LEU A 57 43.73 51.20 20.27
CA LEU A 57 43.17 50.22 21.18
C LEU A 57 42.99 48.90 20.42
N ARG A 58 42.40 48.96 19.23
CA ARG A 58 42.21 47.78 18.39
C ARG A 58 43.53 47.16 17.99
N ARG A 59 44.52 48.00 17.69
CA ARG A 59 45.83 47.49 17.29
C ARG A 59 46.45 46.69 18.41
N LEU A 60 46.18 47.10 19.65
CA LEU A 60 46.65 46.36 20.81
C LEU A 60 46.06 44.95 20.82
N ALA A 61 44.78 44.84 20.50
CA ALA A 61 44.16 43.53 20.30
C ALA A 61 44.79 42.86 19.09
N SER A 62 44.99 43.60 18.01
CA SER A 62 45.65 43.07 16.79
C SER A 62 46.91 42.28 17.09
N LYS A 63 47.66 42.72 18.09
CA LYS A 63 48.98 42.16 18.36
C LYS A 63 49.06 41.27 19.60
N SER A 64 47.97 41.17 20.35
CA SER A 64 48.04 40.42 21.61
C SER A 64 47.48 39.01 21.52
N PHE A 65 46.23 38.90 21.11
CA PHE A 65 45.51 37.64 21.23
C PHE A 65 45.21 37.33 22.68
N THR A 66 46.26 37.11 23.47
CA THR A 66 46.06 36.93 24.89
C THR A 66 45.15 38.04 25.42
N PHE A 67 45.20 39.20 24.76
CA PHE A 67 44.29 40.29 25.04
C PHE A 67 42.88 39.95 24.54
N LEU A 68 42.75 39.72 23.23
CA LEU A 68 41.48 39.32 22.61
C LEU A 68 40.80 38.20 23.38
N CYS A 69 41.50 37.08 23.49
CA CYS A 69 41.05 35.96 24.28
C CYS A 69 40.36 36.42 25.57
N GLN A 70 40.99 37.36 26.28
CA GLN A 70 40.46 37.84 27.55
C GLN A 70 39.17 38.64 27.38
N ILE A 71 39.14 39.50 26.36
CA ILE A 71 37.95 40.29 26.07
C ILE A 71 36.79 39.34 25.78
N VAL A 72 37.10 38.19 25.20
CA VAL A 72 36.08 37.20 24.85
C VAL A 72 35.58 36.46 26.08
N THR A 73 36.50 35.85 26.83
CA THR A 73 36.12 35.09 28.01
C THR A 73 35.45 35.96 29.09
N PHE A 74 35.73 37.26 29.03
CA PHE A 74 35.09 38.21 29.94
C PHE A 74 33.68 38.52 29.46
N SER A 75 33.44 38.42 28.17
CA SER A 75 32.12 38.72 27.62
C SER A 75 31.08 37.68 28.00
N ARG A 76 31.48 36.41 27.98
CA ARG A 76 30.54 35.35 28.26
C ARG A 76 30.34 35.19 29.76
N THR A 77 31.33 35.58 30.57
CA THR A 77 31.12 35.62 32.01
C THR A 77 29.97 36.58 32.30
N ILE A 78 30.16 37.84 31.93
CA ILE A 78 29.10 38.84 32.01
C ILE A 78 27.84 38.35 31.32
N GLY A 83 21.18 43.66 32.91
CA GLY A 83 20.89 44.10 31.55
C GLY A 83 21.98 43.76 30.56
N LEU A 84 21.69 43.90 29.27
CA LEU A 84 22.64 43.55 28.22
C LEU A 84 23.55 44.70 27.78
N GLN A 85 23.38 45.87 28.39
CA GLN A 85 24.11 47.06 27.96
C GLN A 85 25.63 46.90 27.89
N GLU A 86 26.21 46.38 28.97
CA GLU A 86 27.66 46.21 29.05
C GLU A 86 28.21 45.25 27.99
N ILE A 87 27.51 44.13 27.77
CA ILE A 87 27.97 43.16 26.81
C ILE A 87 27.89 43.71 25.39
N ARG A 88 26.91 44.57 25.13
CA ARG A 88 26.74 45.17 23.82
C ARG A 88 27.87 46.14 23.50
N ILE A 89 28.45 46.70 24.54
CA ILE A 89 29.61 47.55 24.36
C ILE A 89 30.79 46.66 23.98
N TYR A 90 31.03 45.61 24.76
CA TYR A 90 32.10 44.67 24.48
C TYR A 90 31.96 44.01 23.10
N GLN A 91 30.73 43.68 22.74
CA GLN A 91 30.46 43.14 21.41
C GLN A 91 30.96 44.10 20.35
N GLU A 92 30.64 45.38 20.53
CA GLU A 92 31.07 46.45 19.62
C GLU A 92 32.55 46.32 19.31
N ILE A 93 33.34 46.44 20.35
CA ILE A 93 34.79 46.37 20.24
C ILE A 93 35.24 45.08 19.53
N LEU A 94 34.66 43.96 19.94
CA LEU A 94 35.00 42.69 19.33
C LEU A 94 34.76 42.73 17.82
N GLU A 95 33.57 43.15 17.40
CA GLU A 95 33.32 43.19 15.97
C GLU A 95 34.25 44.16 15.23
N ASP A 96 34.46 45.36 15.78
CA ASP A 96 35.33 46.35 15.15
C ASP A 96 36.74 45.81 15.03
N ILE A 97 37.15 44.99 16.00
CA ILE A 97 38.49 44.45 15.96
C ILE A 97 38.69 43.66 14.67
N ILE A 98 37.96 42.56 14.51
CA ILE A 98 38.07 41.74 13.31
C ILE A 98 37.59 42.46 12.06
N SER A 99 36.76 43.47 12.24
CA SER A 99 36.27 44.24 11.12
C SER A 99 37.40 45.11 10.56
N PHE A 100 37.91 46.02 11.37
CA PHE A 100 38.90 47.02 10.96
C PHE A 100 40.35 46.52 10.97
N GLU A 101 40.65 45.55 11.81
CA GLU A 101 41.98 44.97 11.82
C GLU A 101 41.99 43.53 11.25
N PRO A 102 42.08 43.42 9.91
CA PRO A 102 42.04 42.12 9.24
C PRO A 102 43.32 41.33 9.44
N GLY A 103 44.29 41.94 10.13
CA GLY A 103 45.58 41.31 10.38
C GLY A 103 45.57 40.27 11.49
N CYS A 104 44.72 40.45 12.49
CA CYS A 104 44.73 39.61 13.67
C CYS A 104 45.21 38.18 13.42
N LEU A 105 44.49 37.45 12.58
CA LEU A 105 44.79 36.03 12.36
C LEU A 105 46.24 35.82 11.97
N THR A 106 46.65 36.52 10.93
CA THR A 106 48.02 36.41 10.46
C THR A 106 49.05 36.94 11.50
N PHE A 107 48.69 37.96 12.28
CA PHE A 107 49.56 38.40 13.39
C PHE A 107 49.75 37.29 14.44
N TYR A 108 48.63 36.72 14.90
CA TYR A 108 48.68 35.66 15.90
C TYR A 108 49.42 34.44 15.39
N LEU A 109 49.32 34.19 14.09
CA LEU A 109 50.03 33.09 13.48
C LEU A 109 51.52 33.14 13.87
N LYS A 110 52.14 34.30 13.67
CA LYS A 110 53.55 34.46 13.98
C LYS A 110 53.83 34.46 15.48
N ALA A 111 53.04 35.23 16.22
CA ALA A 111 53.31 35.45 17.65
C ALA A 111 52.97 34.26 18.56
N SER A 112 51.76 33.73 18.45
CA SER A 112 51.28 32.75 19.44
C SER A 112 51.10 31.32 18.92
N THR A 113 52.04 30.86 18.09
CA THR A 113 51.99 29.49 17.58
C THR A 113 53.13 28.62 18.10
N THR A 114 53.66 28.96 19.27
CA THR A 114 54.83 28.29 19.82
C THR A 114 54.50 26.95 20.46
N SER A 115 53.22 26.66 20.63
CA SER A 115 52.81 25.44 21.29
C SER A 115 51.46 25.01 20.74
N LYS A 116 51.13 23.73 20.91
CA LYS A 116 49.83 23.26 20.45
C LYS A 116 48.72 23.89 21.29
N ALA A 117 49.03 24.18 22.55
CA ALA A 117 48.06 24.78 23.46
C ALA A 117 47.58 26.13 22.95
N ASP A 118 48.53 26.97 22.53
CA ASP A 118 48.24 28.29 21.98
C ASP A 118 47.50 28.22 20.66
N ARG A 119 47.96 27.32 19.79
CA ARG A 119 47.33 27.15 18.47
C ARG A 119 45.87 26.75 18.62
N ASP A 120 45.63 25.79 19.50
CA ASP A 120 44.29 25.26 19.70
C ASP A 120 43.38 26.31 20.33
N SER A 121 43.91 27.07 21.28
CA SER A 121 43.11 28.16 21.84
C SER A 121 42.79 29.22 20.78
N ILE A 122 43.68 29.44 19.83
CA ILE A 122 43.43 30.43 18.78
C ILE A 122 42.43 29.92 17.77
N LYS A 123 42.45 28.61 17.54
CA LYS A 123 41.49 27.95 16.67
C LYS A 123 40.11 28.03 17.30
N ALA A 124 40.03 27.68 18.59
CA ALA A 124 38.76 27.68 19.29
C ALA A 124 38.14 29.08 19.33
N LEU A 125 38.97 30.11 19.33
CA LEU A 125 38.47 31.47 19.35
C LEU A 125 37.87 31.83 18.02
N PHE A 126 38.66 31.66 16.96
CA PHE A 126 38.23 32.04 15.62
C PHE A 126 37.27 31.06 14.95
N PHE A 127 37.64 29.79 14.92
CA PHE A 127 36.95 28.83 14.06
C PHE A 127 35.96 27.89 14.72
N GLY A 128 36.30 27.33 15.89
CA GLY A 128 35.30 26.58 16.66
C GLY A 128 34.32 27.68 16.95
N SER A 129 34.93 28.86 17.03
CA SER A 129 34.33 30.18 17.22
C SER A 129 33.62 30.47 18.52
N LYS A 130 34.41 30.65 19.57
CA LYS A 130 33.93 31.25 20.79
C LYS A 130 33.70 32.74 20.54
N LEU A 131 34.51 33.32 19.66
CA LEU A 131 34.31 34.70 19.27
C LEU A 131 32.91 34.89 18.69
N PHE A 132 32.57 34.06 17.70
CA PHE A 132 31.30 34.22 17.01
C PHE A 132 30.12 34.04 17.96
N ASN A 133 30.29 33.16 18.94
CA ASN A 133 29.24 32.90 19.90
C ASN A 133 28.89 34.11 20.72
N VAL A 134 29.87 34.95 21.01
CA VAL A 134 29.59 36.16 21.78
C VAL A 134 29.09 37.25 20.85
N LEU A 135 29.35 37.10 19.55
CA LEU A 135 28.87 38.05 18.56
C LEU A 135 27.57 37.60 17.92
N ALA A 136 27.11 36.41 18.31
CA ALA A 136 25.94 35.79 17.67
C ALA A 136 24.68 36.64 17.74
N ASN A 137 24.47 37.34 18.86
CA ASN A 137 23.33 38.22 18.95
C ASN A 137 23.47 39.53 18.20
N ARG A 138 24.59 39.70 17.51
CA ARG A 138 24.89 40.97 16.87
C ARG A 138 25.05 40.81 15.37
N ILE A 139 25.66 39.70 14.98
CA ILE A 139 25.96 39.44 13.58
C ILE A 139 25.69 37.96 13.33
N ASP A 140 25.40 37.60 12.08
CA ASP A 140 25.09 36.23 11.76
C ASP A 140 26.29 35.52 11.14
N MET A 141 26.19 34.21 11.00
CA MET A 141 27.29 33.40 10.53
C MET A 141 27.82 33.85 9.16
N ALA A 142 26.92 34.23 8.26
CA ALA A 142 27.36 34.66 6.95
C ALA A 142 28.26 35.88 7.07
N LYS A 143 27.82 36.89 7.83
CA LYS A 143 28.64 38.08 8.05
C LYS A 143 29.96 37.73 8.71
N TYR A 144 29.91 36.86 9.70
CA TYR A 144 31.13 36.45 10.40
C TYR A 144 32.11 35.82 9.42
N LEU A 145 31.65 34.87 8.62
CA LEU A 145 32.49 34.25 7.59
C LEU A 145 33.05 35.33 6.65
N GLY A 146 32.25 36.35 6.35
CA GLY A 146 32.72 37.45 5.56
C GLY A 146 33.99 38.02 6.15
N TYR A 147 33.99 38.23 7.47
CA TYR A 147 35.17 38.75 8.15
C TYR A 147 36.30 37.72 8.11
N LEU A 148 35.96 36.48 8.45
CA LEU A 148 36.90 35.37 8.41
C LEU A 148 37.60 35.31 7.05
N ARG A 149 36.86 35.57 5.99
CA ARG A 149 37.46 35.53 4.66
C ARG A 149 38.55 36.58 4.55
N LEU A 150 38.23 37.80 4.96
CA LEU A 150 39.18 38.91 4.95
C LEU A 150 40.36 38.61 5.88
N GLN A 151 40.12 37.84 6.93
CA GLN A 151 41.21 37.45 7.82
C GLN A 151 42.19 36.57 7.05
N TRP A 152 41.67 35.59 6.31
CA TRP A 152 42.50 34.74 5.48
C TRP A 152 43.18 35.49 4.34
N LYS A 153 42.46 36.40 3.71
CA LYS A 153 43.00 37.13 2.60
C LYS A 153 44.23 37.91 3.03
N PHE A 154 44.20 38.51 4.22
CA PHE A 154 45.34 39.27 4.73
C PHE A 154 46.56 38.38 4.89
N LEU A 155 46.37 37.24 5.56
CA LEU A 155 47.45 36.28 5.73
C LEU A 155 47.91 35.78 4.36
N LEU A 156 46.98 35.80 3.40
CA LEU A 156 47.26 35.23 2.10
C LEU A 156 48.10 36.19 1.28
N GLU A 157 48.15 37.45 1.73
CA GLU A 157 48.88 38.46 1.03
C GLU A 157 50.08 38.89 1.82
N SER A 158 50.26 38.29 2.99
CA SER A 158 51.44 38.56 3.78
C SER A 158 52.65 37.81 3.20
N ASN A 159 53.80 38.00 3.81
CA ASN A 159 55.00 37.31 3.35
C ASN A 159 55.28 36.03 4.12
N GLU A 160 54.20 35.39 4.55
CA GLU A 160 54.29 34.11 5.21
C GLU A 160 54.30 33.01 4.15
N THR A 161 55.36 32.21 4.13
CA THR A 161 55.57 31.19 3.12
C THR A 161 55.71 29.82 3.79
N ASP A 162 55.49 28.74 3.04
CA ASP A 162 55.69 27.39 3.59
C ASP A 162 54.81 27.17 4.81
N PRO A 163 53.50 27.38 4.65
CA PRO A 163 52.59 27.33 5.77
C PRO A 163 52.79 26.07 6.59
N PRO A 164 52.67 26.20 7.92
CA PRO A 164 52.78 25.21 8.98
C PRO A 164 52.19 23.85 8.64
N GLY A 165 50.89 23.69 8.82
CA GLY A 165 50.30 22.38 8.66
C GLY A 165 49.10 22.35 9.58
N PHE A 166 49.26 22.93 10.76
CA PHE A 166 48.12 23.15 11.62
C PHE A 166 47.28 24.22 10.95
N LEU A 167 47.89 24.99 10.07
CA LEU A 167 47.14 25.96 9.27
C LEU A 167 46.08 25.20 8.47
N GLY A 168 46.38 23.96 8.11
CA GLY A 168 45.41 23.11 7.44
C GLY A 168 44.20 22.88 8.32
N GLU A 169 44.45 22.52 9.59
CA GLU A 169 43.37 22.37 10.56
C GLU A 169 42.51 23.62 10.59
N TRP A 170 43.16 24.75 10.76
CA TRP A 170 42.45 26.00 10.87
C TRP A 170 41.50 26.19 9.71
N LEU A 171 41.97 25.95 8.50
CA LEU A 171 41.11 26.07 7.34
C LEU A 171 39.93 25.08 7.40
N VAL A 172 40.21 23.84 7.78
CA VAL A 172 39.14 22.86 7.91
C VAL A 172 38.09 23.38 8.89
N SER A 173 38.56 23.97 9.98
CA SER A 173 37.65 24.49 11.00
C SER A 173 36.86 25.66 10.46
N SER A 174 37.48 26.43 9.59
CA SER A 174 36.82 27.54 8.94
C SER A 174 35.65 27.02 8.10
N PHE A 175 35.89 25.98 7.31
CA PHE A 175 34.85 25.45 6.45
C PHE A 175 33.73 24.85 7.29
N LEU A 176 34.13 24.20 8.36
CA LEU A 176 33.17 23.49 9.18
C LEU A 176 32.15 24.43 9.80
N LEU A 177 32.49 25.70 9.98
CA LEU A 177 31.54 26.69 10.48
C LEU A 177 30.22 26.65 9.72
N ASN A 178 30.32 26.69 8.40
CA ASN A 178 29.19 26.45 7.51
C ASN A 178 29.78 26.14 6.17
N PRO A 179 29.82 24.85 5.82
CA PRO A 179 30.44 24.38 4.58
C PRO A 179 29.99 25.18 3.36
N VAL A 180 28.68 25.26 3.14
CA VAL A 180 28.13 25.94 1.97
C VAL A 180 28.51 27.41 1.94
N LEU A 181 28.38 28.10 3.07
CA LEU A 181 28.71 29.52 3.09
C LEU A 181 30.21 29.67 3.01
N ALA A 182 30.92 28.82 3.73
CA ALA A 182 32.38 28.89 3.78
C ALA A 182 32.93 28.67 2.38
N ALA A 183 32.32 27.73 1.65
CA ALA A 183 32.78 27.42 0.31
C ALA A 183 32.58 28.62 -0.61
N ASP A 184 31.43 29.27 -0.56
CA ASP A 184 31.19 30.46 -1.36
C ASP A 184 32.28 31.46 -1.13
N MET A 185 32.55 31.78 0.12
CA MET A 185 33.47 32.86 0.44
C MET A 185 34.95 32.49 0.39
N LEU A 186 35.32 31.38 1.01
CA LEU A 186 36.74 30.98 1.04
C LEU A 186 37.22 30.38 -0.28
N LEU A 187 36.36 29.58 -0.93
CA LEU A 187 36.71 28.99 -2.23
C LEU A 187 36.35 29.91 -3.36
N GLY A 188 35.07 30.02 -3.67
CA GLY A 188 34.59 30.85 -4.77
C GLY A 188 35.15 32.26 -4.78
N GLU A 189 35.25 32.88 -3.61
CA GLU A 189 35.62 34.29 -3.49
C GLU A 189 36.99 34.53 -2.86
N LEU A 190 37.84 33.52 -2.87
CA LEU A 190 39.21 33.70 -2.41
C LEU A 190 40.19 32.75 -3.10
N PHE A 191 40.24 31.49 -2.63
CA PHE A 191 41.22 30.54 -3.13
C PHE A 191 41.05 30.19 -4.59
N LEU A 192 39.87 30.43 -5.15
CA LEU A 192 39.63 30.14 -6.55
C LEU A 192 39.55 31.41 -7.39
N LEU A 193 39.96 32.54 -6.81
CA LEU A 193 39.95 33.80 -7.53
C LEU A 193 41.04 33.89 -8.58
N LYS A 194 42.30 33.75 -8.16
CA LYS A 194 43.46 33.99 -9.03
C LYS A 194 44.49 32.89 -8.80
N GLU A 195 45.57 32.91 -9.58
CA GLU A 195 46.65 31.94 -9.41
C GLU A 195 47.36 32.14 -8.06
N SER A 196 47.77 33.38 -7.80
CA SER A 196 48.35 33.77 -6.52
C SER A 196 47.69 33.06 -5.32
N TYR A 197 46.37 33.22 -5.19
CA TYR A 197 45.66 32.66 -4.05
C TYR A 197 45.53 31.14 -4.12
N PHE A 198 45.30 30.62 -5.32
CA PHE A 198 45.15 29.18 -5.46
C PHE A 198 46.46 28.48 -5.16
N PHE A 199 47.56 29.15 -5.54
CA PHE A 199 48.88 28.63 -5.24
C PHE A 199 49.07 28.51 -3.73
N SER A 200 48.62 29.53 -3.00
CA SER A 200 48.63 29.51 -1.54
C SER A 200 47.86 28.31 -1.05
N PHE A 201 46.69 28.11 -1.62
CA PHE A 201 45.81 27.02 -1.24
C PHE A 201 46.53 25.68 -1.38
N GLN A 202 47.20 25.45 -2.50
CA GLN A 202 47.90 24.19 -2.71
C GLN A 202 48.91 23.98 -1.59
N LYS A 203 49.74 24.99 -1.36
CA LYS A 203 50.78 24.93 -0.35
C LYS A 203 50.18 24.54 1.00
N ILE A 204 49.05 25.17 1.33
CA ILE A 204 48.39 24.96 2.61
C ILE A 204 47.92 23.54 2.79
N ILE A 205 47.43 22.92 1.73
CA ILE A 205 46.95 21.56 1.85
C ILE A 205 48.04 20.53 1.58
N SER A 206 49.04 20.90 0.78
CA SER A 206 50.08 19.95 0.48
C SER A 206 51.00 19.85 1.69
N ALA A 207 51.08 20.93 2.46
CA ALA A 207 51.90 20.94 3.66
C ALA A 207 51.02 20.63 4.85
N SER A 208 49.97 19.87 4.62
CA SER A 208 48.95 19.65 5.63
C SER A 208 48.73 18.16 5.86
N SER A 209 48.31 17.81 7.07
CA SER A 209 48.01 16.42 7.43
C SER A 209 47.22 15.67 6.36
N LEU A 210 47.45 14.37 6.26
CA LEU A 210 46.74 13.61 5.24
C LEU A 210 45.24 13.58 5.50
N ILE A 211 44.87 13.35 6.77
CA ILE A 211 43.47 13.30 7.16
C ILE A 211 42.77 14.59 6.81
N ASP A 212 43.40 15.71 7.20
CA ASP A 212 42.91 17.03 6.84
C ASP A 212 42.93 17.26 5.34
N GLN A 213 43.93 16.70 4.67
CA GLN A 213 44.00 16.83 3.23
C GLN A 213 42.72 16.32 2.61
N LYS A 214 42.27 15.16 3.07
CA LYS A 214 41.05 14.57 2.55
C LYS A 214 39.82 15.45 2.79
N ARG A 215 39.74 16.07 3.97
CA ARG A 215 38.59 16.89 4.31
C ARG A 215 38.55 18.09 3.39
N LEU A 216 39.64 18.84 3.38
CA LEU A 216 39.76 20.00 2.50
C LEU A 216 39.38 19.67 1.06
N ILE A 217 39.94 18.61 0.51
CA ILE A 217 39.72 18.33 -0.90
C ILE A 217 38.43 17.56 -1.21
N ALA A 218 38.17 16.51 -0.43
CA ALA A 218 37.03 15.65 -0.70
C ALA A 218 35.73 16.18 -0.13
N LYS A 219 35.79 16.77 1.07
CA LYS A 219 34.57 17.19 1.74
C LYS A 219 34.26 18.68 1.58
N PHE A 220 35.17 19.45 1.00
CA PHE A 220 34.93 20.89 0.82
C PHE A 220 35.19 21.40 -0.60
N LEU A 221 36.39 21.16 -1.13
CA LEU A 221 36.66 21.53 -2.50
C LEU A 221 35.69 20.82 -3.46
N LEU A 222 35.74 19.49 -3.49
CA LEU A 222 34.96 18.74 -4.47
C LEU A 222 33.49 19.14 -4.60
N PRO A 223 32.76 19.14 -3.47
CA PRO A 223 31.36 19.49 -3.50
C PRO A 223 31.17 20.88 -4.08
N TYR A 224 32.08 21.81 -3.78
CA TYR A 224 31.98 23.14 -4.38
C TYR A 224 32.19 23.06 -5.89
N ILE A 225 33.24 22.37 -6.30
CA ILE A 225 33.50 22.18 -7.72
C ILE A 225 32.25 21.62 -8.41
N GLN A 226 31.55 20.77 -7.69
CA GLN A 226 30.40 20.14 -8.28
C GLN A 226 29.26 21.15 -8.48
N VAL A 227 29.25 22.18 -7.64
CA VAL A 227 28.22 23.19 -7.71
C VAL A 227 28.43 24.07 -8.92
N ILE A 228 29.68 24.27 -9.31
CA ILE A 228 30.00 25.21 -10.38
C ILE A 228 30.30 24.50 -11.70
N VAL A 229 30.92 23.33 -11.62
CA VAL A 229 31.31 22.60 -12.84
C VAL A 229 30.29 22.69 -13.96
N THR A 230 30.72 23.22 -15.11
CA THR A 230 29.98 23.14 -16.39
C THR A 230 30.81 22.40 -17.41
N LEU A 231 30.23 22.13 -18.57
CA LEU A 231 31.03 21.56 -19.66
C LEU A 231 32.19 22.48 -20.08
N GLU A 232 31.95 23.78 -20.11
CA GLU A 232 33.05 24.70 -20.38
C GLU A 232 34.02 24.81 -19.21
N ASN A 233 33.53 24.60 -18.00
CA ASN A 233 34.39 24.57 -16.84
C ASN A 233 35.31 23.39 -16.85
N LEU A 234 34.80 22.27 -17.36
CA LEU A 234 35.35 20.97 -17.08
C LEU A 234 36.87 21.01 -17.21
N ASN A 235 37.33 21.53 -18.35
CA ASN A 235 38.76 21.54 -18.64
C ASN A 235 39.58 22.24 -17.57
N ASP A 236 39.11 23.42 -17.15
CA ASP A 236 39.78 24.16 -16.12
C ASP A 236 39.68 23.49 -14.75
N VAL A 237 38.63 22.69 -14.53
CA VAL A 237 38.50 22.04 -13.24
C VAL A 237 39.43 20.84 -13.16
N ARG A 238 39.63 20.14 -14.27
CA ARG A 238 40.58 19.03 -14.22
C ARG A 238 41.97 19.59 -14.06
N LYS A 239 42.21 20.77 -14.61
CA LYS A 239 43.49 21.41 -14.43
C LYS A 239 43.70 21.62 -12.93
N ILE A 240 42.62 21.91 -12.21
CA ILE A 240 42.71 22.15 -10.76
C ILE A 240 42.85 20.88 -9.95
N LEU A 241 42.29 19.78 -10.44
CA LEU A 241 42.33 18.56 -9.65
C LEU A 241 43.64 17.85 -9.88
N ARG A 242 44.17 17.97 -11.09
CA ARG A 242 45.44 17.33 -11.41
C ARG A 242 46.51 17.92 -10.52
N ARG A 243 46.23 19.11 -9.99
CA ARG A 243 47.19 19.81 -9.16
C ARG A 243 47.31 19.20 -7.76
N PHE A 244 46.50 18.19 -7.46
CA PHE A 244 46.53 17.52 -6.16
C PHE A 244 46.81 16.04 -6.29
N ASP A 245 47.29 15.44 -5.21
CA ASP A 245 47.50 14.02 -5.18
C ASP A 245 46.17 13.31 -4.91
N LEU A 246 45.41 13.09 -5.98
CA LEU A 246 44.08 12.49 -5.86
C LEU A 246 44.15 11.03 -5.46
N ASP A 247 45.31 10.41 -5.69
CA ASP A 247 45.44 8.98 -5.48
C ASP A 247 45.37 8.65 -4.00
N LYS A 248 45.87 9.56 -3.16
CA LYS A 248 45.83 9.38 -1.71
C LYS A 248 44.49 9.85 -1.10
N ILE A 249 43.83 10.78 -1.77
CA ILE A 249 42.72 11.52 -1.18
C ILE A 249 41.32 10.98 -1.50
N ILE A 250 41.16 10.32 -2.63
CA ILE A 250 39.81 9.99 -3.13
C ILE A 250 39.43 8.52 -2.98
N SER A 251 38.42 8.24 -2.16
CA SER A 251 37.95 6.87 -1.98
C SER A 251 36.74 6.60 -2.85
N LEU A 252 36.42 5.32 -3.05
CA LEU A 252 35.23 4.99 -3.81
C LEU A 252 34.01 5.80 -3.36
N SER A 253 33.73 5.76 -2.06
CA SER A 253 32.53 6.39 -1.54
C SER A 253 32.43 7.83 -2.01
N VAL A 254 33.57 8.50 -2.09
CA VAL A 254 33.63 9.88 -2.60
C VAL A 254 33.30 9.90 -4.07
N LEU A 255 33.87 8.96 -4.81
CA LEU A 255 33.62 8.79 -6.24
C LEU A 255 32.16 8.43 -6.52
N PHE A 256 31.55 7.67 -5.60
CA PHE A 256 30.14 7.33 -5.71
C PHE A 256 29.24 8.55 -5.55
N GLU A 257 29.57 9.39 -4.56
CA GLU A 257 28.77 10.58 -4.26
C GLU A 257 28.65 11.56 -5.44
N ILE A 258 29.71 11.73 -6.22
CA ILE A 258 29.74 12.76 -7.24
C ILE A 258 28.63 12.59 -8.25
N GLN A 259 27.74 13.57 -8.33
CA GLN A 259 26.60 13.45 -9.22
C GLN A 259 26.92 13.73 -10.68
N SER A 260 27.83 14.64 -10.97
CA SER A 260 28.09 15.00 -12.38
C SER A 260 28.88 13.92 -13.10
N LEU A 261 28.33 13.35 -14.17
CA LEU A 261 29.05 12.25 -14.80
C LEU A 261 30.38 12.77 -15.36
N PRO A 262 30.31 13.78 -16.22
CA PRO A 262 31.53 14.32 -16.75
C PRO A 262 32.57 14.60 -15.65
N LEU A 263 32.16 15.12 -14.51
CA LEU A 263 33.14 15.34 -13.44
C LEU A 263 33.65 13.99 -12.94
N LYS A 264 32.73 13.07 -12.68
CA LYS A 264 33.13 11.73 -12.22
C LYS A 264 34.17 11.14 -13.17
N GLU A 265 33.89 11.18 -14.47
CA GLU A 265 34.87 10.73 -15.49
C GLU A 265 36.23 11.41 -15.37
N VAL A 266 36.25 12.74 -15.38
CA VAL A 266 37.49 13.49 -15.18
C VAL A 266 38.33 12.96 -14.00
N ILE A 267 37.68 12.58 -12.90
CA ILE A 267 38.44 12.09 -11.76
C ILE A 267 38.91 10.65 -11.97
N VAL A 268 38.07 9.83 -12.59
CA VAL A 268 38.48 8.47 -12.90
C VAL A 268 39.77 8.51 -13.74
N ARG A 269 39.89 9.53 -14.56
CA ARG A 269 40.99 9.55 -15.50
C ARG A 269 42.21 10.21 -14.95
N LEU A 270 42.13 10.70 -13.72
CA LEU A 270 43.31 11.25 -13.06
C LEU A 270 43.93 10.22 -12.13
N MET A 271 43.36 9.04 -12.07
CA MET A 271 43.83 8.01 -11.16
C MET A 271 44.96 7.16 -11.75
N SER A 272 46.04 6.95 -11.01
CA SER A 272 47.06 6.03 -11.46
C SER A 272 46.47 4.67 -11.75
N ASN A 273 47.19 3.84 -12.50
CA ASN A 273 46.71 2.47 -12.78
C ASN A 273 46.68 1.67 -11.52
N HIS A 274 47.52 2.03 -10.56
CA HIS A 274 47.46 1.36 -9.28
C HIS A 274 46.14 1.66 -8.55
N SER A 275 45.79 2.92 -8.44
CA SER A 275 44.49 3.26 -7.93
C SER A 275 43.42 2.54 -8.76
N SER A 276 43.54 2.62 -10.08
CA SER A 276 42.53 2.05 -10.95
C SER A 276 42.32 0.57 -10.71
N THR A 277 43.40 -0.14 -10.46
CA THR A 277 43.30 -1.56 -10.30
C THR A 277 42.57 -1.88 -8.98
N LYS A 278 42.90 -1.13 -7.93
CA LYS A 278 42.22 -1.25 -6.63
C LYS A 278 40.72 -0.97 -6.71
N PHE A 279 40.35 0.19 -7.24
CA PHE A 279 38.95 0.51 -7.43
C PHE A 279 38.23 -0.54 -8.28
N VAL A 280 38.79 -0.89 -9.43
CA VAL A 280 38.13 -1.89 -10.26
C VAL A 280 37.84 -3.15 -9.45
N SER A 281 38.75 -3.50 -8.54
CA SER A 281 38.54 -4.65 -7.70
C SER A 281 37.36 -4.40 -6.76
N ALA A 282 37.46 -3.33 -5.98
CA ALA A 282 36.36 -2.93 -5.11
C ALA A 282 35.06 -3.00 -5.90
N LEU A 283 35.02 -2.33 -7.04
CA LEU A 283 33.81 -2.26 -7.82
C LEU A 283 33.33 -3.64 -8.22
N VAL A 284 34.25 -4.48 -8.69
CA VAL A 284 33.85 -5.83 -9.12
C VAL A 284 33.22 -6.59 -7.96
N SER A 285 33.86 -6.56 -6.80
CA SER A 285 33.28 -7.21 -5.63
C SER A 285 31.88 -6.69 -5.36
N LYS A 286 31.71 -5.38 -5.48
CA LYS A 286 30.43 -4.74 -5.20
C LYS A 286 29.42 -5.17 -6.24
N PHE A 287 29.89 -5.30 -7.48
CA PHE A 287 29.04 -5.73 -8.58
C PHE A 287 28.56 -7.14 -8.32
N ALA A 288 29.42 -7.95 -7.71
CA ALA A 288 29.07 -9.34 -7.47
C ALA A 288 28.08 -9.44 -6.31
N ASP A 289 28.20 -8.53 -5.36
CA ASP A 289 27.34 -8.59 -4.19
C ASP A 289 26.20 -7.62 -4.34
N PHE A 290 25.36 -7.85 -5.34
CA PHE A 290 24.46 -6.82 -5.79
C PHE A 290 23.06 -6.89 -5.18
N THR A 291 22.76 -5.89 -4.36
CA THR A 291 21.55 -5.85 -3.56
C THR A 291 20.74 -4.60 -3.85
N ASP A 292 21.44 -3.48 -3.89
CA ASP A 292 20.81 -2.20 -4.08
C ASP A 292 20.85 -1.79 -5.54
N GLU A 293 19.70 -1.63 -6.16
CA GLU A 293 19.60 -1.24 -7.55
C GLU A 293 20.26 0.12 -7.82
N GLU A 294 19.94 1.10 -7.00
CA GLU A 294 20.51 2.42 -7.22
C GLU A 294 22.02 2.39 -7.08
N VAL A 295 22.52 1.63 -6.10
CA VAL A 295 23.96 1.53 -5.87
C VAL A 295 24.65 0.69 -6.94
N ASP A 296 23.94 -0.31 -7.46
CA ASP A 296 24.53 -1.13 -8.49
C ASP A 296 24.72 -0.33 -9.75
N THR A 297 23.78 0.58 -10.00
CA THR A 297 23.83 1.41 -11.19
C THR A 297 25.07 2.29 -11.13
N LYS A 298 25.27 2.97 -10.01
CA LYS A 298 26.44 3.81 -9.85
C LYS A 298 27.71 3.00 -10.00
N THR A 299 27.68 1.76 -9.51
CA THR A 299 28.82 0.85 -9.57
C THR A 299 29.15 0.42 -10.99
N CYS A 300 28.13 0.02 -11.74
CA CYS A 300 28.34 -0.40 -13.10
C CYS A 300 28.90 0.70 -13.96
N GLU A 301 28.51 1.94 -13.72
CA GLU A 301 29.03 2.96 -14.61
C GLU A 301 30.47 3.28 -14.24
N LEU A 302 30.78 3.26 -12.96
CA LEU A 302 32.17 3.38 -12.55
C LEU A 302 33.03 2.28 -13.17
N LEU A 303 32.53 1.06 -13.20
CA LEU A 303 33.23 0.01 -13.93
C LEU A 303 33.47 0.48 -15.35
N VAL A 304 32.39 0.63 -16.10
CA VAL A 304 32.50 1.09 -17.47
C VAL A 304 33.54 2.20 -17.60
N LEU A 305 33.47 3.21 -16.74
CA LEU A 305 34.45 4.31 -16.81
C LEU A 305 35.89 3.80 -16.75
N PHE A 306 36.27 3.11 -15.67
CA PHE A 306 37.61 2.53 -15.54
C PHE A 306 37.95 1.54 -16.66
N ALA A 307 37.06 0.59 -16.93
CA ALA A 307 37.33 -0.43 -17.94
C ALA A 307 37.64 0.25 -19.26
N VAL A 308 36.92 1.33 -19.53
CA VAL A 308 37.09 2.03 -20.80
C VAL A 308 38.31 2.95 -20.84
N HIS A 309 38.50 3.76 -19.79
CA HIS A 309 39.53 4.78 -19.80
C HIS A 309 40.86 4.37 -19.21
N ASN A 310 40.87 3.46 -18.24
CA ASN A 310 42.10 3.18 -17.53
C ASN A 310 42.69 1.80 -17.71
N LEU A 311 41.97 0.84 -18.28
CA LEU A 311 42.47 -0.53 -18.41
C LEU A 311 42.86 -0.91 -19.85
N ASN A 312 43.87 -1.78 -20.02
CA ASN A 312 44.22 -2.35 -21.33
C ASN A 312 43.21 -3.37 -21.78
N HIS A 313 43.38 -3.87 -22.98
CA HIS A 313 42.55 -4.95 -23.43
C HIS A 313 42.67 -6.15 -22.49
N SER A 314 43.88 -6.43 -22.00
CA SER A 314 44.08 -7.67 -21.27
C SER A 314 43.54 -7.57 -19.85
N GLN A 315 43.79 -6.46 -19.17
CA GLN A 315 43.27 -6.30 -17.81
C GLN A 315 41.74 -6.41 -17.84
N ARG A 316 41.14 -5.86 -18.89
CA ARG A 316 39.72 -5.93 -19.08
C ARG A 316 39.31 -7.38 -19.21
N GLU A 317 40.11 -8.16 -19.93
CA GLU A 317 39.75 -9.55 -20.15
C GLU A 317 39.89 -10.34 -18.87
N GLU A 318 40.80 -9.90 -17.99
CA GLU A 318 41.01 -10.55 -16.71
C GLU A 318 39.75 -10.49 -15.88
N ILE A 319 39.18 -9.30 -15.77
CA ILE A 319 37.94 -9.12 -15.05
C ILE A 319 36.89 -10.05 -15.62
N ALA A 320 36.82 -10.11 -16.94
CA ALA A 320 35.83 -10.95 -17.60
C ALA A 320 35.92 -12.41 -17.16
N HIS A 321 37.07 -12.79 -16.63
CA HIS A 321 37.28 -14.15 -16.16
C HIS A 321 37.29 -14.25 -14.66
N ASP A 322 37.10 -13.13 -13.99
CA ASP A 322 37.04 -13.13 -12.54
C ASP A 322 35.81 -13.92 -12.12
N GLU A 323 36.00 -14.85 -11.19
CA GLU A 323 34.87 -15.59 -10.66
C GLU A 323 33.86 -14.63 -10.07
N ARG A 324 34.38 -13.60 -9.40
CA ARG A 324 33.55 -12.54 -8.85
C ARG A 324 32.69 -11.94 -9.93
N PHE A 325 33.30 -11.47 -11.01
CA PHE A 325 32.54 -10.89 -12.09
C PHE A 325 31.54 -11.88 -12.67
N LEU A 326 32.01 -13.10 -12.95
CA LEU A 326 31.15 -14.12 -13.53
C LEU A 326 29.92 -14.41 -12.67
N ASN A 327 30.14 -14.50 -11.36
CA ASN A 327 29.05 -14.74 -10.45
C ASN A 327 28.12 -13.53 -10.37
N GLY A 328 28.70 -12.34 -10.25
CA GLY A 328 27.92 -11.11 -10.34
C GLY A 328 27.05 -11.03 -11.59
N VAL A 329 27.51 -11.59 -12.72
CA VAL A 329 26.68 -11.57 -13.92
C VAL A 329 25.47 -12.45 -13.68
N THR A 330 25.68 -13.60 -13.07
CA THR A 330 24.60 -14.53 -12.87
C THR A 330 23.53 -13.92 -12.00
N LYS A 331 23.95 -13.20 -10.96
CA LYS A 331 23.01 -12.59 -10.07
C LYS A 331 22.26 -11.45 -10.76
N HIS A 332 22.90 -10.77 -11.70
CA HIS A 332 22.20 -9.71 -12.41
C HIS A 332 21.14 -10.31 -13.31
N LEU A 333 21.42 -11.50 -13.85
CA LEU A 333 20.45 -12.16 -14.70
C LEU A 333 19.27 -12.61 -13.83
N GLY A 334 19.56 -12.93 -12.58
CA GLY A 334 18.53 -13.37 -11.64
C GLY A 334 17.66 -12.21 -11.19
N SER A 335 18.02 -11.02 -11.63
CA SER A 335 17.21 -9.87 -11.30
C SER A 335 15.90 -9.88 -12.08
N ASN A 336 14.90 -9.22 -11.51
CA ASN A 336 13.66 -9.03 -12.23
C ASN A 336 13.60 -7.62 -12.78
N GLU A 337 14.59 -6.82 -12.39
CA GLU A 337 14.80 -5.53 -12.99
C GLU A 337 15.46 -5.76 -14.34
N ARG A 338 14.70 -5.62 -15.41
CA ARG A 338 15.24 -5.82 -16.73
C ARG A 338 16.53 -5.00 -16.89
N GLU A 339 16.49 -3.77 -16.40
CA GLU A 339 17.63 -2.90 -16.49
C GLU A 339 18.90 -3.59 -15.98
N ALA A 340 18.83 -4.13 -14.77
CA ALA A 340 19.95 -4.82 -14.13
C ALA A 340 20.52 -5.94 -14.98
N ARG A 341 19.64 -6.73 -15.58
CA ARG A 341 20.07 -7.75 -16.51
C ARG A 341 20.93 -7.11 -17.60
N GLU A 342 20.36 -6.13 -18.30
CA GLU A 342 21.06 -5.45 -19.38
C GLU A 342 22.41 -4.88 -18.96
N ARG A 343 22.44 -4.15 -17.85
CA ARG A 343 23.69 -3.65 -17.31
C ARG A 343 24.77 -4.73 -17.33
N ALA A 344 24.47 -5.90 -16.80
CA ALA A 344 25.49 -6.94 -16.74
C ALA A 344 25.90 -7.35 -18.14
N MET A 345 24.96 -7.85 -18.90
CA MET A 345 25.24 -8.23 -20.29
C MET A 345 26.06 -7.18 -21.06
N PHE A 346 25.80 -5.92 -20.80
CA PHE A 346 26.56 -4.84 -21.47
C PHE A 346 28.02 -4.83 -21.03
N ILE A 347 28.24 -4.69 -19.73
CA ILE A 347 29.58 -4.76 -19.20
C ILE A 347 30.33 -6.01 -19.60
N ALA A 348 29.63 -7.12 -19.85
CA ALA A 348 30.29 -8.38 -20.14
C ALA A 348 30.77 -8.36 -21.59
N LYS A 349 29.94 -7.81 -22.46
CA LYS A 349 30.30 -7.60 -23.85
C LYS A 349 31.45 -6.61 -23.90
N LEU A 350 31.41 -5.62 -23.03
CA LEU A 350 32.43 -4.57 -23.01
C LEU A 350 33.80 -5.09 -22.59
N LEU A 351 33.84 -6.10 -21.75
CA LEU A 351 35.10 -6.51 -21.17
C LEU A 351 35.87 -7.50 -22.02
N SER A 352 35.14 -8.34 -22.76
CA SER A 352 35.78 -9.45 -23.45
C SER A 352 34.97 -9.77 -24.69
N GLY A 353 35.54 -10.58 -25.59
CA GLY A 353 34.80 -11.10 -26.75
C GLY A 353 34.09 -12.43 -26.48
N GLY A 354 34.45 -13.11 -25.39
CA GLY A 354 33.88 -14.41 -25.04
C GLY A 354 33.09 -14.32 -23.75
N HIS A 355 31.78 -14.08 -23.89
CA HIS A 355 30.97 -13.60 -22.78
C HIS A 355 29.63 -14.31 -22.64
N LEU A 356 29.00 -14.62 -23.77
CA LEU A 356 27.62 -15.09 -23.84
C LEU A 356 26.94 -14.14 -24.81
N LYS A 357 26.76 -14.58 -26.05
CA LYS A 357 26.22 -13.71 -27.08
C LYS A 357 24.90 -13.12 -26.58
N TYR A 358 24.62 -11.87 -26.94
CA TYR A 358 23.45 -11.24 -26.38
C TYR A 358 23.15 -9.93 -27.03
N GLU A 359 22.23 -9.95 -28.00
CA GLU A 359 21.92 -8.76 -28.75
C GLU A 359 21.00 -7.80 -28.02
N SER A 360 21.49 -6.60 -27.78
CA SER A 360 20.63 -5.50 -27.37
C SER A 360 21.32 -4.17 -27.62
N ASP A 361 20.55 -3.12 -27.85
CA ASP A 361 21.13 -1.82 -28.10
C ASP A 361 21.46 -1.13 -26.81
N PHE A 362 21.13 -1.77 -25.70
CA PHE A 362 21.35 -1.17 -24.41
C PHE A 362 22.81 -0.77 -24.27
N LYS A 363 23.07 0.41 -23.73
CA LYS A 363 24.43 0.72 -23.31
C LYS A 363 24.47 1.52 -22.01
N ILE A 364 25.66 1.70 -21.47
CA ILE A 364 25.85 2.63 -20.39
C ILE A 364 26.60 3.82 -20.97
N ASN A 365 26.08 5.02 -20.78
CA ASN A 365 26.62 6.14 -21.50
C ASN A 365 27.72 6.85 -20.75
N ILE A 366 28.93 6.35 -20.88
CA ILE A 366 30.08 7.09 -20.41
C ILE A 366 30.15 8.43 -21.19
N PRO A 367 30.42 9.53 -20.50
CA PRO A 367 30.63 10.81 -21.19
C PRO A 367 31.52 10.67 -22.42
N ASN A 368 32.82 10.87 -22.23
CA ASN A 368 33.76 10.91 -23.35
C ASN A 368 34.13 12.34 -23.75
N VAL A 369 35.02 12.95 -22.98
CA VAL A 369 35.33 14.34 -23.16
C VAL A 369 36.78 14.47 -23.59
N LYS A 370 37.07 15.35 -24.55
CA LYS A 370 38.40 15.37 -25.16
C LYS A 370 39.32 16.50 -24.71
N SER A 375 44.35 24.22 -23.40
CA SER A 375 44.74 23.42 -22.25
C SER A 375 46.25 23.23 -22.15
N ASP A 376 46.80 23.81 -21.09
CA ASP A 376 48.21 23.93 -20.89
C ASP A 376 48.52 23.86 -19.40
N ASP A 377 49.02 22.71 -18.99
CA ASP A 377 49.71 22.58 -17.72
C ASP A 377 49.70 23.89 -16.94
N LYS A 378 48.71 24.09 -16.09
CA LYS A 378 48.87 25.09 -15.06
C LYS A 378 48.52 26.52 -15.48
N ILE A 379 48.09 26.71 -16.71
CA ILE A 379 47.43 27.97 -17.04
C ILE A 379 45.93 27.74 -16.88
N ILE A 380 45.40 28.21 -15.75
CA ILE A 380 44.01 27.98 -15.38
C ILE A 380 43.16 29.23 -15.52
N ASP A 381 41.97 29.05 -16.07
CA ASP A 381 41.10 30.20 -16.32
C ASP A 381 40.10 30.32 -15.18
N PHE A 382 40.54 30.90 -14.08
CA PHE A 382 39.67 31.01 -12.92
C PHE A 382 38.36 31.70 -13.27
N GLN A 383 38.42 32.69 -14.17
CA GLN A 383 37.21 33.36 -14.61
C GLN A 383 36.09 32.40 -15.00
N SER A 384 36.45 31.24 -15.53
CA SER A 384 35.44 30.32 -16.00
C SER A 384 34.78 29.59 -14.84
N LEU A 385 35.51 29.45 -13.75
CA LEU A 385 34.94 28.86 -12.55
C LEU A 385 33.97 29.84 -11.92
N LYS A 386 34.16 31.13 -12.22
CA LYS A 386 33.36 32.16 -11.56
C LYS A 386 31.90 31.80 -11.67
N ARG A 387 31.19 32.14 -10.64
CA ARG A 387 29.81 31.80 -10.60
C ARG A 387 28.93 32.95 -11.00
N GLU A 388 28.05 32.67 -11.94
CA GLU A 388 27.03 33.62 -12.34
C GLU A 388 26.43 34.30 -11.11
N ILE A 389 26.56 35.62 -10.99
CA ILE A 389 26.18 36.34 -9.74
C ILE A 389 24.86 35.89 -9.10
N VAL A 390 23.80 35.88 -9.89
CA VAL A 390 22.47 35.47 -9.41
C VAL A 390 22.44 34.05 -8.85
N LYS A 391 23.29 33.17 -9.38
CA LYS A 391 23.28 31.78 -9.00
C LYS A 391 23.80 31.59 -7.58
N ARG A 392 24.41 32.61 -7.01
CA ARG A 392 24.93 32.44 -5.65
C ARG A 392 24.14 33.17 -4.58
N ILE A 393 23.01 33.77 -4.96
CA ILE A 393 22.02 34.22 -3.99
C ILE A 393 21.59 33.01 -3.17
N VAL A 394 21.71 33.09 -1.85
CA VAL A 394 21.34 31.97 -1.01
C VAL A 394 20.11 32.25 -0.16
N PHE A 395 19.92 33.51 0.23
CA PHE A 395 18.86 33.91 1.13
C PHE A 395 17.72 34.62 0.42
N LEU A 396 16.47 34.28 0.78
CA LEU A 396 15.32 34.96 0.18
C LEU A 396 15.47 36.45 0.38
N LYS A 397 15.97 36.81 1.55
CA LYS A 397 16.28 38.21 1.86
C LYS A 397 16.88 38.89 0.64
N ASP A 398 17.85 38.26 0.01
CA ASP A 398 18.57 38.84 -1.14
C ASP A 398 17.83 38.73 -2.48
N LEU A 399 17.06 37.67 -2.68
CA LEU A 399 16.21 37.61 -3.84
C LEU A 399 15.38 38.86 -3.90
N MET A 400 14.73 39.19 -2.79
CA MET A 400 13.78 40.28 -2.78
C MET A 400 14.48 41.58 -3.10
N LYS A 401 15.73 41.70 -2.69
CA LYS A 401 16.44 42.93 -2.94
C LYS A 401 16.67 43.07 -4.44
N GLU A 402 16.82 41.95 -5.13
CA GLU A 402 16.99 41.96 -6.58
C GLU A 402 15.72 42.40 -7.27
N TYR A 403 14.60 41.80 -6.89
CA TYR A 403 13.32 42.16 -7.48
C TYR A 403 13.03 43.65 -7.32
N GLU A 404 13.66 44.30 -6.35
CA GLU A 404 13.42 45.71 -6.12
C GLU A 404 14.34 46.57 -6.96
N LYS A 405 15.07 45.94 -7.88
CA LYS A 405 15.90 46.66 -8.83
C LYS A 405 15.33 46.50 -10.23
N SER A 409 17.12 51.24 -11.73
CA SER A 409 18.05 50.87 -12.78
C SER A 409 18.43 49.39 -12.70
N ARG A 410 17.44 48.52 -12.90
CA ARG A 410 17.66 47.07 -13.00
C ARG A 410 18.63 46.73 -14.14
N LYS A 411 19.56 45.82 -13.88
CA LYS A 411 20.59 45.45 -14.87
C LYS A 411 20.07 44.52 -15.98
N ALA A 412 20.51 43.26 -16.00
CA ALA A 412 20.19 42.34 -17.09
C ALA A 412 19.08 41.29 -16.79
N PRO A 413 19.07 40.18 -17.55
CA PRO A 413 17.94 39.26 -17.76
C PRO A 413 17.19 38.84 -16.48
N LEU A 414 15.92 38.50 -16.63
CA LEU A 414 15.07 38.12 -15.51
C LEU A 414 14.87 36.62 -15.37
N ILE A 415 15.04 35.88 -16.46
CA ILE A 415 14.77 34.45 -16.37
C ILE A 415 15.71 33.77 -15.37
N PRO A 416 17.00 34.16 -15.37
CA PRO A 416 17.91 33.67 -14.33
C PRO A 416 17.34 33.88 -12.92
N LEU A 417 16.83 35.07 -12.65
CA LEU A 417 16.26 35.38 -11.34
C LEU A 417 15.03 34.51 -11.03
N LEU A 418 14.17 34.32 -12.01
CA LEU A 418 13.00 33.51 -11.79
C LEU A 418 13.42 32.07 -11.54
N LYS A 419 14.35 31.59 -12.37
CA LYS A 419 14.92 30.26 -12.20
C LYS A 419 15.48 30.10 -10.79
N GLN A 420 16.24 31.09 -10.34
CA GLN A 420 16.81 31.05 -9.01
C GLN A 420 15.73 31.09 -7.91
N THR A 421 14.64 31.81 -8.17
CA THR A 421 13.57 31.88 -7.18
C THR A 421 12.92 30.53 -7.01
N VAL A 422 12.77 29.80 -8.11
CA VAL A 422 12.20 28.48 -7.99
C VAL A 422 13.15 27.63 -7.16
N LYS A 423 14.41 27.64 -7.53
CA LYS A 423 15.39 26.80 -6.88
C LYS A 423 15.34 26.98 -5.38
N LEU A 424 15.53 28.22 -4.94
CA LEU A 424 15.57 28.54 -3.52
C LEU A 424 14.26 28.26 -2.81
N ILE A 425 13.16 28.80 -3.31
CA ILE A 425 11.91 28.59 -2.60
C ILE A 425 11.56 27.12 -2.45
N ARG A 426 11.84 26.30 -3.45
CA ARG A 426 11.46 24.91 -3.38
C ARG A 426 12.39 24.13 -2.49
N GLN A 427 13.67 24.48 -2.52
CA GLN A 427 14.65 23.79 -1.71
C GLN A 427 14.67 24.40 -0.32
N LYS A 428 13.94 23.81 0.61
CA LYS A 428 13.85 24.39 1.94
C LYS A 428 12.66 25.36 1.89
N ALA A 429 13.03 26.61 1.62
CA ALA A 429 12.15 27.79 1.64
C ALA A 429 12.90 28.97 2.27
N PHE A 431 13.07 27.58 5.92
CA PHE A 431 11.61 27.55 6.04
C PHE A 431 11.14 27.92 7.47
N GLN A 432 9.82 28.09 7.61
CA GLN A 432 9.17 28.55 8.85
C GLN A 432 9.89 29.65 9.66
N LEU A 433 10.99 30.19 9.15
CA LEU A 433 11.71 31.27 9.87
C LEU A 433 10.97 32.61 9.78
N GLU A 434 11.58 33.57 9.09
CA GLU A 434 10.89 34.80 8.72
C GLU A 434 10.63 34.70 7.23
N VAL A 435 10.38 33.48 6.78
CA VAL A 435 10.27 33.19 5.35
C VAL A 435 8.99 33.73 4.73
N GLY A 436 7.89 33.69 5.46
CA GLY A 436 6.60 34.14 4.96
C GLY A 436 6.67 35.56 4.43
N TYR A 437 7.40 36.42 5.12
CA TYR A 437 7.48 37.82 4.78
C TYR A 437 8.11 38.07 3.44
N TYR A 438 9.29 37.49 3.24
CA TYR A 438 10.03 37.65 1.98
C TYR A 438 9.32 37.00 0.81
N ALA A 439 8.81 35.78 1.02
CA ALA A 439 8.13 35.07 -0.04
C ALA A 439 7.01 35.95 -0.57
N GLN A 440 6.31 36.59 0.36
CA GLN A 440 5.18 37.43 0.01
C GLN A 440 5.56 38.59 -0.90
N GLY A 441 6.59 39.32 -0.52
CA GLY A 441 7.13 40.38 -1.37
C GLY A 441 7.53 39.80 -2.70
N ILE A 442 8.38 38.79 -2.69
CA ILE A 442 8.83 38.17 -3.92
C ILE A 442 7.66 37.85 -4.84
N LEU A 443 6.60 37.23 -4.29
CA LEU A 443 5.46 36.84 -5.12
C LEU A 443 4.82 38.08 -5.72
N SER A 444 4.51 39.04 -4.85
CA SER A 444 3.99 40.31 -5.29
C SER A 444 4.81 40.85 -6.45
N SER A 445 6.12 40.96 -6.26
CA SER A 445 7.00 41.45 -7.30
C SER A 445 6.85 40.66 -8.58
N ILE A 446 6.91 39.34 -8.46
CA ILE A 446 6.88 38.48 -9.64
C ILE A 446 5.61 38.64 -10.46
N VAL A 447 4.48 38.81 -9.77
CA VAL A 447 3.21 39.01 -10.47
C VAL A 447 3.27 40.23 -11.38
N CYS A 448 3.91 41.30 -10.91
CA CYS A 448 3.93 42.58 -11.62
C CYS A 448 4.98 42.68 -12.70
N LEU A 449 5.90 41.72 -12.73
CA LEU A 449 6.95 41.75 -13.73
C LEU A 449 6.40 41.88 -15.14
N ASN A 450 7.05 42.71 -15.95
CA ASN A 450 6.83 42.68 -17.39
C ASN A 450 8.08 42.15 -18.06
N ASN A 451 7.91 41.52 -19.21
CA ASN A 451 9.07 41.04 -19.94
C ASN A 451 9.83 42.21 -20.58
N GLU A 452 10.78 42.78 -19.84
CA GLU A 452 11.45 44.03 -20.22
C GLU A 452 12.46 43.88 -21.34
N PHE A 453 13.02 42.69 -21.48
CA PHE A 453 14.02 42.42 -22.48
C PHE A 453 13.51 41.24 -23.28
N ASP A 454 12.18 41.16 -23.35
CA ASP A 454 11.48 39.97 -23.80
C ASP A 454 12.47 38.86 -24.12
N GLU A 455 12.64 37.97 -23.14
CA GLU A 455 13.42 36.76 -23.30
C GLU A 455 12.44 35.65 -23.62
N PRO A 456 12.88 34.67 -24.42
CA PRO A 456 11.99 33.56 -24.72
C PRO A 456 11.66 32.87 -23.42
N LEU A 457 10.51 32.20 -23.35
CA LEU A 457 10.17 31.34 -22.21
C LEU A 457 9.93 32.08 -20.91
N PHE A 458 9.99 33.41 -20.94
CA PHE A 458 9.50 34.19 -19.81
C PHE A 458 8.09 33.66 -19.58
N GLU A 459 7.36 34.17 -18.60
CA GLU A 459 5.98 33.70 -18.46
C GLU A 459 5.92 32.26 -17.98
N GLN A 460 6.60 31.36 -18.66
CA GLN A 460 6.72 30.02 -18.12
C GLN A 460 7.44 30.08 -16.79
N TRP A 461 8.57 30.76 -16.80
CA TRP A 461 9.32 30.89 -15.59
C TRP A 461 8.57 31.75 -14.59
N ARG A 462 7.88 32.78 -15.06
CA ARG A 462 7.03 33.53 -14.15
C ARG A 462 6.01 32.59 -13.49
N ILE A 463 5.39 31.75 -14.30
CA ILE A 463 4.39 30.85 -13.76
C ILE A 463 5.06 29.87 -12.80
N ASN A 464 6.25 29.40 -13.15
CA ASN A 464 7.00 28.50 -12.28
C ASN A 464 7.30 29.12 -10.93
N ALA A 465 7.82 30.34 -10.96
CA ALA A 465 8.14 31.03 -9.74
C ALA A 465 6.88 31.15 -8.89
N LEU A 466 5.79 31.61 -9.49
CA LEU A 466 4.56 31.79 -8.76
C LEU A 466 4.04 30.46 -8.20
N THR A 467 4.01 29.44 -9.05
CA THR A 467 3.47 28.16 -8.64
C THR A 467 4.26 27.64 -7.44
N SER A 468 5.59 27.77 -7.52
CA SER A 468 6.42 27.19 -6.49
C SER A 468 6.25 27.94 -5.19
N ILE A 469 6.10 29.26 -5.24
CA ILE A 469 5.81 29.96 -4.00
C ILE A 469 4.48 29.48 -3.44
N LEU A 470 3.50 29.30 -4.31
CA LEU A 470 2.17 28.86 -3.87
C LEU A 470 2.16 27.43 -3.31
N VAL A 471 3.03 26.59 -3.84
CA VAL A 471 3.08 25.21 -3.40
C VAL A 471 3.80 25.08 -2.06
N VAL A 472 4.91 25.80 -1.93
CA VAL A 472 5.70 25.74 -0.72
C VAL A 472 5.00 26.48 0.42
N LEU A 473 4.28 27.52 0.08
CA LEU A 473 3.63 28.36 1.11
C LEU A 473 2.17 28.62 0.78
N PRO A 474 1.35 27.56 0.74
CA PRO A 474 -0.01 27.65 0.20
C PRO A 474 -0.77 28.87 0.67
N GLU A 475 -0.59 29.28 1.89
CA GLU A 475 -1.49 30.32 2.32
C GLU A 475 -1.02 31.68 1.86
N LYS A 476 0.09 31.70 1.14
CA LYS A 476 0.48 32.90 0.44
C LYS A 476 -0.50 33.12 -0.73
N VAL A 477 -1.52 32.27 -0.83
CA VAL A 477 -2.53 32.41 -1.89
C VAL A 477 -3.45 33.55 -1.56
N ASN A 478 -3.54 33.87 -0.28
CA ASN A 478 -4.44 34.91 0.16
C ASN A 478 -4.08 36.24 -0.49
N GLY A 479 -2.81 36.59 -0.39
CA GLY A 479 -2.33 37.83 -0.97
C GLY A 479 -2.27 37.75 -2.48
N ALA A 480 -2.04 36.57 -3.01
CA ALA A 480 -1.91 36.41 -4.46
C ALA A 480 -3.27 36.67 -5.11
N ILE A 481 -4.29 36.00 -4.59
CA ILE A 481 -5.65 36.21 -5.07
C ILE A 481 -6.14 37.65 -4.86
N ASN A 482 -5.58 38.35 -3.88
CA ASN A 482 -5.95 39.75 -3.68
C ASN A 482 -5.29 40.65 -4.68
N ILE A 483 -4.13 40.23 -5.16
CA ILE A 483 -3.42 40.99 -6.16
C ILE A 483 -4.13 40.80 -7.50
N LEU A 484 -4.73 39.62 -7.70
CA LEU A 484 -5.44 39.35 -8.94
C LEU A 484 -6.63 40.29 -9.05
N PHE A 485 -7.31 40.52 -7.92
CA PHE A 485 -8.29 41.59 -7.87
C PHE A 485 -7.61 42.95 -7.63
N ASN A 486 -7.93 43.59 -6.50
CA ASN A 486 -7.33 44.89 -6.13
C ASN A 486 -6.30 45.56 -7.05
N SER A 487 -5.06 45.07 -7.06
CA SER A 487 -4.02 45.77 -7.83
C SER A 487 -4.25 45.66 -9.34
N GLU A 488 -3.71 46.62 -10.08
CA GLU A 488 -3.99 46.77 -11.51
C GLU A 488 -2.91 46.17 -12.38
N LEU A 489 -3.14 44.96 -12.86
CA LEU A 489 -2.18 44.30 -13.72
C LEU A 489 -2.71 44.11 -15.13
N SER A 490 -1.82 43.77 -16.05
CA SER A 490 -2.20 43.51 -17.43
C SER A 490 -2.90 42.16 -17.57
N LEU A 491 -3.83 42.07 -18.52
CA LEU A 491 -4.41 40.79 -18.89
C LEU A 491 -3.42 39.65 -18.71
N GLN A 492 -2.28 39.74 -19.39
CA GLN A 492 -1.25 38.70 -19.33
C GLN A 492 -0.83 38.42 -17.89
N GLN A 493 -0.33 39.46 -17.23
CA GLN A 493 -0.12 39.41 -15.79
C GLN A 493 -1.21 38.57 -15.08
N ARG A 494 -2.47 38.93 -15.30
CA ARG A 494 -3.60 38.20 -14.72
C ARG A 494 -3.67 36.76 -15.22
N MET A 495 -3.56 36.59 -16.53
CA MET A 495 -3.68 35.26 -17.13
C MET A 495 -2.71 34.28 -16.50
N SER A 496 -1.43 34.65 -16.41
CA SER A 496 -0.44 33.71 -15.86
C SER A 496 -0.56 33.53 -14.36
N LEU A 497 -1.01 34.55 -13.64
CA LEU A 497 -1.28 34.40 -12.21
C LEU A 497 -2.37 33.35 -12.06
N LEU A 498 -3.44 33.53 -12.84
CA LEU A 498 -4.55 32.59 -12.82
C LEU A 498 -4.00 31.20 -13.12
N SER A 499 -3.07 31.12 -14.07
CA SER A 499 -2.41 29.86 -14.40
C SER A 499 -1.64 29.24 -13.22
N ALA A 500 -0.93 30.07 -12.47
CA ALA A 500 -0.15 29.59 -11.33
C ALA A 500 -1.09 28.99 -10.27
N LEU A 501 -2.18 29.71 -10.01
CA LEU A 501 -3.19 29.25 -9.07
C LEU A 501 -3.62 27.83 -9.41
N GLY A 502 -4.02 27.60 -10.66
CA GLY A 502 -4.45 26.28 -11.05
C GLY A 502 -3.35 25.25 -10.94
N LEU A 503 -2.16 25.62 -11.40
CA LEU A 503 -1.03 24.70 -11.42
C LEU A 503 -0.68 24.28 -10.02
N SER A 504 -0.59 25.25 -9.11
CA SER A 504 -0.25 24.95 -7.74
C SER A 504 -1.34 24.10 -7.07
N ALA A 505 -2.61 24.41 -7.35
CA ALA A 505 -3.69 23.61 -6.79
C ALA A 505 -3.49 22.14 -7.17
N ARG A 506 -3.11 21.90 -8.40
CA ARG A 506 -2.99 20.53 -8.84
C ARG A 506 -1.82 19.85 -8.17
N GLU A 507 -0.72 20.58 -7.99
CA GLU A 507 0.46 20.03 -7.35
C GLU A 507 0.15 19.68 -5.90
N LEU A 508 -0.43 20.64 -5.20
CA LEU A 508 -0.83 20.41 -3.85
C LEU A 508 -1.77 19.22 -3.75
N ARG A 509 -2.71 19.06 -4.68
CA ARG A 509 -3.59 17.87 -4.59
C ARG A 509 -2.80 16.58 -4.88
N GLY A 510 -1.63 16.77 -5.47
CA GLY A 510 -0.72 15.68 -5.79
C GLY A 510 -1.41 14.44 -6.29
N LEU A 511 -2.08 14.55 -7.43
CA LEU A 511 -2.71 13.40 -8.05
C LEU A 511 -2.05 13.23 -9.39
N ASP A 512 -1.31 14.27 -9.77
CA ASP A 512 -0.73 14.43 -11.09
C ASP A 512 0.47 15.38 -10.96
N THR A 570 2.28 11.63 -3.65
CA THR A 570 0.88 11.68 -3.24
C THR A 570 0.69 12.54 -1.97
N GLN A 571 -0.53 12.63 -1.47
CA GLN A 571 -0.77 13.44 -0.30
C GLN A 571 -1.55 14.65 -0.67
N ASN A 572 -2.86 14.59 -0.42
CA ASN A 572 -3.70 15.70 -0.70
C ASN A 572 -3.27 16.86 0.18
N ARG A 573 -2.14 17.45 -0.16
CA ARG A 573 -1.64 18.61 0.56
C ARG A 573 -2.54 19.81 0.29
N PHE A 574 -3.59 19.61 -0.49
CA PHE A 574 -4.43 20.72 -0.94
C PHE A 574 -5.70 20.88 -0.13
N ARG A 575 -6.24 19.77 0.37
CA ARG A 575 -7.49 19.80 1.12
C ARG A 575 -7.46 20.87 2.18
N LYS A 576 -6.34 20.96 2.88
CA LYS A 576 -6.18 21.90 3.96
C LYS A 576 -6.31 23.35 3.50
N TYR A 577 -6.18 23.60 2.22
CA TYR A 577 -6.22 24.99 1.73
C TYR A 577 -7.30 25.21 0.67
N ALA A 578 -8.02 24.16 0.31
CA ALA A 578 -9.00 24.22 -0.77
C ALA A 578 -9.80 25.51 -0.76
N GLY A 579 -10.44 25.81 0.38
CA GLY A 579 -11.32 26.97 0.45
C GLY A 579 -10.61 28.30 0.29
N LEU A 580 -9.32 28.32 0.56
CA LEU A 580 -8.55 29.54 0.39
C LEU A 580 -8.38 29.84 -1.09
N PHE A 581 -8.29 28.79 -1.89
CA PHE A 581 -8.23 28.98 -3.33
C PHE A 581 -9.63 29.20 -3.89
N PHE A 582 -10.59 28.43 -3.38
CA PHE A 582 -11.84 28.30 -4.10
C PHE A 582 -12.83 29.43 -3.90
N TYR A 583 -12.91 29.99 -2.70
CA TYR A 583 -14.00 30.92 -2.41
C TYR A 583 -13.77 32.31 -2.96
N PRO A 584 -12.55 32.83 -2.77
CA PRO A 584 -12.30 34.17 -3.29
C PRO A 584 -12.52 34.20 -4.80
N LEU A 585 -12.17 33.10 -5.47
CA LEU A 585 -12.33 33.03 -6.92
C LEU A 585 -13.79 32.87 -7.30
N ALA A 586 -14.53 32.06 -6.54
CA ALA A 586 -15.94 31.80 -6.82
C ALA A 586 -16.75 33.05 -6.66
N HIS A 587 -16.47 33.79 -5.59
CA HIS A 587 -17.19 35.04 -5.38
C HIS A 587 -16.74 36.04 -6.43
N GLY A 588 -15.44 36.15 -6.62
CA GLY A 588 -14.90 36.95 -7.72
C GLY A 588 -15.79 36.82 -8.94
N TRP A 589 -16.06 35.57 -9.33
CA TRP A 589 -16.92 35.32 -10.48
C TRP A 589 -18.33 35.86 -10.26
N LEU A 590 -19.02 35.30 -9.27
CA LEU A 590 -20.43 35.61 -9.08
C LEU A 590 -20.68 37.09 -8.91
N ASN A 591 -19.93 37.75 -8.04
CA ASN A 591 -20.26 39.13 -7.72
C ASN A 591 -19.65 40.17 -8.67
N GLY A 592 -18.65 39.78 -9.43
CA GLY A 592 -18.05 40.69 -10.40
C GLY A 592 -18.13 40.18 -11.82
N ILE A 593 -17.54 39.02 -12.04
CA ILE A 593 -17.38 38.42 -13.37
C ILE A 593 -16.27 39.12 -14.15
N GLN A 600 -13.67 37.00 -23.18
CA GLN A 600 -13.88 35.58 -23.42
C GLN A 600 -12.62 34.87 -23.05
N LEU A 601 -11.53 35.27 -23.69
CA LEU A 601 -10.27 34.61 -23.47
C LEU A 601 -10.05 34.52 -21.96
N PHE A 602 -10.24 35.65 -21.30
CA PHE A 602 -10.02 35.76 -19.85
C PHE A 602 -11.06 35.03 -19.03
N LYS A 603 -12.32 35.46 -19.11
CA LYS A 603 -13.35 34.76 -18.38
C LYS A 603 -13.25 33.25 -18.54
N SER A 604 -12.97 32.79 -19.75
CA SER A 604 -12.92 31.36 -20.04
C SER A 604 -11.77 30.70 -19.27
N HIS A 605 -10.67 31.41 -19.14
CA HIS A 605 -9.52 30.94 -18.40
C HIS A 605 -9.87 30.91 -16.93
N TYR A 606 -10.24 32.07 -16.41
CA TYR A 606 -10.76 32.16 -15.07
C TYR A 606 -11.67 30.96 -14.77
N LEU A 607 -12.70 30.79 -15.59
CA LEU A 607 -13.64 29.70 -15.32
C LEU A 607 -12.91 28.37 -15.26
N THR A 608 -12.05 28.12 -16.24
CA THR A 608 -11.34 26.85 -16.30
C THR A 608 -10.45 26.64 -15.10
N THR A 609 -9.78 27.70 -14.65
CA THR A 609 -8.88 27.48 -13.54
C THR A 609 -9.70 27.30 -12.26
N LEU A 610 -10.85 27.99 -12.20
CA LEU A 610 -11.77 27.77 -11.10
C LEU A 610 -12.26 26.33 -11.12
N ARG A 611 -12.49 25.77 -12.30
CA ARG A 611 -12.94 24.38 -12.40
C ARG A 611 -11.86 23.46 -11.85
N ILE A 612 -10.62 23.68 -12.26
CA ILE A 612 -9.48 22.93 -11.75
C ILE A 612 -9.45 22.98 -10.24
N ILE A 613 -9.45 24.19 -9.69
CA ILE A 613 -9.45 24.33 -8.23
C ILE A 613 -10.61 23.58 -7.57
N TYR A 614 -11.78 23.64 -8.19
CA TYR A 614 -12.95 22.95 -7.66
C TYR A 614 -12.73 21.45 -7.62
N SER A 615 -12.20 20.87 -8.69
CA SER A 615 -11.95 19.44 -8.68
C SER A 615 -10.86 19.10 -7.69
N CYS A 616 -9.86 19.97 -7.60
CA CYS A 616 -8.73 19.69 -6.75
C CYS A 616 -9.18 19.66 -5.32
N ALA A 617 -10.28 20.35 -5.04
CA ALA A 617 -10.81 20.35 -3.71
C ALA A 617 -11.77 19.19 -3.52
N ASN A 618 -11.57 18.05 -4.17
CA ASN A 618 -12.68 17.10 -4.19
C ASN A 618 -13.03 16.33 -2.94
N PRO A 619 -12.06 16.18 -2.03
CA PRO A 619 -12.67 15.78 -0.77
C PRO A 619 -13.07 16.94 0.16
N VAL A 620 -12.19 17.89 0.43
CA VAL A 620 -12.47 18.92 1.46
C VAL A 620 -13.42 18.50 2.62
N HIS A 621 -14.71 18.85 2.50
CA HIS A 621 -15.65 18.63 3.62
C HIS A 621 -16.78 19.63 3.61
N ASP A 622 -16.49 20.82 3.10
CA ASP A 622 -17.53 21.77 2.74
C ASP A 622 -17.60 21.79 1.22
N PHE A 623 -17.26 20.66 0.63
CA PHE A 623 -17.32 20.49 -0.81
C PHE A 623 -18.76 20.68 -1.31
N GLU A 624 -19.73 20.28 -0.48
CA GLU A 624 -21.14 20.48 -0.78
C GLU A 624 -21.38 21.95 -1.05
N SER A 625 -20.97 22.80 -0.11
CA SER A 625 -21.11 24.25 -0.26
C SER A 625 -20.45 24.69 -1.53
N MET A 626 -19.23 24.21 -1.76
CA MET A 626 -18.51 24.55 -2.97
C MET A 626 -19.33 24.17 -4.20
N THR A 627 -19.94 23.00 -4.17
CA THR A 627 -20.72 22.54 -5.30
C THR A 627 -21.90 23.46 -5.56
N GLU A 628 -22.58 23.89 -4.48
CA GLU A 628 -23.70 24.82 -4.64
C GLU A 628 -23.20 26.06 -5.36
N LEU A 629 -22.24 26.77 -4.78
CA LEU A 629 -21.69 27.93 -5.43
C LEU A 629 -21.38 27.61 -6.87
N MET A 630 -20.91 26.40 -7.11
CA MET A 630 -20.32 26.09 -8.39
C MET A 630 -21.34 26.04 -9.52
N ASN A 631 -22.50 25.44 -9.30
CA ASN A 631 -23.46 25.43 -10.41
C ASN A 631 -24.19 26.72 -10.63
N HIS A 632 -24.07 27.65 -9.69
CA HIS A 632 -24.48 29.00 -9.99
C HIS A 632 -23.48 29.53 -10.98
N ILE A 633 -22.21 29.41 -10.63
CA ILE A 633 -21.15 29.80 -11.54
C ILE A 633 -21.26 29.12 -12.90
N ILE A 634 -21.47 27.81 -12.92
CA ILE A 634 -21.54 27.12 -14.20
C ILE A 634 -22.72 27.63 -15.03
N SER A 635 -23.90 27.56 -14.44
CA SER A 635 -25.10 28.09 -15.04
C SER A 635 -24.89 29.55 -15.48
N SER A 636 -24.24 30.34 -14.64
CA SER A 636 -23.93 31.72 -15.01
C SER A 636 -23.08 31.75 -16.26
N ALA A 637 -22.11 30.85 -16.35
CA ALA A 637 -21.19 30.83 -17.48
C ALA A 637 -21.96 30.53 -18.75
N ILE A 638 -22.87 29.56 -18.68
CA ILE A 638 -23.65 29.15 -19.84
C ILE A 638 -24.35 30.34 -20.50
N GLU A 639 -25.29 30.95 -19.79
CA GLU A 639 -25.91 32.18 -20.28
C GLU A 639 -24.82 33.06 -20.86
N GLU A 640 -24.12 33.76 -19.99
CA GLU A 640 -22.95 34.54 -20.39
C GLU A 640 -22.29 34.07 -21.70
N GLY A 641 -22.30 32.76 -21.95
CA GLY A 641 -21.73 32.21 -23.18
C GLY A 641 -20.24 31.93 -23.14
N ILE A 642 -19.68 31.89 -21.93
CA ILE A 642 -18.29 31.54 -21.72
C ILE A 642 -18.10 30.04 -21.78
N SER A 643 -16.87 29.62 -22.04
CA SER A 643 -16.58 28.21 -22.28
C SER A 643 -15.51 27.67 -21.34
N LEU A 644 -15.61 26.38 -21.02
CA LEU A 644 -14.60 25.67 -20.24
C LEU A 644 -13.49 25.23 -21.17
N ASN A 645 -12.26 25.22 -20.67
CA ASN A 645 -11.14 24.98 -21.55
C ASN A 645 -10.48 23.63 -21.38
N LYS A 646 -11.23 22.62 -20.97
CA LYS A 646 -10.69 21.27 -20.96
C LYS A 646 -9.27 21.28 -20.42
N GLY A 647 -8.99 22.21 -19.52
CA GLY A 647 -7.67 22.28 -18.88
C GLY A 647 -7.48 21.13 -17.90
N MET B 1 -13.49 -74.61 -31.69
CA MET B 1 -14.37 -74.59 -32.88
C MET B 1 -15.41 -73.48 -32.81
N VAL B 2 -15.99 -73.29 -31.63
CA VAL B 2 -17.04 -72.31 -31.46
C VAL B 2 -16.60 -70.96 -32.02
N LEU B 3 -15.33 -70.64 -31.83
CA LEU B 3 -14.77 -69.37 -32.26
C LEU B 3 -14.89 -69.19 -33.77
N GLU B 4 -15.03 -70.29 -34.49
CA GLU B 4 -15.22 -70.22 -35.93
C GLU B 4 -16.68 -69.91 -36.26
N THR B 5 -17.60 -70.44 -35.45
CA THR B 5 -19.04 -70.36 -35.71
C THR B 5 -19.59 -68.95 -35.56
N LEU B 6 -19.17 -68.27 -34.50
CA LEU B 6 -19.71 -66.97 -34.17
C LEU B 6 -19.40 -65.92 -35.23
N LYS B 7 -18.34 -66.15 -35.99
CA LYS B 7 -17.90 -65.19 -37.00
C LYS B 7 -18.94 -64.99 -38.09
N GLN B 8 -19.86 -65.95 -38.22
CA GLN B 8 -20.83 -65.93 -39.30
C GLN B 8 -22.22 -65.43 -38.88
N GLY B 9 -22.58 -65.66 -37.62
CA GLY B 9 -23.90 -65.23 -37.13
C GLY B 9 -24.27 -65.90 -35.82
N LEU B 10 -25.48 -65.63 -35.34
CA LEU B 10 -25.90 -66.18 -34.06
C LEU B 10 -27.19 -65.59 -33.49
N ASP B 11 -28.17 -66.45 -33.26
CA ASP B 11 -29.32 -66.11 -32.44
C ASP B 11 -28.81 -65.74 -31.03
N SER B 12 -29.37 -64.71 -30.41
CA SER B 12 -28.87 -64.25 -29.11
C SER B 12 -28.86 -65.36 -28.06
N SER B 13 -29.67 -66.40 -28.27
CA SER B 13 -29.71 -67.55 -27.37
C SER B 13 -28.87 -68.70 -27.94
N GLN B 14 -28.33 -68.47 -29.14
CA GLN B 14 -27.39 -69.38 -29.77
C GLN B 14 -25.98 -68.92 -29.40
N ILE B 15 -25.83 -67.62 -29.23
CA ILE B 15 -24.59 -67.05 -28.73
C ILE B 15 -24.36 -67.53 -27.31
N HIS B 16 -25.46 -67.59 -26.55
CA HIS B 16 -25.40 -68.10 -25.19
C HIS B 16 -25.01 -69.58 -25.18
N GLU B 17 -25.54 -70.33 -26.13
CA GLU B 17 -25.25 -71.76 -26.23
C GLU B 17 -23.77 -71.98 -26.56
N ALA B 18 -23.25 -71.20 -27.51
CA ALA B 18 -21.84 -71.30 -27.88
C ALA B 18 -20.94 -71.02 -26.69
N LEU B 19 -21.28 -70.00 -25.91
CA LEU B 19 -20.52 -69.63 -24.72
C LEU B 19 -20.49 -70.75 -23.68
N ILE B 20 -21.66 -71.30 -23.38
CA ILE B 20 -21.77 -72.41 -22.46
C ILE B 20 -20.88 -73.58 -22.91
N GLN B 21 -20.86 -73.80 -24.22
CA GLN B 21 -20.03 -74.85 -24.80
C GLN B 21 -18.55 -74.52 -24.67
N LEU B 22 -18.22 -73.23 -24.74
CA LEU B 22 -16.83 -72.81 -24.65
C LEU B 22 -16.25 -73.12 -23.28
N ASP B 23 -17.07 -72.92 -22.25
CA ASP B 23 -16.63 -73.06 -20.87
C ASP B 23 -16.43 -74.52 -20.41
N SER B 24 -17.18 -75.44 -20.99
CA SER B 24 -17.01 -76.84 -20.65
C SER B 24 -15.62 -77.32 -21.09
N TYR B 25 -15.00 -76.56 -21.99
CA TYR B 25 -13.65 -76.87 -22.46
C TYR B 25 -12.63 -76.47 -21.40
N PRO B 26 -11.40 -76.97 -21.53
CA PRO B 26 -10.31 -76.51 -20.67
C PRO B 26 -10.15 -75.02 -20.85
N ARG B 27 -9.93 -74.30 -19.76
CA ARG B 27 -9.89 -72.84 -19.81
C ARG B 27 -8.99 -72.25 -20.89
N GLU B 28 -7.70 -72.55 -20.82
CA GLU B 28 -6.71 -71.77 -21.57
C GLU B 28 -6.95 -70.29 -21.23
N PRO B 29 -6.59 -69.41 -22.14
CA PRO B 29 -7.30 -68.19 -21.94
C PRO B 29 -7.29 -67.51 -23.27
N VAL B 30 -8.01 -66.42 -23.42
CA VAL B 30 -8.25 -65.85 -24.73
C VAL B 30 -7.02 -65.24 -25.41
N ASP B 31 -6.63 -65.78 -26.57
CA ASP B 31 -5.55 -65.20 -27.37
C ASP B 31 -6.06 -63.89 -27.96
N LEU B 32 -5.17 -63.11 -28.55
CA LEU B 32 -5.55 -61.83 -29.16
C LEU B 32 -6.60 -62.02 -30.25
N ASP B 33 -6.44 -63.08 -31.04
CA ASP B 33 -7.36 -63.36 -32.14
C ASP B 33 -8.77 -63.70 -31.68
N ALA B 34 -8.85 -64.56 -30.68
CA ALA B 34 -10.14 -65.01 -30.16
C ALA B 34 -10.92 -63.87 -29.51
N SER B 35 -10.20 -63.01 -28.78
CA SER B 35 -10.83 -61.87 -28.14
C SER B 35 -11.39 -60.93 -29.20
N MET B 36 -10.62 -60.73 -30.27
CA MET B 36 -11.05 -59.87 -31.35
C MET B 36 -12.37 -60.38 -31.92
N VAL B 37 -12.49 -61.70 -32.02
CA VAL B 37 -13.72 -62.34 -32.50
C VAL B 37 -14.85 -62.12 -31.48
N LEU B 38 -14.52 -62.24 -30.19
CA LEU B 38 -15.48 -62.04 -29.11
C LEU B 38 -16.04 -60.63 -29.06
N ILE B 39 -15.16 -59.65 -29.07
CA ILE B 39 -15.57 -58.26 -28.98
C ILE B 39 -16.51 -57.88 -30.11
N LYS B 40 -16.13 -58.25 -31.33
CA LYS B 40 -16.88 -57.86 -32.52
C LYS B 40 -18.26 -58.54 -32.61
N PHE B 41 -18.35 -59.79 -32.18
CA PHE B 41 -19.56 -60.57 -32.43
C PHE B 41 -20.44 -60.83 -31.21
N VAL B 42 -19.85 -60.89 -30.02
CA VAL B 42 -20.62 -61.13 -28.80
C VAL B 42 -20.98 -59.84 -28.04
N ILE B 43 -20.03 -59.28 -27.32
CA ILE B 43 -20.30 -58.13 -26.46
C ILE B 43 -21.55 -57.33 -26.83
N PRO B 44 -21.74 -57.05 -28.13
CA PRO B 44 -22.90 -56.28 -28.60
C PRO B 44 -24.23 -56.68 -27.98
N VAL B 45 -24.37 -57.94 -27.56
CA VAL B 45 -25.60 -58.41 -26.94
C VAL B 45 -25.46 -58.56 -25.42
N TYR B 46 -24.22 -58.52 -24.94
CA TYR B 46 -23.91 -58.76 -23.53
C TYR B 46 -25.08 -58.58 -22.56
N PRO B 47 -25.73 -57.41 -22.60
CA PRO B 47 -26.83 -57.13 -21.69
C PRO B 47 -28.00 -58.09 -21.87
N SER B 48 -28.20 -58.57 -23.10
CA SER B 48 -29.28 -59.49 -23.41
C SER B 48 -29.06 -60.88 -22.83
N LEU B 49 -27.81 -61.34 -22.82
CA LEU B 49 -27.47 -62.69 -22.37
C LEU B 49 -27.87 -62.96 -20.92
N PRO B 50 -28.28 -64.20 -20.62
CA PRO B 50 -28.62 -64.59 -19.26
C PRO B 50 -27.42 -64.44 -18.34
N GLU B 51 -27.69 -64.26 -17.04
CA GLU B 51 -26.62 -64.03 -16.07
C GLU B 51 -25.56 -65.11 -16.06
N ARG B 52 -25.93 -66.34 -16.42
CA ARG B 52 -24.96 -67.43 -16.44
C ARG B 52 -23.93 -67.20 -17.56
N SER B 53 -24.37 -66.54 -18.62
CA SER B 53 -23.54 -66.34 -19.79
C SER B 53 -22.66 -65.12 -19.64
N LYS B 54 -23.17 -64.11 -18.93
CA LYS B 54 -22.38 -62.93 -18.65
C LYS B 54 -21.21 -63.29 -17.74
N VAL B 55 -21.46 -64.18 -16.79
CA VAL B 55 -20.47 -64.53 -15.77
C VAL B 55 -19.26 -65.22 -16.37
N ILE B 56 -19.50 -66.12 -17.32
CA ILE B 56 -18.39 -66.84 -17.95
C ILE B 56 -17.73 -65.95 -19.00
N LEU B 57 -18.46 -64.93 -19.44
CA LEU B 57 -17.91 -63.95 -20.36
C LEU B 57 -16.94 -63.06 -19.59
N ARG B 58 -17.37 -62.58 -18.42
CA ARG B 58 -16.51 -61.74 -17.58
C ARG B 58 -15.27 -62.49 -17.12
N ARG B 59 -15.44 -63.76 -16.77
CA ARG B 59 -14.32 -64.56 -16.31
C ARG B 59 -13.27 -64.66 -17.39
N LEU B 60 -13.72 -64.71 -18.64
CA LEU B 60 -12.79 -64.73 -19.77
C LEU B 60 -11.93 -63.47 -19.76
N ALA B 61 -12.56 -62.33 -19.51
CA ALA B 61 -11.82 -61.10 -19.32
C ALA B 61 -10.94 -61.21 -18.08
N SER B 62 -11.50 -61.76 -17.01
CA SER B 62 -10.76 -61.97 -15.76
C SER B 62 -9.38 -62.59 -15.98
N LYS B 63 -9.30 -63.49 -16.95
CA LYS B 63 -8.10 -64.29 -17.14
C LYS B 63 -7.26 -63.91 -18.36
N SER B 64 -7.74 -62.97 -19.16
CA SER B 64 -7.03 -62.66 -20.39
C SER B 64 -6.16 -61.42 -20.30
N PHE B 65 -6.76 -60.29 -19.94
CA PHE B 65 -6.10 -59.00 -20.08
C PHE B 65 -5.96 -58.63 -21.55
N THR B 66 -5.19 -59.41 -22.28
CA THR B 66 -5.07 -59.18 -23.70
C THR B 66 -6.49 -59.04 -24.28
N PHE B 67 -7.44 -59.71 -23.64
CA PHE B 67 -8.85 -59.56 -23.98
C PHE B 67 -9.34 -58.18 -23.55
N LEU B 68 -9.28 -57.92 -22.25
CA LEU B 68 -9.67 -56.62 -21.69
C LEU B 68 -9.08 -55.44 -22.47
N CYS B 69 -7.75 -55.41 -22.52
CA CYS B 69 -7.04 -54.44 -23.32
C CYS B 69 -7.75 -54.16 -24.66
N GLN B 70 -8.15 -55.21 -25.34
CA GLN B 70 -8.79 -55.07 -26.64
C GLN B 70 -10.16 -54.42 -26.54
N ILE B 71 -10.94 -54.84 -25.54
CA ILE B 71 -12.26 -54.27 -25.32
C ILE B 71 -12.12 -52.79 -25.08
N VAL B 72 -11.01 -52.39 -24.47
CA VAL B 72 -10.77 -50.99 -24.14
C VAL B 72 -10.38 -50.19 -25.38
N THR B 73 -9.34 -50.64 -26.08
CA THR B 73 -8.85 -49.94 -27.26
C THR B 73 -9.91 -49.91 -28.37
N PHE B 74 -10.84 -50.85 -28.33
CA PHE B 74 -11.94 -50.87 -29.29
C PHE B 74 -13.00 -49.83 -28.89
N SER B 75 -13.08 -49.53 -27.61
CA SER B 75 -14.10 -48.61 -27.12
C SER B 75 -13.78 -47.19 -27.53
N ARG B 76 -12.51 -46.82 -27.46
CA ARG B 76 -12.11 -45.46 -27.79
C ARG B 76 -12.04 -45.24 -29.30
N THR B 77 -11.79 -46.31 -30.05
CA THR B 77 -11.87 -46.20 -31.51
C THR B 77 -13.29 -45.77 -31.85
N ILE B 78 -14.26 -46.62 -31.50
CA ILE B 78 -15.66 -46.29 -31.66
C ILE B 78 -15.99 -44.94 -31.02
N GLY B 83 -24.04 -42.15 -32.83
CA GLY B 83 -24.62 -42.09 -31.49
C GLY B 83 -23.77 -42.81 -30.45
N LEU B 84 -24.10 -42.61 -29.17
CA LEU B 84 -23.33 -43.18 -28.08
C LEU B 84 -23.81 -44.56 -27.63
N GLN B 85 -24.87 -45.07 -28.26
CA GLN B 85 -25.49 -46.32 -27.81
C GLN B 85 -24.53 -47.50 -27.70
N GLU B 86 -23.74 -47.74 -28.75
CA GLU B 86 -22.82 -48.87 -28.76
C GLU B 86 -21.75 -48.78 -27.67
N ILE B 87 -21.22 -47.58 -27.45
CA ILE B 87 -20.16 -47.41 -26.45
C ILE B 87 -20.72 -47.61 -25.03
N ARG B 88 -21.99 -47.24 -24.84
CA ARG B 88 -22.63 -47.40 -23.53
C ARG B 88 -22.84 -48.86 -23.19
N ILE B 89 -22.96 -49.69 -24.22
CA ILE B 89 -23.06 -51.12 -24.02
C ILE B 89 -21.69 -51.61 -23.56
N TYR B 90 -20.65 -51.27 -24.31
CA TYR B 90 -19.28 -51.65 -23.98
C TYR B 90 -18.85 -51.14 -22.60
N GLN B 91 -19.26 -49.92 -22.28
CA GLN B 91 -19.00 -49.36 -20.96
C GLN B 91 -19.57 -50.29 -19.89
N GLU B 92 -20.81 -50.72 -20.11
CA GLU B 92 -21.51 -51.63 -19.20
C GLU B 92 -20.62 -52.80 -18.82
N ILE B 93 -20.23 -53.55 -19.83
CA ILE B 93 -19.41 -54.73 -19.66
C ILE B 93 -18.12 -54.39 -18.92
N LEU B 94 -17.48 -53.31 -19.33
CA LEU B 94 -16.25 -52.88 -18.68
C LEU B 94 -16.45 -52.66 -17.18
N GLU B 95 -17.46 -51.88 -16.81
CA GLU B 95 -17.69 -51.66 -15.39
C GLU B 95 -18.03 -52.96 -14.63
N ASP B 96 -18.91 -53.78 -15.20
CA ASP B 96 -19.29 -55.05 -14.57
C ASP B 96 -18.08 -55.94 -14.38
N ILE B 97 -17.14 -55.85 -15.31
CA ILE B 97 -15.94 -56.68 -15.21
C ILE B 97 -15.23 -56.40 -13.89
N ILE B 98 -14.71 -55.18 -13.74
CA ILE B 98 -14.01 -54.80 -12.52
C ILE B 98 -14.92 -54.74 -11.30
N SER B 99 -16.21 -54.60 -11.55
CA SER B 99 -17.16 -54.59 -10.45
C SER B 99 -17.29 -56.00 -9.87
N PHE B 100 -17.75 -56.94 -10.69
CA PHE B 100 -18.08 -58.30 -10.23
C PHE B 100 -16.88 -59.23 -10.17
N GLU B 101 -15.86 -58.98 -10.98
CA GLU B 101 -14.64 -59.79 -10.93
C GLU B 101 -13.46 -59.01 -10.34
N PRO B 102 -13.36 -58.99 -9.00
CA PRO B 102 -12.33 -58.24 -8.31
C PRO B 102 -10.96 -58.90 -8.45
N GLY B 103 -10.93 -60.05 -9.11
CA GLY B 103 -9.69 -60.79 -9.28
C GLY B 103 -8.78 -60.25 -10.37
N CYS B 104 -9.38 -59.66 -11.41
CA CYS B 104 -8.60 -59.24 -12.58
C CYS B 104 -7.15 -58.88 -12.28
N LEU B 105 -6.95 -57.85 -11.47
CA LEU B 105 -5.60 -57.33 -11.23
C LEU B 105 -4.66 -58.44 -10.77
N THR B 106 -5.06 -59.14 -9.72
CA THR B 106 -4.25 -60.21 -9.20
C THR B 106 -4.10 -61.38 -10.19
N PHE B 107 -5.12 -61.63 -11.03
CA PHE B 107 -4.97 -62.65 -12.08
C PHE B 107 -3.91 -62.23 -13.10
N TYR B 108 -4.02 -61.00 -13.59
CA TYR B 108 -3.07 -60.50 -14.59
C TYR B 108 -1.66 -60.43 -14.03
N LEU B 109 -1.55 -60.18 -12.73
CA LEU B 109 -0.25 -60.17 -12.07
C LEU B 109 0.51 -61.46 -12.38
N LYS B 110 -0.14 -62.60 -12.19
CA LYS B 110 0.50 -63.89 -12.45
C LYS B 110 0.70 -64.15 -13.93
N ALA B 111 -0.33 -63.92 -14.72
CA ALA B 111 -0.33 -64.30 -16.14
C ALA B 111 0.52 -63.41 -17.05
N SER B 112 0.32 -62.10 -16.98
CA SER B 112 0.92 -61.19 -17.97
C SER B 112 2.00 -60.26 -17.42
N THR B 113 2.86 -60.78 -16.56
CA THR B 113 3.96 -59.99 -16.03
C THR B 113 5.33 -60.48 -16.49
N THR B 114 5.37 -61.14 -17.63
CA THR B 114 6.60 -61.77 -18.12
C THR B 114 7.57 -60.78 -18.76
N SER B 115 7.13 -59.56 -18.97
CA SER B 115 7.96 -58.56 -19.62
C SER B 115 7.57 -57.18 -19.12
N LYS B 116 8.47 -56.21 -19.28
CA LYS B 116 8.15 -54.85 -18.87
C LYS B 116 7.06 -54.28 -19.76
N ALA B 117 7.02 -54.73 -21.01
CA ALA B 117 6.02 -54.26 -21.97
C ALA B 117 4.60 -54.59 -21.50
N ASP B 118 4.39 -55.83 -21.07
CA ASP B 118 3.09 -56.27 -20.56
C ASP B 118 2.74 -55.58 -19.26
N ARG B 119 3.71 -55.46 -18.36
CA ARG B 119 3.46 -54.81 -17.07
C ARG B 119 3.00 -53.37 -17.28
N ASP B 120 3.71 -52.66 -18.13
CA ASP B 120 3.43 -51.27 -18.37
C ASP B 120 2.09 -51.08 -19.05
N SER B 121 1.76 -51.96 -19.98
CA SER B 121 0.44 -51.90 -20.62
C SER B 121 -0.66 -52.17 -19.59
N ILE B 122 -0.39 -53.02 -18.61
CA ILE B 122 -1.39 -53.32 -17.58
C ILE B 122 -1.54 -52.16 -16.61
N LYS B 123 -0.43 -51.47 -16.36
CA LYS B 123 -0.44 -50.28 -15.52
C LYS B 123 -1.24 -49.19 -16.20
N ALA B 124 -0.93 -48.96 -17.48
CA ALA B 124 -1.59 -47.91 -18.24
C ALA B 124 -3.09 -48.16 -18.34
N LEU B 125 -3.51 -49.42 -18.32
CA LEU B 125 -4.93 -49.74 -18.38
C LEU B 125 -5.59 -49.37 -17.06
N PHE B 126 -5.06 -49.92 -15.98
CA PHE B 126 -5.67 -49.74 -14.66
C PHE B 126 -5.40 -48.40 -14.01
N PHE B 127 -4.13 -48.01 -13.94
CA PHE B 127 -3.71 -46.89 -13.09
C PHE B 127 -3.43 -45.56 -13.79
N GLY B 128 -2.72 -45.57 -14.91
CA GLY B 128 -2.64 -44.35 -15.72
C GLY B 128 -4.09 -44.13 -16.09
N SER B 129 -4.75 -45.28 -16.16
CA SER B 129 -6.18 -45.49 -16.39
C SER B 129 -6.75 -45.07 -17.72
N LYS B 130 -6.44 -45.87 -18.74
CA LYS B 130 -7.16 -45.81 -19.99
C LYS B 130 -8.53 -46.42 -19.78
N LEU B 131 -8.62 -47.39 -18.87
CA LEU B 131 -9.89 -47.97 -18.50
C LEU B 131 -10.82 -46.89 -17.99
N PHE B 132 -10.36 -46.14 -16.99
CA PHE B 132 -11.19 -45.13 -16.38
C PHE B 132 -11.66 -44.06 -17.38
N ASN B 133 -10.80 -43.77 -18.34
CA ASN B 133 -11.11 -42.76 -19.34
C ASN B 133 -12.29 -43.14 -20.20
N VAL B 134 -12.46 -44.43 -20.45
CA VAL B 134 -13.59 -44.86 -21.25
C VAL B 134 -14.81 -45.01 -20.36
N LEU B 135 -14.59 -45.11 -19.05
CA LEU B 135 -15.69 -45.20 -18.09
C LEU B 135 -16.02 -43.85 -17.49
N ALA B 136 -15.27 -42.83 -17.89
CA ALA B 136 -15.40 -41.50 -17.29
C ALA B 136 -16.80 -40.90 -17.41
N ASN B 137 -17.45 -41.14 -18.54
CA ASN B 137 -18.81 -40.65 -18.71
C ASN B 137 -19.86 -41.47 -17.98
N ARG B 138 -19.42 -42.47 -17.24
CA ARG B 138 -20.35 -43.40 -16.61
C ARG B 138 -20.18 -43.41 -15.11
N ILE B 139 -18.93 -43.31 -14.67
CA ILE B 139 -18.61 -43.37 -13.26
C ILE B 139 -17.52 -42.34 -12.98
N ASP B 140 -17.43 -41.87 -11.75
CA ASP B 140 -16.43 -40.86 -11.42
C ASP B 140 -15.22 -41.47 -10.72
N MET B 141 -14.18 -40.67 -10.57
CA MET B 141 -12.92 -41.16 -10.04
C MET B 141 -13.06 -41.81 -8.68
N ALA B 142 -13.90 -41.24 -7.82
CA ALA B 142 -14.07 -41.81 -6.50
C ALA B 142 -14.62 -43.23 -6.59
N LYS B 143 -15.67 -43.42 -7.38
CA LYS B 143 -16.23 -44.77 -7.59
C LYS B 143 -15.19 -45.72 -8.19
N TYR B 144 -14.44 -45.23 -9.17
CA TYR B 144 -13.41 -46.03 -9.82
C TYR B 144 -12.39 -46.50 -8.79
N LEU B 145 -11.89 -45.56 -7.97
CA LEU B 145 -10.96 -45.91 -6.91
C LEU B 145 -11.58 -46.94 -5.97
N GLY B 146 -12.89 -46.82 -5.75
CA GLY B 146 -13.61 -47.79 -4.95
C GLY B 146 -13.34 -49.18 -5.47
N TYR B 147 -13.46 -49.33 -6.78
CA TYR B 147 -13.25 -50.62 -7.45
C TYR B 147 -11.77 -51.00 -7.32
N LEU B 148 -10.91 -50.04 -7.63
CA LEU B 148 -9.47 -50.25 -7.56
C LEU B 148 -9.07 -50.77 -6.20
N ARG B 149 -9.74 -50.26 -5.16
CA ARG B 149 -9.43 -50.71 -3.81
C ARG B 149 -9.72 -52.20 -3.66
N LEU B 150 -10.89 -52.59 -4.14
CA LEU B 150 -11.33 -53.99 -4.10
C LEU B 150 -10.39 -54.84 -4.95
N GLN B 151 -9.83 -54.24 -6.00
CA GLN B 151 -8.89 -54.96 -6.83
C GLN B 151 -7.63 -55.31 -6.03
N TRP B 152 -7.13 -54.32 -5.31
CA TRP B 152 -6.00 -54.55 -4.40
C TRP B 152 -6.31 -55.50 -3.24
N LYS B 153 -7.49 -55.36 -2.66
CA LYS B 153 -7.86 -56.20 -1.54
C LYS B 153 -7.83 -57.66 -1.95
N PHE B 154 -8.30 -57.96 -3.15
CA PHE B 154 -8.32 -59.35 -3.62
C PHE B 154 -6.90 -59.91 -3.71
N LEU B 155 -6.02 -59.16 -4.38
CA LEU B 155 -4.63 -59.55 -4.49
C LEU B 155 -4.01 -59.62 -3.09
N LEU B 156 -4.54 -58.83 -2.17
CA LEU B 156 -3.97 -58.72 -0.84
C LEU B 156 -4.36 -59.94 0.00
N GLU B 157 -5.38 -60.65 -0.47
CA GLU B 157 -5.85 -61.82 0.25
C GLU B 157 -5.53 -63.09 -0.51
N SER B 158 -4.89 -62.94 -1.65
CA SER B 158 -4.46 -64.09 -2.41
C SER B 158 -3.21 -64.68 -1.76
N ASN B 159 -2.70 -65.76 -2.33
CA ASN B 159 -1.50 -66.39 -1.81
C ASN B 159 -0.25 -65.94 -2.56
N GLU B 160 -0.28 -64.71 -3.03
CA GLU B 160 0.88 -64.09 -3.65
C GLU B 160 1.76 -63.47 -2.56
N THR B 161 3.00 -63.93 -2.50
CA THR B 161 3.95 -63.53 -1.46
C THR B 161 5.20 -62.93 -2.10
N ASP B 162 5.97 -62.15 -1.34
CA ASP B 162 7.22 -61.61 -1.86
C ASP B 162 6.97 -60.78 -3.11
N PRO B 163 6.09 -59.79 -3.01
CA PRO B 163 5.68 -59.01 -4.16
C PRO B 163 6.88 -58.51 -4.95
N PRO B 164 6.76 -58.51 -6.29
CA PRO B 164 7.69 -58.10 -7.32
C PRO B 164 8.51 -56.88 -6.97
N GLY B 165 7.95 -55.70 -7.21
CA GLY B 165 8.71 -54.49 -7.06
C GLY B 165 8.14 -53.49 -8.01
N PHE B 166 7.79 -53.95 -9.21
CA PHE B 166 7.00 -53.14 -10.11
C PHE B 166 5.62 -52.98 -9.48
N LEU B 167 5.28 -53.89 -8.58
CA LEU B 167 4.03 -53.78 -7.83
C LEU B 167 4.05 -52.46 -7.06
N GLY B 168 5.24 -52.02 -6.67
CA GLY B 168 5.40 -50.73 -6.04
C GLY B 168 4.98 -49.61 -6.97
N GLU B 169 5.45 -49.65 -8.22
CA GLU B 169 5.04 -48.68 -9.23
C GLU B 169 3.54 -48.64 -9.33
N TRP B 170 2.94 -49.81 -9.48
CA TRP B 170 1.51 -49.91 -9.65
C TRP B 170 0.79 -49.17 -8.53
N LEU B 171 1.22 -49.39 -7.29
CA LEU B 171 0.60 -48.72 -6.17
C LEU B 171 0.79 -47.20 -6.27
N VAL B 172 2.00 -46.76 -6.60
CA VAL B 172 2.25 -45.33 -6.75
C VAL B 172 1.29 -44.76 -7.79
N SER B 173 1.10 -45.47 -8.89
CA SER B 173 0.21 -45.01 -9.94
C SER B 173 -1.23 -44.98 -9.45
N SER B 174 -1.57 -45.92 -8.57
CA SER B 174 -2.88 -45.95 -7.96
C SER B 174 -3.13 -44.67 -7.17
N PHE B 175 -2.15 -44.30 -6.35
CA PHE B 175 -2.29 -43.10 -5.52
C PHE B 175 -2.37 -41.86 -6.39
N LEU B 176 -1.56 -41.85 -7.44
CA LEU B 176 -1.47 -40.69 -8.30
C LEU B 176 -2.79 -40.35 -8.97
N LEU B 177 -3.66 -41.34 -9.14
CA LEU B 177 -4.99 -41.10 -9.71
C LEU B 177 -5.69 -39.94 -9.01
N ASN B 178 -5.73 -40.01 -7.69
CA ASN B 178 -6.17 -38.91 -6.83
C ASN B 178 -5.63 -39.18 -5.44
N PRO B 179 -4.55 -38.50 -5.08
CA PRO B 179 -3.87 -38.76 -3.83
C PRO B 179 -4.82 -38.79 -2.64
N VAL B 180 -5.61 -37.74 -2.49
CA VAL B 180 -6.53 -37.61 -1.36
C VAL B 180 -7.56 -38.73 -1.32
N LEU B 181 -8.17 -39.03 -2.47
CA LEU B 181 -9.17 -40.06 -2.50
C LEU B 181 -8.48 -41.40 -2.37
N ALA B 182 -7.35 -41.56 -3.04
CA ALA B 182 -6.62 -42.81 -3.02
C ALA B 182 -6.20 -43.11 -1.60
N ALA B 183 -5.74 -42.09 -0.89
CA ALA B 183 -5.30 -42.26 0.48
C ALA B 183 -6.45 -42.73 1.37
N ASP B 184 -7.62 -42.09 1.28
CA ASP B 184 -8.79 -42.55 2.04
C ASP B 184 -9.03 -44.03 1.84
N MET B 185 -9.10 -44.45 0.58
CA MET B 185 -9.50 -45.81 0.30
C MET B 185 -8.38 -46.83 0.40
N LEU B 186 -7.22 -46.54 -0.15
CA LEU B 186 -6.13 -47.53 -0.14
C LEU B 186 -5.43 -47.59 1.21
N LEU B 187 -5.24 -46.42 1.83
CA LEU B 187 -4.60 -46.36 3.14
C LEU B 187 -5.61 -46.54 4.25
N GLY B 188 -6.41 -45.52 4.50
CA GLY B 188 -7.38 -45.54 5.59
C GLY B 188 -8.28 -46.75 5.59
N GLU B 189 -8.71 -47.19 4.40
CA GLU B 189 -9.68 -48.28 4.27
C GLU B 189 -9.13 -49.59 3.69
N LEU B 190 -7.80 -49.76 3.77
CA LEU B 190 -7.20 -51.03 3.36
C LEU B 190 -5.89 -51.30 4.10
N PHE B 191 -4.81 -50.67 3.67
CA PHE B 191 -3.49 -50.95 4.22
C PHE B 191 -3.33 -50.60 5.69
N LEU B 192 -4.20 -49.74 6.19
CA LEU B 192 -4.13 -49.34 7.59
C LEU B 192 -5.28 -49.94 8.40
N LEU B 193 -5.97 -50.92 7.82
CA LEU B 193 -7.08 -51.57 8.51
C LEU B 193 -6.60 -52.52 9.61
N LYS B 194 -5.80 -53.51 9.23
CA LYS B 194 -5.39 -54.58 10.14
C LYS B 194 -3.89 -54.86 9.97
N GLU B 195 -3.36 -55.75 10.80
CA GLU B 195 -1.96 -56.14 10.68
C GLU B 195 -1.70 -56.90 9.36
N SER B 196 -2.51 -57.92 9.11
CA SER B 196 -2.48 -58.64 7.85
C SER B 196 -2.20 -57.73 6.64
N TYR B 197 -3.03 -56.70 6.45
CA TYR B 197 -2.91 -55.82 5.28
C TYR B 197 -1.70 -54.90 5.35
N PHE B 198 -1.42 -54.39 6.54
CA PHE B 198 -0.30 -53.47 6.71
C PHE B 198 1.01 -54.22 6.50
N PHE B 199 1.02 -55.48 6.89
CA PHE B 199 2.18 -56.33 6.68
C PHE B 199 2.44 -56.45 5.17
N SER B 200 1.36 -56.65 4.40
CA SER B 200 1.43 -56.69 2.95
C SER B 200 2.04 -55.40 2.44
N PHE B 201 1.56 -54.29 2.98
CA PHE B 201 2.01 -52.97 2.58
C PHE B 201 3.53 -52.83 2.77
N GLN B 202 4.05 -53.21 3.94
CA GLN B 202 5.50 -53.15 4.17
C GLN B 202 6.26 -53.93 3.11
N LYS B 203 5.88 -55.19 2.91
CA LYS B 203 6.53 -56.04 1.92
C LYS B 203 6.55 -55.36 0.56
N ILE B 204 5.43 -54.76 0.18
CA ILE B 204 5.29 -54.13 -1.14
C ILE B 204 6.23 -52.96 -1.32
N ILE B 205 6.44 -52.18 -0.26
CA ILE B 205 7.34 -51.05 -0.39
C ILE B 205 8.77 -51.40 -0.05
N SER B 206 8.97 -52.41 0.81
CA SER B 206 10.34 -52.79 1.16
C SER B 206 10.96 -53.53 -0.01
N ALA B 207 10.12 -54.21 -0.80
CA ALA B 207 10.61 -54.93 -1.97
C ALA B 207 10.42 -54.05 -3.20
N SER B 208 10.49 -52.75 -2.98
CA SER B 208 10.16 -51.80 -4.02
C SER B 208 11.30 -50.83 -4.25
N SER B 209 11.42 -50.31 -5.47
CA SER B 209 12.42 -49.32 -5.82
C SER B 209 12.58 -48.24 -4.76
N LEU B 210 13.80 -47.82 -4.54
CA LEU B 210 14.01 -46.80 -3.52
C LEU B 210 13.23 -45.52 -3.85
N ILE B 211 13.27 -45.12 -5.12
CA ILE B 211 12.59 -43.91 -5.57
C ILE B 211 11.10 -44.01 -5.28
N ASP B 212 10.51 -45.14 -5.67
CA ASP B 212 9.10 -45.41 -5.37
C ASP B 212 8.86 -45.51 -3.87
N GLN B 213 9.83 -46.05 -3.15
CA GLN B 213 9.71 -46.17 -1.70
C GLN B 213 9.43 -44.78 -1.13
N LYS B 214 10.17 -43.80 -1.60
CA LYS B 214 10.02 -42.43 -1.10
C LYS B 214 8.64 -41.88 -1.42
N ARG B 215 8.12 -42.16 -2.61
CA ARG B 215 6.82 -41.65 -3.01
C ARG B 215 5.74 -42.24 -2.12
N LEU B 216 5.69 -43.56 -2.07
CA LEU B 216 4.73 -44.25 -1.23
C LEU B 216 4.76 -43.70 0.20
N ILE B 217 5.93 -43.60 0.80
CA ILE B 217 5.99 -43.25 2.21
C ILE B 217 5.94 -41.75 2.50
N ALA B 218 6.70 -40.98 1.73
CA ALA B 218 6.82 -39.55 1.97
C ALA B 218 5.71 -38.74 1.30
N LYS B 219 5.31 -39.12 0.09
CA LYS B 219 4.32 -38.33 -0.63
C LYS B 219 2.88 -38.87 -0.52
N PHE B 220 2.70 -40.05 0.08
CA PHE B 220 1.35 -40.61 0.22
C PHE B 220 1.00 -41.04 1.64
N LEU B 221 1.80 -41.92 2.23
CA LEU B 221 1.58 -42.33 3.61
C LEU B 221 1.61 -41.12 4.55
N LEU B 222 2.74 -40.44 4.61
CA LEU B 222 2.95 -39.35 5.55
C LEU B 222 1.82 -38.35 5.60
N PRO B 223 1.49 -37.76 4.45
CA PRO B 223 0.44 -36.76 4.42
C PRO B 223 -0.87 -37.31 4.97
N TYR B 224 -1.16 -38.58 4.68
CA TYR B 224 -2.37 -39.19 5.24
C TYR B 224 -2.25 -39.29 6.76
N ILE B 225 -1.13 -39.81 7.24
CA ILE B 225 -0.87 -39.90 8.67
C ILE B 225 -1.10 -38.54 9.31
N GLN B 226 -0.72 -37.50 8.60
CA GLN B 226 -0.83 -36.18 9.15
C GLN B 226 -2.29 -35.73 9.25
N VAL B 227 -3.13 -36.31 8.41
CA VAL B 227 -4.54 -35.97 8.39
C VAL B 227 -5.22 -36.59 9.61
N ILE B 228 -4.75 -37.76 10.03
CA ILE B 228 -5.41 -38.48 11.10
C ILE B 228 -4.71 -38.33 12.43
N VAL B 229 -3.39 -38.23 12.42
CA VAL B 229 -2.62 -38.14 13.66
C VAL B 229 -3.28 -37.28 14.75
N THR B 230 -3.53 -37.90 15.92
CA THR B 230 -3.93 -37.21 17.13
C THR B 230 -2.90 -37.50 18.21
N LEU B 231 -3.03 -36.86 19.37
CA LEU B 231 -2.16 -37.20 20.49
C LEU B 231 -2.33 -38.65 20.92
N GLU B 232 -3.56 -39.16 20.90
CA GLU B 232 -3.77 -40.56 21.22
C GLU B 232 -3.29 -41.47 20.10
N ASN B 233 -3.33 -40.98 18.88
CA ASN B 233 -2.79 -41.70 17.74
C ASN B 233 -1.31 -41.86 17.82
N LEU B 234 -0.67 -40.82 18.33
CA LEU B 234 0.75 -40.61 18.12
C LEU B 234 1.51 -41.89 18.31
N ASN B 235 1.28 -42.53 19.45
CA ASN B 235 2.02 -43.73 19.80
C ASN B 235 1.90 -44.84 18.74
N ASP B 236 0.69 -45.09 18.29
CA ASP B 236 0.46 -46.09 17.27
C ASP B 236 1.01 -45.66 15.92
N VAL B 237 1.12 -44.36 15.66
CA VAL B 237 1.67 -43.93 14.38
C VAL B 237 3.19 -44.08 14.37
N ARG B 238 3.85 -43.83 15.50
CA ARG B 238 5.28 -44.04 15.52
C ARG B 238 5.57 -45.51 15.41
N LYS B 239 4.67 -46.33 15.95
CA LYS B 239 4.83 -47.78 15.80
C LYS B 239 4.81 -48.10 14.31
N ILE B 240 4.03 -47.35 13.54
CA ILE B 240 3.94 -47.59 12.10
C ILE B 240 5.13 -47.05 11.33
N LEU B 241 5.73 -45.97 11.80
CA LEU B 241 6.82 -45.37 11.06
C LEU B 241 8.12 -46.09 11.35
N ARG B 242 8.26 -46.56 12.58
CA ARG B 242 9.46 -47.29 12.97
C ARG B 242 9.55 -48.55 12.11
N ARG B 243 8.42 -48.96 11.56
CA ARG B 243 8.37 -50.18 10.74
C ARG B 243 9.00 -49.98 9.35
N PHE B 244 9.43 -48.75 9.05
CA PHE B 244 10.08 -48.46 7.76
C PHE B 244 11.47 -47.90 7.95
N ASP B 245 12.28 -48.02 6.91
CA ASP B 245 13.60 -47.43 6.91
C ASP B 245 13.50 -45.93 6.62
N LEU B 246 13.25 -45.15 7.65
CA LEU B 246 13.04 -43.71 7.48
C LEU B 246 14.32 -43.00 7.12
N ASP B 247 15.45 -43.64 7.43
CA ASP B 247 16.75 -43.00 7.24
C ASP B 247 17.05 -42.79 5.77
N LYS B 248 16.58 -43.73 4.93
CA LYS B 248 16.76 -43.62 3.47
C LYS B 248 15.68 -42.76 2.81
N ILE B 249 14.51 -42.68 3.43
CA ILE B 249 13.32 -42.15 2.78
C ILE B 249 13.00 -40.66 3.05
N ILE B 250 13.43 -40.15 4.19
CA ILE B 250 13.00 -38.83 4.64
C ILE B 250 14.04 -37.73 4.48
N SER B 251 13.78 -36.75 3.63
CA SER B 251 14.68 -35.61 3.46
C SER B 251 14.23 -34.43 4.30
N LEU B 252 15.13 -33.48 4.52
CA LEU B 252 14.73 -32.27 5.24
C LEU B 252 13.42 -31.69 4.71
N SER B 253 13.37 -31.45 3.40
CA SER B 253 12.22 -30.79 2.81
C SER B 253 10.93 -31.46 3.26
N VAL B 254 10.97 -32.80 3.36
CA VAL B 254 9.83 -33.55 3.84
C VAL B 254 9.55 -33.23 5.30
N LEU B 255 10.62 -33.19 6.08
CA LEU B 255 10.55 -32.88 7.50
C LEU B 255 10.06 -31.44 7.72
N PHE B 256 10.42 -30.55 6.79
CA PHE B 256 9.96 -29.17 6.84
C PHE B 256 8.46 -29.08 6.62
N GLU B 257 7.97 -29.85 5.65
CA GLU B 257 6.56 -29.80 5.27
C GLU B 257 5.62 -30.18 6.41
N ILE B 258 5.99 -31.17 7.21
CA ILE B 258 5.09 -31.70 8.23
C ILE B 258 4.62 -30.62 9.21
N GLN B 259 3.31 -30.39 9.24
CA GLN B 259 2.75 -29.35 10.07
C GLN B 259 2.61 -29.74 11.54
N SER B 260 2.32 -30.98 11.85
CA SER B 260 2.11 -31.38 13.24
C SER B 260 3.42 -31.44 14.01
N LEU B 261 3.57 -30.65 15.07
CA LEU B 261 4.84 -30.65 15.77
C LEU B 261 5.08 -32.04 16.35
N PRO B 262 4.15 -32.52 17.18
CA PRO B 262 4.33 -33.82 17.77
C PRO B 262 4.70 -34.88 16.72
N LEU B 263 4.09 -34.84 15.54
CA LEU B 263 4.47 -35.79 14.50
C LEU B 263 5.90 -35.51 14.07
N LYS B 264 6.20 -34.25 13.77
CA LYS B 264 7.56 -33.89 13.37
C LYS B 264 8.58 -34.44 14.38
N GLU B 265 8.36 -34.18 15.67
CA GLU B 265 9.21 -34.75 16.74
C GLU B 265 9.36 -36.27 16.65
N VAL B 266 8.24 -36.99 16.60
CA VAL B 266 8.28 -38.44 16.48
C VAL B 266 9.21 -38.89 15.37
N ILE B 267 9.24 -38.18 14.25
CA ILE B 267 10.11 -38.58 13.14
C ILE B 267 11.57 -38.22 13.41
N VAL B 268 11.80 -37.04 13.98
CA VAL B 268 13.15 -36.65 14.37
C VAL B 268 13.76 -37.72 15.27
N ARG B 269 12.93 -38.35 16.07
CA ARG B 269 13.47 -39.27 17.05
C ARG B 269 13.58 -40.71 16.54
N LEU B 270 13.18 -40.93 15.29
CA LEU B 270 13.37 -42.23 14.69
C LEU B 270 14.61 -42.25 13.80
N MET B 271 15.32 -41.12 13.76
CA MET B 271 16.47 -40.98 12.87
C MET B 271 17.78 -41.46 13.52
N SER B 272 18.55 -42.30 12.83
CA SER B 272 19.88 -42.67 13.33
C SER B 272 20.69 -41.42 13.60
N ASN B 273 21.75 -41.55 14.39
CA ASN B 273 22.64 -40.41 14.64
C ASN B 273 23.37 -40.00 13.38
N HIS B 274 23.56 -40.93 12.47
CA HIS B 274 24.14 -40.57 11.19
C HIS B 274 23.20 -39.66 10.41
N SER B 275 21.94 -40.05 10.27
CA SER B 275 20.97 -39.15 9.68
C SER B 275 20.97 -37.84 10.46
N SER B 276 20.93 -37.92 11.79
CA SER B 276 20.82 -36.72 12.63
C SER B 276 21.96 -35.75 12.38
N THR B 277 23.16 -36.28 12.23
CA THR B 277 24.31 -35.43 12.04
C THR B 277 24.24 -34.73 10.68
N LYS B 278 23.82 -35.45 9.64
CA LYS B 278 23.61 -34.85 8.32
C LYS B 278 22.56 -33.73 8.34
N PHE B 279 21.37 -34.03 8.84
CA PHE B 279 20.33 -33.02 8.93
C PHE B 279 20.79 -31.81 9.75
N VAL B 280 21.34 -32.05 10.93
CA VAL B 280 21.79 -30.93 11.73
C VAL B 280 22.73 -30.05 10.92
N SER B 281 23.53 -30.65 10.06
CA SER B 281 24.43 -29.87 9.23
C SER B 281 23.63 -29.06 8.23
N ALA B 282 22.80 -29.75 7.46
CA ALA B 282 21.89 -29.07 6.52
C ALA B 282 21.24 -27.90 7.23
N LEU B 283 20.61 -28.18 8.36
CA LEU B 283 19.87 -27.17 9.08
C LEU B 283 20.75 -26.01 9.48
N VAL B 284 21.94 -26.31 10.02
CA VAL B 284 22.85 -25.25 10.42
C VAL B 284 23.19 -24.34 9.23
N SER B 285 23.56 -24.93 8.11
CA SER B 285 23.84 -24.14 6.92
C SER B 285 22.67 -23.25 6.57
N LYS B 286 21.47 -23.81 6.68
CA LYS B 286 20.25 -23.09 6.31
C LYS B 286 20.02 -21.98 7.31
N PHE B 287 20.34 -22.28 8.57
CA PHE B 287 20.22 -21.29 9.62
C PHE B 287 21.14 -20.11 9.35
N ALA B 288 22.32 -20.40 8.81
CA ALA B 288 23.30 -19.37 8.58
C ALA B 288 22.90 -18.55 7.37
N ASP B 289 22.23 -19.19 6.42
CA ASP B 289 21.87 -18.47 5.20
C ASP B 289 20.42 -18.02 5.27
N PHE B 290 20.13 -17.15 6.22
CA PHE B 290 18.75 -16.94 6.63
C PHE B 290 18.09 -15.75 5.96
N THR B 291 17.13 -16.06 5.09
CA THR B 291 16.47 -15.08 4.23
C THR B 291 14.98 -15.06 4.47
N ASP B 292 14.40 -16.25 4.53
CA ASP B 292 12.97 -16.40 4.67
C ASP B 292 12.59 -16.61 6.13
N GLU B 293 11.82 -15.69 6.69
CA GLU B 293 11.39 -15.77 8.08
C GLU B 293 10.59 -17.04 8.37
N GLU B 294 9.63 -17.35 7.51
CA GLU B 294 8.82 -18.52 7.73
C GLU B 294 9.65 -19.79 7.67
N VAL B 295 10.59 -19.84 6.73
CA VAL B 295 11.46 -21.00 6.59
C VAL B 295 12.50 -21.09 7.71
N ASP B 296 12.94 -19.95 8.21
CA ASP B 296 13.92 -19.97 9.26
C ASP B 296 13.29 -20.49 10.53
N THR B 297 12.01 -20.16 10.73
CA THR B 297 11.30 -20.62 11.89
C THR B 297 11.24 -22.15 11.88
N LYS B 298 10.80 -22.72 10.75
CA LYS B 298 10.72 -24.17 10.65
C LYS B 298 12.09 -24.80 10.90
N THR B 299 13.13 -24.10 10.44
CA THR B 299 14.51 -24.58 10.54
C THR B 299 15.00 -24.58 11.98
N CYS B 300 14.73 -23.49 12.69
CA CYS B 300 15.16 -23.38 14.06
C CYS B 300 14.52 -24.42 14.92
N GLU B 301 13.26 -24.74 14.67
CA GLU B 301 12.66 -25.72 15.56
C GLU B 301 13.18 -27.13 15.27
N LEU B 302 13.40 -27.44 14.00
CA LEU B 302 14.07 -28.69 13.65
C LEU B 302 15.44 -28.79 14.32
N LEU B 303 16.19 -27.70 14.34
CA LEU B 303 17.42 -27.69 15.12
C LEU B 303 17.11 -28.09 16.55
N VAL B 304 16.35 -27.24 17.24
CA VAL B 304 15.98 -27.52 18.61
C VAL B 304 15.59 -28.99 18.79
N LEU B 305 14.74 -29.52 17.91
CA LEU B 305 14.34 -30.92 18.01
C LEU B 305 15.56 -31.86 18.04
N PHE B 306 16.38 -31.81 16.98
CA PHE B 306 17.60 -32.64 16.95
C PHE B 306 18.57 -32.37 18.10
N ALA B 307 18.89 -31.11 18.31
CA ALA B 307 19.85 -30.75 19.35
C ALA B 307 19.41 -31.33 20.67
N VAL B 308 18.10 -31.33 20.90
CA VAL B 308 17.56 -31.79 22.18
C VAL B 308 17.42 -33.31 22.26
N HIS B 309 16.87 -33.93 21.22
CA HIS B 309 16.58 -35.35 21.27
C HIS B 309 17.67 -36.26 20.75
N ASN B 310 18.48 -35.81 19.80
CA ASN B 310 19.40 -36.71 19.14
C ASN B 310 20.88 -36.47 19.35
N LEU B 311 21.27 -35.33 19.90
CA LEU B 311 22.70 -35.03 20.07
C LEU B 311 23.18 -35.08 21.53
N ASN B 312 24.44 -35.44 21.74
CA ASN B 312 25.05 -35.40 23.09
C ASN B 312 25.36 -33.99 23.51
N HIS B 313 25.83 -33.85 24.73
CA HIS B 313 26.28 -32.55 25.15
C HIS B 313 27.39 -32.01 24.23
N SER B 314 28.29 -32.89 23.81
CA SER B 314 29.46 -32.42 23.10
C SER B 314 29.15 -32.08 21.65
N GLN B 315 28.37 -32.92 20.97
CA GLN B 315 27.99 -32.60 19.59
C GLN B 315 27.28 -31.27 19.53
N ARG B 316 26.44 -31.03 20.55
CA ARG B 316 25.73 -29.78 20.67
C ARG B 316 26.73 -28.64 20.80
N GLU B 317 27.79 -28.86 21.57
CA GLU B 317 28.76 -27.81 21.78
C GLU B 317 29.57 -27.55 20.52
N GLU B 318 29.74 -28.58 19.70
CA GLU B 318 30.43 -28.44 18.42
C GLU B 318 29.72 -27.44 17.54
N ILE B 319 28.40 -27.61 17.40
CA ILE B 319 27.61 -26.70 16.60
C ILE B 319 27.81 -25.30 17.13
N ALA B 320 27.78 -25.16 18.44
CA ALA B 320 27.92 -23.84 19.07
C ALA B 320 29.20 -23.15 18.62
N HIS B 321 30.16 -23.93 18.15
CA HIS B 321 31.44 -23.39 17.72
C HIS B 321 31.60 -23.41 16.22
N ASP B 322 30.58 -23.90 15.52
CA ASP B 322 30.60 -23.88 14.09
C ASP B 322 30.63 -22.43 13.62
N GLU B 323 31.54 -22.12 12.72
CA GLU B 323 31.58 -20.79 12.14
C GLU B 323 30.25 -20.48 11.47
N ARG B 324 29.68 -21.49 10.80
CA ARG B 324 28.37 -21.37 10.21
C ARG B 324 27.34 -20.92 11.25
N PHE B 325 27.25 -21.66 12.35
CA PHE B 325 26.30 -21.29 13.36
C PHE B 325 26.58 -19.90 13.90
N LEU B 326 27.83 -19.62 14.23
CA LEU B 326 28.22 -18.33 14.80
C LEU B 326 27.84 -17.19 13.87
N ASN B 327 28.07 -17.38 12.58
CA ASN B 327 27.72 -16.36 11.61
C ASN B 327 26.21 -16.24 11.46
N GLY B 328 25.54 -17.38 11.38
CA GLY B 328 24.08 -17.36 11.39
C GLY B 328 23.49 -16.65 12.60
N VAL B 329 24.16 -16.69 13.76
CA VAL B 329 23.67 -15.95 14.91
C VAL B 329 23.75 -14.46 14.63
N THR B 330 24.87 -14.03 14.05
CA THR B 330 25.08 -12.64 13.79
C THR B 330 24.02 -12.09 12.84
N LYS B 331 23.69 -12.89 11.83
CA LYS B 331 22.69 -12.46 10.89
C LYS B 331 21.30 -12.41 11.52
N HIS B 332 21.02 -13.29 12.48
CA HIS B 332 19.74 -13.21 13.16
C HIS B 332 19.65 -11.96 14.00
N LEU B 333 20.77 -11.56 14.59
CA LEU B 333 20.78 -10.36 15.38
C LEU B 333 20.56 -9.16 14.48
N GLY B 334 21.01 -9.28 13.23
CA GLY B 334 20.88 -8.23 12.24
C GLY B 334 19.47 -8.11 11.73
N SER B 335 18.64 -9.03 12.18
CA SER B 335 17.23 -8.98 11.81
C SER B 335 16.51 -7.84 12.51
N ASN B 336 15.44 -7.38 11.89
CA ASN B 336 14.58 -6.41 12.53
C ASN B 336 13.36 -7.11 13.08
N GLU B 337 13.22 -8.39 12.73
CA GLU B 337 12.22 -9.23 13.33
C GLU B 337 12.72 -9.63 14.71
N ARG B 338 12.14 -9.02 15.74
CA ARG B 338 12.57 -9.32 17.09
C ARG B 338 12.54 -10.82 17.31
N GLU B 339 11.51 -11.47 16.79
CA GLU B 339 11.39 -12.91 16.93
C GLU B 339 12.69 -13.62 16.49
N ALA B 340 13.16 -13.30 15.29
CA ALA B 340 14.35 -13.90 14.70
C ALA B 340 15.59 -13.74 15.57
N ARG B 341 15.75 -12.55 16.14
CA ARG B 341 16.80 -12.35 17.11
C ARG B 341 16.70 -13.37 18.24
N GLU B 342 15.54 -13.39 18.89
CA GLU B 342 15.28 -14.31 20.00
C GLU B 342 15.55 -15.77 19.64
N ARG B 343 15.01 -16.21 18.52
CA ARG B 343 15.25 -17.55 18.04
C ARG B 343 16.73 -17.90 18.13
N ALA B 344 17.59 -17.04 17.61
CA ALA B 344 19.02 -17.33 17.63
C ALA B 344 19.52 -17.43 19.07
N MET B 345 19.42 -16.32 19.79
CA MET B 345 19.87 -16.31 21.17
C MET B 345 19.38 -17.53 21.96
N PHE B 346 18.19 -18.02 21.63
CA PHE B 346 17.66 -19.18 22.35
C PHE B 346 18.45 -20.42 22.00
N ILE B 347 18.51 -20.72 20.70
CA ILE B 347 19.29 -21.84 20.23
C ILE B 347 20.74 -21.81 20.67
N ALA B 348 21.28 -20.62 20.91
CA ALA B 348 22.68 -20.48 21.27
C ALA B 348 22.87 -20.83 22.74
N LYS B 349 21.92 -20.39 23.55
CA LYS B 349 21.91 -20.76 24.95
C LYS B 349 21.69 -22.27 25.06
N LEU B 350 20.84 -22.80 24.17
CA LEU B 350 20.52 -24.21 24.19
C LEU B 350 21.70 -25.11 23.85
N LEU B 351 22.63 -24.61 23.04
CA LEU B 351 23.66 -25.48 22.53
C LEU B 351 24.88 -25.56 23.42
N SER B 352 25.16 -24.47 24.13
CA SER B 352 26.41 -24.39 24.86
C SER B 352 26.20 -23.50 26.07
N GLY B 353 27.15 -23.52 27.01
CA GLY B 353 27.16 -22.57 28.14
C GLY B 353 27.91 -21.26 27.87
N GLY B 354 28.76 -21.25 26.83
CA GLY B 354 29.54 -20.07 26.44
C GLY B 354 29.07 -19.50 25.10
N HIS B 355 28.15 -18.53 25.16
CA HIS B 355 27.34 -18.14 24.01
C HIS B 355 27.23 -16.62 23.80
N LEU B 356 27.11 -15.90 24.92
CA LEU B 356 26.77 -14.48 24.93
C LEU B 356 25.57 -14.39 25.84
N LYS B 357 25.80 -13.99 27.09
CA LYS B 357 24.72 -13.96 28.08
C LYS B 357 23.53 -13.17 27.53
N TYR B 358 22.33 -13.63 27.84
CA TYR B 358 21.19 -12.99 27.21
C TYR B 358 19.89 -13.41 27.83
N GLU B 359 19.38 -12.57 28.73
CA GLU B 359 18.17 -12.92 29.46
C GLU B 359 16.89 -12.68 28.70
N SER B 360 16.15 -13.75 28.47
CA SER B 360 14.79 -13.62 27.99
C SER B 360 14.03 -14.90 28.26
N ASP B 361 12.73 -14.81 28.43
CA ASP B 361 11.92 -15.99 28.68
C ASP B 361 11.55 -16.69 27.41
N PHE B 362 11.95 -16.11 26.28
CA PHE B 362 11.63 -16.67 24.98
C PHE B 362 12.09 -18.11 24.91
N LYS B 363 11.26 -18.99 24.39
CA LYS B 363 11.75 -20.31 24.03
C LYS B 363 11.16 -20.83 22.73
N ILE B 364 11.67 -21.95 22.26
CA ILE B 364 11.03 -22.66 21.18
C ILE B 364 10.40 -23.91 21.78
N ASN B 365 9.11 -24.11 21.54
CA ASN B 365 8.42 -25.16 22.27
C ASN B 365 8.45 -26.49 21.58
N ILE B 366 9.52 -27.23 21.75
CA ILE B 366 9.52 -28.61 21.34
C ILE B 366 8.42 -29.36 22.12
N PRO B 367 7.66 -30.20 21.42
CA PRO B 367 6.69 -31.09 22.06
C PRO B 367 7.24 -31.66 23.37
N ASN B 368 7.70 -32.91 23.31
CA ASN B 368 8.12 -33.64 24.50
C ASN B 368 7.15 -34.74 24.88
N VAL B 369 7.15 -35.84 24.12
CA VAL B 369 6.13 -36.85 24.29
C VAL B 369 6.80 -38.13 24.80
N LYS B 370 6.14 -38.82 25.70
CA LYS B 370 6.43 -40.23 25.96
C LYS B 370 5.62 -41.17 25.09
N SER B 375 2.29 -49.88 24.94
CA SER B 375 3.26 -49.72 23.87
C SER B 375 4.29 -50.85 23.84
N ASP B 376 4.22 -51.61 22.76
CA ASP B 376 4.96 -52.84 22.61
C ASP B 376 5.32 -53.04 21.15
N ASP B 377 6.58 -52.76 20.84
CA ASP B 377 7.19 -53.24 19.61
C ASP B 377 6.18 -53.97 18.74
N LYS B 378 5.53 -53.26 17.82
CA LYS B 378 4.88 -53.96 16.73
C LYS B 378 3.48 -54.50 17.02
N ILE B 379 2.97 -54.28 18.23
CA ILE B 379 1.54 -54.48 18.43
C ILE B 379 0.89 -53.12 18.24
N ILE B 380 0.27 -52.94 17.06
CA ILE B 380 -0.30 -51.66 16.66
C ILE B 380 -1.80 -51.70 16.68
N ASP B 381 -2.40 -50.63 17.19
CA ASP B 381 -3.84 -50.59 17.32
C ASP B 381 -4.43 -49.83 16.15
N PHE B 382 -4.55 -50.51 15.01
CA PHE B 382 -5.04 -49.85 13.82
C PHE B 382 -6.41 -49.19 14.07
N GLN B 383 -7.24 -49.81 14.90
CA GLN B 383 -8.54 -49.22 15.25
C GLN B 383 -8.43 -47.77 15.67
N SER B 384 -7.33 -47.40 16.31
CA SER B 384 -7.19 -46.04 16.81
C SER B 384 -6.89 -45.06 15.67
N LEU B 385 -6.25 -45.56 14.61
CA LEU B 385 -6.02 -44.74 13.44
C LEU B 385 -7.32 -44.51 12.69
N LYS B 386 -8.30 -45.40 12.89
CA LYS B 386 -9.55 -45.32 12.13
C LYS B 386 -10.10 -43.92 12.20
N ARG B 387 -10.70 -43.48 11.10
CA ARG B 387 -11.17 -42.11 10.98
C ARG B 387 -12.63 -41.97 11.34
N GLU B 388 -12.90 -41.04 12.24
CA GLU B 388 -14.25 -40.68 12.59
C GLU B 388 -15.12 -40.56 11.33
N ILE B 389 -16.16 -41.39 11.20
CA ILE B 389 -16.93 -41.48 9.93
C ILE B 389 -17.23 -40.14 9.25
N VAL B 390 -17.81 -39.21 10.00
CA VAL B 390 -18.16 -37.90 9.48
C VAL B 390 -16.96 -37.11 8.94
N LYS B 391 -15.80 -37.33 9.53
CA LYS B 391 -14.61 -36.60 9.14
C LYS B 391 -14.13 -36.98 7.75
N ARG B 392 -14.63 -38.07 7.19
CA ARG B 392 -14.17 -38.42 5.85
C ARG B 392 -15.19 -38.16 4.75
N ILE B 393 -16.30 -37.52 5.09
CA ILE B 393 -17.17 -36.97 4.08
C ILE B 393 -16.36 -35.96 3.25
N VAL B 394 -16.32 -36.14 1.95
CA VAL B 394 -15.55 -35.23 1.10
C VAL B 394 -16.43 -34.36 0.20
N PHE B 395 -17.59 -34.89 -0.21
CA PHE B 395 -18.46 -34.22 -1.16
C PHE B 395 -19.69 -33.62 -0.49
N LEU B 396 -20.06 -32.41 -0.89
CA LEU B 396 -21.27 -31.79 -0.36
C LEU B 396 -22.45 -32.72 -0.58
N LYS B 397 -22.45 -33.37 -1.74
CA LYS B 397 -23.44 -34.38 -2.05
C LYS B 397 -23.75 -35.24 -0.81
N ASP B 398 -22.70 -35.71 -0.13
CA ASP B 398 -22.84 -36.60 1.02
C ASP B 398 -23.19 -35.90 2.33
N LEU B 399 -22.72 -34.67 2.51
CA LEU B 399 -23.16 -33.88 3.66
C LEU B 399 -24.67 -33.85 3.67
N MET B 400 -25.25 -33.49 2.54
CA MET B 400 -26.68 -33.29 2.48
C MET B 400 -27.41 -34.57 2.81
N LYS B 401 -26.83 -35.70 2.43
CA LYS B 401 -27.49 -36.95 2.69
C LYS B 401 -27.54 -37.20 4.20
N GLU B 402 -26.52 -36.69 4.90
CA GLU B 402 -26.50 -36.82 6.36
C GLU B 402 -27.57 -35.97 7.01
N TYR B 403 -27.65 -34.71 6.59
CA TYR B 403 -28.66 -33.81 7.12
C TYR B 403 -30.08 -34.36 6.95
N GLU B 404 -30.24 -35.25 5.97
CA GLU B 404 -31.56 -35.83 5.73
C GLU B 404 -31.81 -37.07 6.58
N LYS B 405 -30.92 -37.31 7.54
CA LYS B 405 -31.11 -38.37 8.50
C LYS B 405 -31.32 -37.78 9.89
N SER B 409 -34.41 -41.79 11.38
CA SER B 409 -33.63 -42.37 12.46
C SER B 409 -32.17 -41.89 12.43
N ARG B 410 -31.97 -40.58 12.61
CA ARG B 410 -30.65 -39.98 12.73
C ARG B 410 -29.89 -40.59 13.91
N LYS B 411 -28.60 -40.89 13.69
CA LYS B 411 -27.77 -41.53 14.71
C LYS B 411 -27.30 -40.58 15.82
N ALA B 412 -25.99 -40.28 15.88
CA ALA B 412 -25.42 -39.49 16.98
C ALA B 412 -25.13 -38.01 16.65
N PRO B 413 -24.21 -37.38 17.42
CA PRO B 413 -24.03 -35.93 17.60
C PRO B 413 -24.05 -35.10 16.31
N LEU B 414 -24.45 -33.84 16.43
CA LEU B 414 -24.57 -32.94 15.28
C LEU B 414 -23.40 -31.96 15.15
N ILE B 415 -22.72 -31.69 16.25
CA ILE B 415 -21.65 -30.69 16.17
C ILE B 415 -20.55 -31.14 15.21
N PRO B 416 -20.19 -32.43 15.25
CA PRO B 416 -19.25 -32.98 14.26
C PRO B 416 -19.70 -32.63 12.83
N LEU B 417 -20.97 -32.85 12.51
CA LEU B 417 -21.49 -32.57 11.18
C LEU B 417 -21.38 -31.08 10.86
N LEU B 418 -21.73 -30.23 11.82
CA LEU B 418 -21.67 -28.80 11.56
C LEU B 418 -20.22 -28.38 11.35
N LYS B 419 -19.35 -28.90 12.20
CA LYS B 419 -17.91 -28.67 12.07
C LYS B 419 -17.44 -29.08 10.68
N GLN B 420 -17.84 -30.28 10.25
CA GLN B 420 -17.46 -30.77 8.94
C GLN B 420 -18.03 -29.89 7.81
N THR B 421 -19.23 -29.35 8.02
CA THR B 421 -19.86 -28.52 7.00
C THR B 421 -19.05 -27.24 6.82
N VAL B 422 -18.56 -26.68 7.91
CA VAL B 422 -17.74 -25.50 7.80
C VAL B 422 -16.49 -25.85 7.03
N LYS B 423 -15.83 -26.93 7.44
CA LYS B 423 -14.56 -27.32 6.84
C LYS B 423 -14.70 -27.43 5.33
N LEU B 424 -15.63 -28.26 4.88
CA LEU B 424 -15.85 -28.49 3.45
C LEU B 424 -16.28 -27.25 2.70
N ILE B 425 -17.33 -26.58 3.16
CA ILE B 425 -17.82 -25.45 2.41
C ILE B 425 -16.74 -24.37 2.25
N ARG B 426 -15.95 -24.14 3.29
CA ARG B 426 -14.98 -23.06 3.21
C ARG B 426 -13.80 -23.46 2.36
N GLN B 427 -13.41 -24.72 2.41
CA GLN B 427 -12.27 -25.19 1.67
C GLN B 427 -12.74 -25.56 0.28
N LYS B 428 -12.60 -24.65 -0.67
CA LYS B 428 -13.11 -24.92 -2.00
C LYS B 428 -14.56 -24.44 -2.02
N ALA B 429 -15.43 -25.42 -1.77
CA ALA B 429 -16.88 -25.31 -1.82
C ALA B 429 -17.46 -26.59 -2.44
N PHE B 431 -16.07 -26.06 -6.06
CA PHE B 431 -16.83 -24.82 -6.24
C PHE B 431 -17.35 -24.65 -7.68
N GLN B 432 -18.19 -23.64 -7.87
CA GLN B 432 -18.90 -23.37 -9.13
C GLN B 432 -19.40 -24.58 -9.94
N LEU B 433 -19.29 -25.79 -9.41
CA LEU B 433 -19.78 -27.00 -10.12
C LEU B 433 -21.32 -27.09 -10.08
N GLU B 434 -21.83 -28.11 -9.38
CA GLU B 434 -23.25 -28.17 -9.04
C GLU B 434 -23.36 -27.85 -7.55
N VAL B 435 -22.48 -26.96 -7.10
CA VAL B 435 -22.34 -26.69 -5.69
C VAL B 435 -23.49 -25.89 -5.10
N GLY B 436 -24.02 -24.96 -5.89
CA GLY B 436 -25.11 -24.11 -5.43
C GLY B 436 -26.29 -24.90 -4.92
N TYR B 437 -26.61 -25.99 -5.59
CA TYR B 437 -27.76 -26.82 -5.26
C TYR B 437 -27.65 -27.46 -3.90
N TYR B 438 -26.54 -28.14 -3.66
CA TYR B 438 -26.32 -28.81 -2.38
C TYR B 438 -26.18 -27.83 -1.22
N ALA B 439 -25.41 -26.77 -1.43
CA ALA B 439 -25.23 -25.78 -0.37
C ALA B 439 -26.59 -25.29 0.10
N GLN B 440 -27.47 -25.08 -0.86
CA GLN B 440 -28.79 -24.57 -0.57
C GLN B 440 -29.59 -25.49 0.34
N GLY B 441 -29.65 -26.78 -0.02
CA GLY B 441 -30.29 -27.77 0.83
C GLY B 441 -29.63 -27.77 2.20
N ILE B 442 -28.32 -27.95 2.22
CA ILE B 442 -27.60 -27.95 3.48
C ILE B 442 -27.98 -26.77 4.35
N LEU B 443 -28.00 -25.57 3.77
CA LEU B 443 -28.31 -24.38 4.58
C LEU B 443 -29.73 -24.50 5.13
N SER B 444 -30.68 -24.74 4.24
CA SER B 444 -32.05 -24.98 4.63
C SER B 444 -32.09 -25.94 5.82
N SER B 445 -31.47 -27.10 5.67
CA SER B 445 -31.43 -28.09 6.73
C SER B 445 -30.89 -27.52 8.03
N ILE B 446 -29.76 -26.85 7.94
CA ILE B 446 -29.08 -26.36 9.12
C ILE B 446 -29.92 -25.36 9.89
N VAL B 447 -30.64 -24.51 9.17
CA VAL B 447 -31.51 -23.53 9.83
C VAL B 447 -32.53 -24.22 10.72
N CYS B 448 -33.10 -25.32 10.24
CA CYS B 448 -34.18 -26.01 10.94
C CYS B 448 -33.74 -26.94 12.05
N LEU B 449 -32.44 -27.19 12.14
CA LEU B 449 -31.92 -28.08 13.16
C LEU B 449 -32.35 -27.66 14.56
N ASN B 450 -32.72 -28.63 15.37
CA ASN B 450 -32.87 -28.39 16.79
C ASN B 450 -31.79 -29.14 17.52
N ASN B 451 -31.37 -28.64 18.67
CA ASN B 451 -30.38 -29.35 19.44
C ASN B 451 -30.99 -30.60 20.10
N GLU B 452 -30.94 -31.73 19.38
CA GLU B 452 -31.64 -32.96 19.76
C GLU B 452 -31.01 -33.71 20.92
N PHE B 453 -29.70 -33.53 21.10
CA PHE B 453 -28.97 -34.22 22.14
C PHE B 453 -28.26 -33.13 22.93
N ASP B 454 -28.92 -31.96 22.95
CA ASP B 454 -28.30 -30.73 23.41
C ASP B 454 -26.84 -30.96 23.77
N GLU B 455 -25.98 -30.66 22.81
CA GLU B 455 -24.55 -30.67 23.03
C GLU B 455 -24.13 -29.23 23.33
N PRO B 456 -23.11 -29.06 24.16
CA PRO B 456 -22.66 -27.71 24.45
C PRO B 456 -22.22 -27.07 23.13
N LEU B 457 -22.25 -25.75 23.05
CA LEU B 457 -21.69 -25.02 21.91
C LEU B 457 -22.40 -25.23 20.58
N PHE B 458 -23.49 -26.01 20.59
CA PHE B 458 -24.38 -26.05 19.44
C PHE B 458 -24.67 -24.57 19.16
N GLU B 459 -25.46 -24.25 18.15
CA GLU B 459 -25.80 -22.84 17.97
C GLU B 459 -24.61 -22.02 17.49
N GLN B 460 -23.50 -22.08 18.22
CA GLN B 460 -22.29 -21.47 17.69
C GLN B 460 -21.91 -22.15 16.40
N TRP B 461 -21.88 -23.47 16.44
CA TRP B 461 -21.57 -24.21 15.25
C TRP B 461 -22.66 -24.05 14.22
N ARG B 462 -23.90 -24.02 14.65
CA ARG B 462 -24.96 -23.73 13.69
C ARG B 462 -24.69 -22.39 13.03
N ILE B 463 -24.35 -21.39 13.83
CA ILE B 463 -24.11 -20.08 13.27
C ILE B 463 -22.90 -20.13 12.33
N ASN B 464 -21.86 -20.87 12.74
CA ASN B 464 -20.67 -21.04 11.90
C ASN B 464 -20.99 -21.65 10.56
N ALA B 465 -21.74 -22.74 10.58
CA ALA B 465 -22.12 -23.42 9.36
C ALA B 465 -22.86 -22.43 8.48
N LEU B 466 -23.85 -21.74 9.06
CA LEU B 466 -24.64 -20.82 8.26
C LEU B 466 -23.79 -19.69 7.69
N THR B 467 -22.98 -19.09 8.55
CA THR B 467 -22.18 -17.96 8.14
C THR B 467 -21.27 -18.37 7.00
N SER B 468 -20.68 -19.56 7.10
CA SER B 468 -19.71 -19.96 6.12
C SER B 468 -20.38 -20.28 4.79
N ILE B 469 -21.58 -20.83 4.81
CA ILE B 469 -22.29 -21.00 3.56
C ILE B 469 -22.59 -19.63 2.95
N LEU B 470 -22.98 -18.68 3.79
CA LEU B 470 -23.32 -17.34 3.32
C LEU B 470 -22.11 -16.57 2.79
N VAL B 471 -20.95 -16.83 3.37
CA VAL B 471 -19.73 -16.15 2.94
C VAL B 471 -19.18 -16.73 1.63
N VAL B 472 -19.19 -18.05 1.53
CA VAL B 472 -18.68 -18.72 0.35
C VAL B 472 -19.64 -18.55 -0.83
N LEU B 473 -20.94 -18.49 -0.54
CA LEU B 473 -21.94 -18.41 -1.59
C LEU B 473 -22.96 -17.32 -1.32
N PRO B 474 -22.51 -16.06 -1.28
CA PRO B 474 -23.34 -14.96 -0.82
C PRO B 474 -24.76 -14.97 -1.35
N GLU B 475 -24.97 -15.31 -2.59
CA GLU B 475 -26.33 -15.15 -3.07
C GLU B 475 -27.26 -16.25 -2.60
N LYS B 476 -26.71 -17.17 -1.84
CA LYS B 476 -27.53 -18.13 -1.15
C LYS B 476 -28.27 -17.40 -0.03
N VAL B 477 -28.10 -16.09 0.06
CA VAL B 477 -28.81 -15.29 1.07
C VAL B 477 -30.26 -15.11 0.69
N ASN B 478 -30.53 -15.25 -0.60
CA ASN B 478 -31.88 -15.04 -1.07
C ASN B 478 -32.82 -16.03 -0.43
N GLY B 479 -32.44 -17.30 -0.48
CA GLY B 479 -33.24 -18.36 0.08
C GLY B 479 -33.19 -18.34 1.59
N ALA B 480 -32.07 -17.91 2.15
CA ALA B 480 -31.93 -17.88 3.60
C ALA B 480 -32.88 -16.85 4.18
N ILE B 481 -32.84 -15.64 3.65
CA ILE B 481 -33.77 -14.61 4.10
C ILE B 481 -35.25 -14.96 3.83
N ASN B 482 -35.51 -15.84 2.87
CA ASN B 482 -36.87 -16.28 2.64
C ASN B 482 -37.32 -17.30 3.66
N ILE B 483 -36.36 -18.03 4.18
CA ILE B 483 -36.64 -19.02 5.19
C ILE B 483 -36.91 -18.29 6.49
N LEU B 484 -36.24 -17.15 6.69
CA LEU B 484 -36.44 -16.38 7.91
C LEU B 484 -37.87 -15.89 7.97
N PHE B 485 -38.40 -15.46 6.83
CA PHE B 485 -39.84 -15.20 6.72
C PHE B 485 -40.59 -16.51 6.48
N ASN B 486 -41.27 -16.60 5.34
CA ASN B 486 -42.04 -17.80 4.97
C ASN B 486 -42.08 -19.02 5.91
N SER B 487 -41.00 -19.80 5.99
CA SER B 487 -41.06 -21.03 6.78
C SER B 487 -41.14 -20.75 8.28
N GLU B 488 -41.70 -21.70 9.02
CA GLU B 488 -42.00 -21.50 10.43
C GLU B 488 -40.95 -22.08 11.36
N LEU B 489 -40.08 -21.22 11.86
CA LEU B 489 -39.01 -21.66 12.74
C LEU B 489 -39.18 -21.09 14.13
N SER B 490 -38.39 -21.59 15.07
CA SER B 490 -38.48 -21.18 16.46
C SER B 490 -37.47 -20.13 16.84
N LEU B 491 -37.91 -19.03 17.40
CA LEU B 491 -36.98 -17.93 17.66
C LEU B 491 -35.55 -18.45 17.58
N GLN B 492 -35.15 -19.28 18.51
CA GLN B 492 -33.77 -19.75 18.49
C GLN B 492 -33.27 -19.82 17.07
N GLN B 493 -34.08 -20.37 16.18
CA GLN B 493 -33.66 -20.62 14.81
C GLN B 493 -33.57 -19.21 14.24
N ARG B 494 -34.70 -18.51 14.23
CA ARG B 494 -34.73 -17.12 13.78
C ARG B 494 -33.50 -16.35 14.29
N MET B 495 -33.33 -16.32 15.60
CA MET B 495 -32.30 -15.49 16.21
C MET B 495 -30.92 -15.80 15.63
N SER B 496 -30.55 -17.08 15.57
CA SER B 496 -29.20 -17.43 15.08
C SER B 496 -29.06 -17.27 13.56
N LEU B 497 -30.15 -17.45 12.83
CA LEU B 497 -30.13 -17.16 11.39
C LEU B 497 -29.83 -15.69 11.22
N LEU B 498 -30.56 -14.87 11.96
CA LEU B 498 -30.36 -13.43 11.93
C LEU B 498 -28.90 -13.14 12.25
N SER B 499 -28.37 -13.85 13.24
CA SER B 499 -26.96 -13.74 13.61
C SER B 499 -26.00 -14.08 12.47
N ALA B 500 -26.28 -15.16 11.75
CA ALA B 500 -25.42 -15.56 10.64
C ALA B 500 -25.41 -14.46 9.57
N LEU B 501 -26.59 -13.92 9.27
CA LEU B 501 -26.71 -12.87 8.28
C LEU B 501 -25.77 -11.74 8.62
N GLY B 502 -25.83 -11.27 9.85
CA GLY B 502 -24.94 -10.17 10.27
C GLY B 502 -23.47 -10.54 10.23
N LEU B 503 -23.15 -11.74 10.71
CA LEU B 503 -21.77 -12.19 10.76
C LEU B 503 -21.20 -12.30 9.36
N SER B 504 -21.96 -12.92 8.45
CA SER B 504 -21.47 -13.07 7.10
C SER B 504 -21.32 -11.72 6.41
N ALA B 505 -22.27 -10.81 6.64
CA ALA B 505 -22.15 -9.48 6.05
C ALA B 505 -20.82 -8.86 6.44
N ARG B 506 -20.43 -9.03 7.70
CA ARG B 506 -19.22 -8.38 8.17
C ARG B 506 -18.00 -9.01 7.55
N GLU B 507 -18.02 -10.35 7.41
CA GLU B 507 -16.90 -11.05 6.80
C GLU B 507 -16.73 -10.63 5.35
N LEU B 508 -17.82 -10.68 4.61
CA LEU B 508 -17.83 -10.23 3.24
C LEU B 508 -17.33 -8.81 3.12
N ARG B 509 -17.69 -7.91 4.03
CA ARG B 509 -17.17 -6.54 3.92
C ARG B 509 -15.69 -6.51 4.28
N GLY B 510 -15.25 -7.58 4.91
CA GLY B 510 -13.85 -7.77 5.26
C GLY B 510 -13.18 -6.50 5.74
N LEU B 511 -13.66 -5.97 6.85
CA LEU B 511 -13.05 -4.81 7.47
C LEU B 511 -12.58 -5.25 8.85
N ASP B 512 -13.07 -6.42 9.23
CA ASP B 512 -12.92 -6.97 10.57
C ASP B 512 -13.09 -8.49 10.47
N THR B 570 -8.72 -8.18 3.26
CA THR B 570 -9.50 -7.03 2.80
C THR B 570 -10.29 -7.36 1.51
N GLN B 571 -11.01 -6.39 0.98
CA GLN B 571 -11.80 -6.64 -0.21
C GLN B 571 -13.26 -6.62 0.11
N ASN B 572 -13.88 -5.49 -0.17
CA ASN B 572 -15.29 -5.37 0.05
C ASN B 572 -16.00 -6.37 -0.84
N ARG B 573 -15.90 -7.63 -0.46
CA ARG B 573 -16.59 -8.68 -1.17
C ARG B 573 -18.10 -8.56 -0.94
N PHE B 574 -18.51 -7.55 -0.18
CA PHE B 574 -19.91 -7.43 0.21
C PHE B 574 -20.70 -6.46 -0.65
N ARG B 575 -20.03 -5.42 -1.14
CA ARG B 575 -20.72 -4.40 -1.93
C ARG B 575 -21.58 -5.04 -3.02
N LYS B 576 -21.03 -6.03 -3.69
CA LYS B 576 -21.71 -6.71 -4.77
C LYS B 576 -23.02 -7.35 -4.33
N TYR B 577 -23.20 -7.56 -3.03
CA TYR B 577 -24.39 -8.25 -2.58
C TYR B 577 -25.20 -7.45 -1.57
N ALA B 578 -24.70 -6.26 -1.22
CA ALA B 578 -25.32 -5.44 -0.20
C ALA B 578 -26.85 -5.45 -0.24
N GLY B 579 -27.41 -5.08 -1.38
CA GLY B 579 -28.85 -4.98 -1.51
C GLY B 579 -29.59 -6.29 -1.34
N LEU B 580 -28.90 -7.41 -1.56
CA LEU B 580 -29.54 -8.71 -1.39
C LEU B 580 -29.75 -8.96 0.09
N PHE B 581 -28.84 -8.47 0.92
CA PHE B 581 -29.01 -8.59 2.36
C PHE B 581 -29.94 -7.51 2.88
N PHE B 582 -29.78 -6.31 2.34
CA PHE B 582 -30.37 -5.17 2.99
C PHE B 582 -31.86 -4.94 2.75
N TYR B 583 -32.33 -5.18 1.54
CA TYR B 583 -33.69 -4.77 1.19
C TYR B 583 -34.77 -5.71 1.73
N PRO B 584 -34.55 -7.02 1.58
CA PRO B 584 -35.55 -7.94 2.10
C PRO B 584 -35.75 -7.73 3.60
N LEU B 585 -34.65 -7.42 4.30
CA LEU B 585 -34.72 -7.22 5.73
C LEU B 585 -35.39 -5.89 6.07
N ALA B 586 -35.07 -4.85 5.29
CA ALA B 586 -35.60 -3.52 5.53
C ALA B 586 -37.10 -3.51 5.32
N HIS B 587 -37.54 -4.17 4.27
CA HIS B 587 -38.96 -4.23 4.01
C HIS B 587 -39.60 -5.12 5.06
N GLY B 588 -38.98 -6.27 5.30
CA GLY B 588 -39.40 -7.13 6.40
C GLY B 588 -39.82 -6.29 7.59
N TRP B 589 -38.94 -5.37 7.98
CA TRP B 589 -39.22 -4.49 9.11
C TRP B 589 -40.41 -3.59 8.83
N LEU B 590 -40.28 -2.72 7.83
CA LEU B 590 -41.30 -1.71 7.58
C LEU B 590 -42.68 -2.29 7.38
N ASN B 591 -42.80 -3.31 6.52
CA ASN B 591 -44.14 -3.77 6.18
C ASN B 591 -44.72 -4.81 7.13
N GLY B 592 -43.86 -5.43 7.94
CA GLY B 592 -44.34 -6.42 8.91
C GLY B 592 -44.00 -6.04 10.34
N ILE B 593 -42.71 -5.91 10.60
CA ILE B 593 -42.16 -5.70 11.94
C ILE B 593 -42.19 -6.99 12.74
N GLN B 600 -39.28 -7.87 21.90
CA GLN B 600 -38.21 -6.91 22.15
C GLN B 600 -36.91 -7.60 21.82
N LEU B 601 -36.68 -8.72 22.49
CA LEU B 601 -35.44 -9.44 22.33
C LEU B 601 -35.22 -9.62 20.84
N PHE B 602 -36.26 -10.07 20.14
CA PHE B 602 -36.17 -10.35 18.72
C PHE B 602 -36.11 -9.10 17.87
N LYS B 603 -37.13 -8.26 17.93
CA LYS B 603 -37.09 -7.02 17.15
C LYS B 603 -35.75 -6.28 17.33
N SER B 604 -35.25 -6.25 18.55
CA SER B 604 -34.01 -5.53 18.85
C SER B 604 -32.82 -6.15 18.12
N HIS B 605 -32.83 -7.48 18.04
CA HIS B 605 -31.80 -8.22 17.34
C HIS B 605 -31.91 -7.94 15.86
N TYR B 606 -33.07 -8.24 15.32
CA TYR B 606 -33.38 -7.91 13.94
C TYR B 606 -32.87 -6.51 13.64
N LEU B 607 -33.29 -5.51 14.41
CA LEU B 607 -32.86 -4.14 14.12
C LEU B 607 -31.33 -4.04 14.11
N THR B 608 -30.69 -4.59 15.13
CA THR B 608 -29.25 -4.52 15.23
C THR B 608 -28.57 -5.20 14.07
N THR B 609 -29.09 -6.33 13.62
CA THR B 609 -28.41 -7.01 12.54
C THR B 609 -28.66 -6.23 11.26
N LEU B 610 -29.84 -5.64 11.15
CA LEU B 610 -30.12 -4.77 10.02
C LEU B 610 -29.14 -3.60 10.02
N ARG B 611 -28.84 -3.08 11.21
CA ARG B 611 -27.92 -1.94 11.31
C ARG B 611 -26.54 -2.38 10.81
N ILE B 612 -26.07 -3.53 11.27
CA ILE B 612 -24.81 -4.10 10.81
C ILE B 612 -24.78 -4.20 9.29
N ILE B 613 -25.77 -4.87 8.70
CA ILE B 613 -25.86 -4.97 7.25
C ILE B 613 -25.84 -3.60 6.58
N TYR B 614 -26.55 -2.64 7.16
CA TYR B 614 -26.57 -1.29 6.60
C TYR B 614 -25.18 -0.64 6.57
N SER B 615 -24.43 -0.76 7.66
CA SER B 615 -23.08 -0.20 7.70
C SER B 615 -22.19 -0.98 6.74
N CYS B 616 -22.38 -2.29 6.69
CA CYS B 616 -21.53 -3.12 5.86
C CYS B 616 -21.70 -2.75 4.42
N ALA B 617 -22.86 -2.21 4.11
CA ALA B 617 -23.12 -1.80 2.75
C ALA B 617 -22.63 -0.37 2.51
N ASN B 618 -21.59 0.10 3.20
CA ASN B 618 -21.39 1.55 3.22
C ASN B 618 -20.89 2.22 1.96
N PRO B 619 -20.22 1.48 1.09
CA PRO B 619 -20.15 2.16 -0.19
C PRO B 619 -21.32 1.85 -1.17
N VAL B 620 -21.63 0.60 -1.42
CA VAL B 620 -22.63 0.28 -2.45
C VAL B 620 -22.74 1.26 -3.62
N HIS B 621 -23.73 2.17 -3.57
CA HIS B 621 -24.02 3.05 -4.73
C HIS B 621 -25.47 3.47 -4.77
N ASP B 622 -26.34 2.60 -4.27
CA ASP B 622 -27.71 2.98 -3.95
C ASP B 622 -27.80 3.08 -2.44
N PHE B 623 -26.68 3.41 -1.82
CA PHE B 623 -26.61 3.59 -0.38
C PHE B 623 -27.55 4.71 0.07
N GLU B 624 -27.71 5.72 -0.79
CA GLU B 624 -28.64 6.81 -0.53
C GLU B 624 -30.04 6.24 -0.29
N SER B 625 -30.51 5.42 -1.24
CA SER B 625 -31.80 4.77 -1.10
C SER B 625 -31.85 3.99 0.20
N MET B 626 -30.79 3.23 0.47
CA MET B 626 -30.73 2.46 1.69
C MET B 626 -30.89 3.36 2.90
N THR B 627 -30.23 4.52 2.86
CA THR B 627 -30.30 5.44 3.97
C THR B 627 -31.72 5.96 4.17
N GLU B 628 -32.41 6.27 3.07
CA GLU B 628 -33.80 6.73 3.17
C GLU B 628 -34.62 5.66 3.90
N LEU B 629 -34.67 4.45 3.35
CA LEU B 629 -35.38 3.38 4.00
C LEU B 629 -34.98 3.32 5.46
N MET B 630 -33.71 3.58 5.71
CA MET B 630 -33.18 3.28 7.02
C MET B 630 -33.72 4.19 8.12
N ASN B 631 -33.82 5.49 7.86
CA ASN B 631 -34.36 6.34 8.94
C ASN B 631 -35.86 6.26 9.12
N HIS B 632 -36.56 5.67 8.16
CA HIS B 632 -37.91 5.27 8.45
C HIS B 632 -37.85 4.15 9.46
N ILE B 633 -37.04 3.15 9.16
CA ILE B 633 -36.85 2.06 10.09
C ILE B 633 -36.39 2.56 11.46
N ILE B 634 -35.41 3.45 11.49
CA ILE B 634 -34.89 3.89 12.77
C ILE B 634 -35.95 4.64 13.56
N SER B 635 -36.50 5.67 12.93
CA SER B 635 -37.62 6.40 13.48
C SER B 635 -38.76 5.46 13.91
N SER B 636 -39.08 4.46 13.08
CA SER B 636 -40.08 3.47 13.44
C SER B 636 -39.70 2.75 14.72
N ALA B 637 -38.41 2.42 14.84
CA ALA B 637 -37.92 1.69 16.00
C ALA B 637 -38.11 2.51 17.26
N ILE B 638 -37.76 3.79 17.17
CA ILE B 638 -37.89 4.71 18.30
C ILE B 638 -39.28 4.68 18.93
N GLU B 639 -40.29 5.14 18.19
CA GLU B 639 -41.68 5.00 18.63
C GLU B 639 -41.85 3.63 19.23
N GLU B 640 -42.04 2.63 18.39
CA GLU B 640 -42.07 1.23 18.81
C GLU B 640 -41.36 0.97 20.14
N GLY B 641 -40.27 1.69 20.41
CA GLY B 641 -39.53 1.52 21.67
C GLY B 641 -38.51 0.41 21.68
N ILE B 642 -38.15 -0.06 20.49
CA ILE B 642 -37.10 -1.06 20.34
C ILE B 642 -35.72 -0.42 20.42
N SER B 643 -34.71 -1.23 20.72
CA SER B 643 -33.38 -0.70 21.00
C SER B 643 -32.33 -1.34 20.12
N LEU B 644 -31.28 -0.58 19.81
CA LEU B 644 -30.11 -1.06 19.08
C LEU B 644 -29.17 -1.74 20.05
N ASN B 645 -28.49 -2.78 19.60
CA ASN B 645 -27.72 -3.58 20.52
C ASN B 645 -26.23 -3.42 20.38
N LYS B 646 -25.78 -2.25 19.96
CA LYS B 646 -24.34 -2.00 19.99
C LYS B 646 -23.56 -3.20 19.49
N GLY B 647 -24.16 -3.98 18.59
CA GLY B 647 -23.49 -5.14 18.01
C GLY B 647 -22.39 -4.70 17.05
N MET C 1 -57.28 -59.21 -7.96
CA MET C 1 -56.96 -60.40 -7.14
C MET C 1 -55.47 -60.64 -7.01
N VAL C 2 -54.75 -60.46 -8.12
CA VAL C 2 -53.32 -60.71 -8.13
C VAL C 2 -52.64 -60.01 -6.97
N LEU C 3 -53.10 -58.80 -6.67
CA LEU C 3 -52.52 -57.98 -5.62
C LEU C 3 -52.61 -58.66 -4.26
N GLU C 4 -53.52 -59.60 -4.12
CA GLU C 4 -53.64 -60.38 -2.89
C GLU C 4 -52.60 -61.49 -2.86
N THR C 5 -52.31 -62.07 -4.02
CA THR C 5 -51.44 -63.25 -4.13
C THR C 5 -49.99 -62.94 -3.82
N LEU C 6 -49.50 -61.84 -4.36
CA LEU C 6 -48.09 -61.49 -4.25
C LEU C 6 -47.66 -61.24 -2.81
N LYS C 7 -48.62 -60.88 -1.97
CA LYS C 7 -48.34 -60.55 -0.57
C LYS C 7 -47.78 -61.74 0.19
N GLN C 8 -48.00 -62.94 -0.34
CA GLN C 8 -47.61 -64.15 0.37
C GLN C 8 -46.32 -64.78 -0.16
N GLY C 9 -46.03 -64.60 -1.43
CA GLY C 9 -44.83 -65.19 -2.04
C GLY C 9 -44.88 -65.19 -3.55
N LEU C 10 -43.86 -65.77 -4.17
CA LEU C 10 -43.79 -65.77 -5.63
C LEU C 10 -42.45 -66.23 -6.21
N ASP C 11 -42.50 -67.28 -7.03
CA ASP C 11 -41.39 -67.62 -7.91
C ASP C 11 -41.14 -66.44 -8.86
N SER C 12 -39.88 -66.11 -9.10
CA SER C 12 -39.56 -64.93 -9.92
C SER C 12 -40.23 -64.96 -11.30
N SER C 13 -40.61 -66.15 -11.74
CA SER C 13 -41.31 -66.32 -13.02
C SER C 13 -42.81 -66.48 -12.78
N GLN C 14 -43.18 -66.49 -11.50
CA GLN C 14 -44.56 -66.49 -11.07
C GLN C 14 -44.97 -65.04 -10.86
N ILE C 15 -44.02 -64.24 -10.41
CA ILE C 15 -44.21 -62.80 -10.29
C ILE C 15 -44.45 -62.21 -11.67
N HIS C 16 -43.70 -62.74 -12.65
CA HIS C 16 -43.87 -62.33 -14.03
C HIS C 16 -45.24 -62.70 -14.56
N GLU C 17 -45.71 -63.89 -14.16
CA GLU C 17 -47.01 -64.38 -14.59
C GLU C 17 -48.13 -63.51 -14.02
N ALA C 18 -48.00 -63.16 -12.73
CA ALA C 18 -48.99 -62.31 -12.08
C ALA C 18 -49.08 -60.96 -12.78
N LEU C 19 -47.92 -60.39 -13.13
CA LEU C 19 -47.86 -59.10 -13.80
C LEU C 19 -48.56 -59.15 -15.16
N ILE C 20 -48.23 -60.16 -15.95
CA ILE C 20 -48.85 -60.34 -17.26
C ILE C 20 -50.37 -60.40 -17.11
N GLN C 21 -50.82 -61.07 -16.06
CA GLN C 21 -52.25 -61.20 -15.78
C GLN C 21 -52.86 -59.87 -15.35
N LEU C 22 -52.07 -59.04 -14.68
CA LEU C 22 -52.53 -57.74 -14.22
C LEU C 22 -52.84 -56.82 -15.39
N ASP C 23 -52.01 -56.90 -16.43
CA ASP C 23 -52.10 -56.01 -17.57
C ASP C 23 -53.26 -56.33 -18.52
N SER C 24 -53.66 -57.59 -18.59
CA SER C 24 -54.80 -57.96 -19.43
C SER C 24 -56.07 -57.33 -18.88
N TYR C 25 -56.02 -56.92 -17.62
CA TYR C 25 -57.16 -56.23 -17.00
C TYR C 25 -57.24 -54.78 -17.48
N PRO C 26 -58.40 -54.14 -17.25
CA PRO C 26 -58.51 -52.72 -17.53
C PRO C 26 -57.46 -51.98 -16.71
N ARG C 27 -56.82 -50.99 -17.31
CA ARG C 27 -55.71 -50.29 -16.65
C ARG C 27 -56.00 -49.82 -15.22
N GLU C 28 -56.98 -48.92 -15.06
CA GLU C 28 -57.08 -48.15 -13.82
C GLU C 28 -55.70 -47.48 -13.57
N PRO C 29 -55.31 -47.19 -12.33
CA PRO C 29 -53.86 -47.09 -12.17
C PRO C 29 -53.61 -47.37 -10.71
N VAL C 30 -52.34 -47.46 -10.31
CA VAL C 30 -52.01 -47.97 -8.99
C VAL C 30 -52.39 -47.05 -7.82
N ASP C 31 -53.27 -47.53 -6.95
CA ASP C 31 -53.60 -46.80 -5.72
C ASP C 31 -52.40 -46.85 -4.81
N LEU C 32 -52.43 -46.08 -3.73
CA LEU C 32 -51.32 -46.06 -2.76
C LEU C 32 -51.07 -47.44 -2.16
N ASP C 33 -52.15 -48.16 -1.88
CA ASP C 33 -52.04 -49.49 -1.28
C ASP C 33 -51.38 -50.50 -2.19
N ALA C 34 -51.81 -50.52 -3.45
CA ALA C 34 -51.29 -51.48 -4.42
C ALA C 34 -49.82 -51.24 -4.71
N SER C 35 -49.43 -49.97 -4.81
CA SER C 35 -48.04 -49.64 -5.06
C SER C 35 -47.18 -50.11 -3.88
N MET C 36 -47.69 -49.90 -2.67
CA MET C 36 -46.97 -50.34 -1.48
C MET C 36 -46.71 -51.82 -1.54
N VAL C 37 -47.69 -52.57 -2.05
CA VAL C 37 -47.55 -54.01 -2.21
C VAL C 37 -46.52 -54.31 -3.31
N LEU C 38 -46.55 -53.54 -4.39
CA LEU C 38 -45.61 -53.70 -5.50
C LEU C 38 -44.16 -53.45 -5.10
N ILE C 39 -43.92 -52.32 -4.45
CA ILE C 39 -42.57 -51.95 -4.07
C ILE C 39 -41.93 -53.02 -3.17
N LYS C 40 -42.69 -53.44 -2.16
CA LYS C 40 -42.17 -54.38 -1.17
C LYS C 40 -41.91 -55.78 -1.72
N PHE C 41 -42.75 -56.24 -2.64
CA PHE C 41 -42.71 -57.63 -3.07
C PHE C 41 -42.14 -57.87 -4.48
N VAL C 42 -42.29 -56.90 -5.37
CA VAL C 42 -41.78 -57.05 -6.74
C VAL C 42 -40.41 -56.39 -6.96
N ILE C 43 -40.40 -55.07 -7.11
CA ILE C 43 -39.18 -54.35 -7.45
C ILE C 43 -37.88 -55.11 -7.11
N PRO C 44 -37.81 -55.72 -5.91
CA PRO C 44 -36.61 -56.44 -5.49
C PRO C 44 -36.01 -57.36 -6.55
N VAL C 45 -36.84 -57.86 -7.47
CA VAL C 45 -36.35 -58.73 -8.52
C VAL C 45 -36.25 -58.01 -9.87
N TYR C 46 -36.87 -56.83 -9.94
CA TYR C 46 -36.96 -56.07 -11.21
C TYR C 46 -35.94 -56.44 -12.27
N PRO C 47 -34.64 -56.42 -11.92
CA PRO C 47 -33.58 -56.71 -12.89
C PRO C 47 -33.69 -58.14 -13.44
N SER C 48 -34.19 -59.05 -12.61
CA SER C 48 -34.32 -60.45 -13.03
C SER C 48 -35.43 -60.66 -14.05
N LEU C 49 -36.52 -59.92 -13.92
CA LEU C 49 -37.68 -60.08 -14.79
C LEU C 49 -37.38 -59.85 -16.26
N PRO C 50 -38.05 -60.62 -17.14
CA PRO C 50 -37.89 -60.43 -18.58
C PRO C 50 -38.29 -59.02 -19.01
N GLU C 51 -37.73 -58.55 -20.12
CA GLU C 51 -37.99 -57.20 -20.61
C GLU C 51 -39.47 -56.88 -20.77
N ARG C 52 -40.28 -57.90 -21.06
CA ARG C 52 -41.71 -57.69 -21.25
C ARG C 52 -42.36 -57.30 -19.93
N SER C 53 -41.79 -57.81 -18.84
CA SER C 53 -42.37 -57.62 -17.51
C SER C 53 -41.90 -56.31 -16.90
N LYS C 54 -40.68 -55.90 -17.24
CA LYS C 54 -40.16 -54.62 -16.80
C LYS C 54 -40.96 -53.48 -17.42
N VAL C 55 -41.32 -53.66 -18.69
CA VAL C 55 -41.98 -52.61 -19.46
C VAL C 55 -43.35 -52.27 -18.91
N ILE C 56 -44.10 -53.30 -18.52
CA ILE C 56 -45.44 -53.08 -17.98
C ILE C 56 -45.35 -52.65 -16.52
N LEU C 57 -44.21 -52.93 -15.90
CA LEU C 57 -43.94 -52.47 -14.55
C LEU C 57 -43.67 -50.97 -14.59
N ARG C 58 -42.81 -50.55 -15.51
CA ARG C 58 -42.49 -49.13 -15.68
C ARG C 58 -43.72 -48.32 -16.06
N ARG C 59 -44.54 -48.87 -16.95
CA ARG C 59 -45.74 -48.18 -17.39
C ARG C 59 -46.66 -47.91 -16.21
N LEU C 60 -46.68 -48.83 -15.26
CA LEU C 60 -47.47 -48.65 -14.04
C LEU C 60 -46.99 -47.43 -13.28
N ALA C 61 -45.67 -47.26 -13.19
CA ALA C 61 -45.11 -46.03 -12.65
C ALA C 61 -45.47 -44.86 -13.55
N SER C 62 -45.37 -45.05 -14.87
CA SER C 62 -45.71 -44.01 -15.85
C SER C 62 -47.06 -43.36 -15.56
N LYS C 63 -48.00 -44.15 -15.06
CA LYS C 63 -49.38 -43.68 -14.91
C LYS C 63 -49.82 -43.43 -13.48
N SER C 64 -48.97 -43.73 -12.51
CA SER C 64 -49.37 -43.60 -11.12
C SER C 64 -48.90 -42.31 -10.44
N PHE C 65 -47.59 -42.09 -10.45
CA PHE C 65 -46.99 -41.06 -9.62
C PHE C 65 -47.07 -41.44 -8.16
N THR C 66 -48.29 -41.54 -7.64
CA THR C 66 -48.47 -41.98 -6.27
C THR C 66 -47.64 -43.25 -6.08
N PHE C 67 -47.47 -44.01 -7.16
CA PHE C 67 -46.58 -45.18 -7.18
C PHE C 67 -45.13 -44.71 -7.11
N LEU C 68 -44.70 -43.96 -8.11
CA LEU C 68 -43.34 -43.40 -8.16
C LEU C 68 -42.94 -42.76 -6.84
N CYS C 69 -43.71 -41.76 -6.42
CA CYS C 69 -43.53 -41.12 -5.13
C CYS C 69 -43.15 -42.13 -4.05
N GLN C 70 -43.88 -43.24 -3.98
CA GLN C 70 -43.64 -44.26 -2.97
C GLN C 70 -42.30 -44.96 -3.15
N ILE C 71 -41.97 -45.30 -4.40
CA ILE C 71 -40.70 -45.94 -4.71
C ILE C 71 -39.56 -45.04 -4.25
N VAL C 72 -39.78 -43.73 -4.34
CA VAL C 72 -38.78 -42.75 -3.96
C VAL C 72 -38.63 -42.64 -2.45
N THR C 73 -39.74 -42.36 -1.76
CA THR C 73 -39.71 -42.20 -0.31
C THR C 73 -39.27 -43.49 0.39
N PHE C 74 -39.44 -44.62 -0.29
CA PHE C 74 -38.99 -45.91 0.25
C PHE C 74 -37.49 -46.06 0.07
N SER C 75 -36.95 -45.41 -0.96
CA SER C 75 -35.53 -45.52 -1.25
C SER C 75 -34.68 -44.81 -0.21
N ARG C 76 -35.13 -43.63 0.21
CA ARG C 76 -34.36 -42.85 1.17
C ARG C 76 -34.55 -43.37 2.59
N THR C 77 -35.68 -44.02 2.87
CA THR C 77 -35.83 -44.70 4.16
C THR C 77 -34.71 -45.73 4.26
N ILE C 78 -34.74 -46.71 3.36
CA ILE C 78 -33.69 -47.70 3.26
C ILE C 78 -32.32 -47.03 3.18
N GLY C 83 -25.86 -52.61 4.10
CA GLY C 83 -25.21 -52.42 2.80
C GLY C 83 -26.05 -51.63 1.83
N LEU C 84 -25.44 -51.21 0.73
CA LEU C 84 -26.14 -50.38 -0.27
C LEU C 84 -26.82 -51.18 -1.37
N GLN C 85 -26.73 -52.51 -1.32
CA GLN C 85 -27.25 -53.36 -2.39
C GLN C 85 -28.72 -53.11 -2.74
N GLU C 86 -29.57 -53.08 -1.73
CA GLU C 86 -31.01 -52.90 -1.95
C GLU C 86 -31.35 -51.55 -2.58
N ILE C 87 -30.70 -50.49 -2.11
CA ILE C 87 -30.97 -49.15 -2.64
C ILE C 87 -30.50 -49.02 -4.09
N ARG C 88 -29.44 -49.72 -4.44
CA ARG C 88 -28.91 -49.70 -5.80
C ARG C 88 -29.86 -50.38 -6.78
N ILE C 89 -30.64 -51.33 -6.27
CA ILE C 89 -31.66 -51.95 -7.08
C ILE C 89 -32.76 -50.92 -7.32
N TYR C 90 -33.25 -50.30 -6.24
CA TYR C 90 -34.30 -49.29 -6.34
C TYR C 90 -33.87 -48.11 -7.21
N GLN C 91 -32.61 -47.72 -7.08
CA GLN C 91 -32.05 -46.66 -7.91
C GLN C 91 -32.22 -47.03 -9.38
N GLU C 92 -31.87 -48.27 -9.71
CA GLU C 92 -31.99 -48.80 -11.06
C GLU C 92 -33.35 -48.49 -11.65
N ILE C 93 -34.38 -49.01 -11.00
CA ILE C 93 -35.76 -48.83 -11.42
C ILE C 93 -36.10 -47.36 -11.58
N LEU C 94 -35.72 -46.55 -10.59
CA LEU C 94 -35.98 -45.12 -10.65
C LEU C 94 -35.37 -44.49 -11.91
N GLU C 95 -34.10 -44.74 -12.17
CA GLU C 95 -33.49 -44.17 -13.37
C GLU C 95 -34.16 -44.68 -14.66
N ASP C 96 -34.40 -45.99 -14.75
CA ASP C 96 -35.03 -46.56 -15.94
C ASP C 96 -36.40 -45.95 -16.16
N ILE C 97 -37.08 -45.62 -15.07
CA ILE C 97 -38.41 -45.05 -15.19
C ILE C 97 -38.35 -43.77 -16.02
N ILE C 98 -37.66 -42.75 -15.51
CA ILE C 98 -37.53 -41.47 -16.22
C ILE C 98 -36.71 -41.59 -17.49
N SER C 99 -35.88 -42.62 -17.55
CA SER C 99 -35.10 -42.86 -18.74
C SER C 99 -36.00 -43.33 -19.89
N PHE C 100 -36.64 -44.48 -19.70
CA PHE C 100 -37.42 -45.14 -20.76
C PHE C 100 -38.84 -44.62 -20.89
N GLU C 101 -39.41 -44.11 -19.81
CA GLU C 101 -40.74 -43.52 -19.88
C GLU C 101 -40.70 -41.99 -19.75
N PRO C 102 -40.49 -41.30 -20.88
CA PRO C 102 -40.36 -39.85 -20.88
C PRO C 102 -41.71 -39.16 -20.68
N GLY C 103 -42.76 -39.96 -20.58
CA GLY C 103 -44.11 -39.41 -20.41
C GLY C 103 -44.43 -38.96 -18.99
N CYS C 104 -43.84 -39.62 -18.01
CA CYS C 104 -44.21 -39.39 -16.61
C CYS C 104 -44.71 -37.98 -16.34
N LEU C 105 -43.86 -36.99 -16.56
CA LEU C 105 -44.19 -35.62 -16.19
C LEU C 105 -45.51 -35.20 -16.80
N THR C 106 -45.62 -35.36 -18.11
CA THR C 106 -46.83 -34.98 -18.82
C THR C 106 -48.05 -35.84 -18.39
N PHE C 107 -47.82 -37.12 -18.06
CA PHE C 107 -48.91 -37.96 -17.53
C PHE C 107 -49.41 -37.41 -16.19
N TYR C 108 -48.49 -37.16 -15.26
CA TYR C 108 -48.84 -36.65 -13.94
C TYR C 108 -49.53 -35.30 -14.04
N LEU C 109 -49.13 -34.51 -15.04
CA LEU C 109 -49.74 -33.21 -15.26
C LEU C 109 -51.26 -33.36 -15.32
N LYS C 110 -51.74 -34.28 -16.14
CA LYS C 110 -53.17 -34.50 -16.29
C LYS C 110 -53.81 -35.14 -15.06
N ALA C 111 -53.17 -36.19 -14.56
CA ALA C 111 -53.75 -37.01 -13.49
C ALA C 111 -53.73 -36.35 -12.10
N SER C 112 -52.58 -35.88 -11.66
CA SER C 112 -52.43 -35.47 -10.26
C SER C 112 -52.23 -33.97 -10.05
N THR C 113 -52.98 -33.16 -10.79
CA THR C 113 -52.89 -31.70 -10.63
C THR C 113 -54.18 -31.08 -10.08
N THR C 114 -54.95 -31.88 -9.36
CA THR C 114 -56.25 -31.45 -8.87
C THR C 114 -56.19 -30.55 -7.65
N SER C 115 -55.00 -30.42 -7.06
CA SER C 115 -54.84 -29.63 -5.86
C SER C 115 -53.44 -29.07 -5.81
N LYS C 116 -53.23 -28.02 -5.03
CA LYS C 116 -51.90 -27.45 -4.88
C LYS C 116 -50.98 -28.43 -4.16
N ALA C 117 -51.56 -29.25 -3.28
CA ALA C 117 -50.82 -30.23 -2.51
C ALA C 117 -50.14 -31.26 -3.42
N ASP C 118 -50.90 -31.77 -4.39
CA ASP C 118 -50.38 -32.74 -5.35
C ASP C 118 -49.36 -32.11 -6.28
N ARG C 119 -49.65 -30.90 -6.76
CA ARG C 119 -48.74 -30.20 -7.66
C ARG C 119 -47.39 -29.99 -7.00
N ASP C 120 -47.43 -29.51 -5.76
CA ASP C 120 -46.22 -29.20 -5.04
C ASP C 120 -45.42 -30.45 -4.73
N SER C 121 -46.11 -31.54 -4.37
CA SER C 121 -45.41 -32.79 -4.15
C SER C 121 -44.76 -33.31 -5.44
N ILE C 122 -45.39 -33.03 -6.59
CA ILE C 122 -44.83 -33.48 -7.87
C ILE C 122 -43.64 -32.61 -8.28
N LYS C 123 -43.69 -31.34 -7.90
CA LYS C 123 -42.60 -30.41 -8.13
C LYS C 123 -41.41 -30.84 -7.28
N ALA C 124 -41.67 -31.08 -6.01
CA ALA C 124 -40.61 -31.46 -5.07
C ALA C 124 -39.93 -32.76 -5.47
N LEU C 125 -40.67 -33.64 -6.14
CA LEU C 125 -40.10 -34.89 -6.60
C LEU C 125 -39.16 -34.66 -7.76
N PHE C 126 -39.67 -33.99 -8.80
CA PHE C 126 -38.92 -33.77 -10.02
C PHE C 126 -37.89 -32.64 -9.94
N PHE C 127 -38.32 -31.47 -9.49
CA PHE C 127 -37.52 -30.27 -9.66
C PHE C 127 -36.78 -29.75 -8.42
N GLY C 128 -37.44 -29.73 -7.27
CA GLY C 128 -36.69 -29.47 -6.02
C GLY C 128 -35.75 -30.65 -5.98
N SER C 129 -36.27 -31.71 -6.60
CA SER C 129 -35.64 -33.01 -6.86
C SER C 129 -35.26 -33.88 -5.69
N LYS C 130 -36.27 -34.47 -5.06
CA LYS C 130 -36.04 -35.55 -4.13
C LYS C 130 -35.67 -36.77 -4.94
N LEU C 131 -36.19 -36.86 -6.16
CA LEU C 131 -35.83 -37.95 -7.04
C LEU C 131 -34.32 -37.93 -7.28
N PHE C 132 -33.81 -36.77 -7.70
CA PHE C 132 -32.40 -36.68 -8.04
C PHE C 132 -31.52 -36.99 -6.85
N ASN C 133 -31.98 -36.64 -5.65
CA ASN C 133 -31.20 -36.87 -4.44
C ASN C 133 -30.97 -38.34 -4.17
N VAL C 134 -31.94 -39.17 -4.53
CA VAL C 134 -31.77 -40.59 -4.33
C VAL C 134 -31.00 -41.19 -5.49
N LEU C 135 -30.94 -40.48 -6.61
CA LEU C 135 -30.17 -40.91 -7.77
C LEU C 135 -28.79 -40.28 -7.80
N ALA C 136 -28.50 -39.43 -6.82
CA ALA C 136 -27.28 -38.63 -6.81
C ALA C 136 -26.01 -39.48 -6.83
N ASN C 137 -26.04 -40.61 -6.12
CA ASN C 137 -24.89 -41.50 -6.12
C ASN C 137 -24.76 -42.35 -7.37
N ARG C 138 -25.65 -42.13 -8.33
CA ARG C 138 -25.72 -42.98 -9.52
C ARG C 138 -25.51 -42.18 -10.78
N ILE C 139 -26.08 -40.98 -10.79
CA ILE C 139 -26.04 -40.11 -11.95
C ILE C 139 -25.83 -38.69 -11.46
N ASP C 140 -25.26 -37.84 -12.31
CA ASP C 140 -24.98 -36.47 -11.91
C ASP C 140 -26.03 -35.51 -12.46
N MET C 141 -25.99 -34.27 -11.97
CA MET C 141 -27.00 -33.30 -12.29
C MET C 141 -27.15 -33.08 -13.78
N ALA C 142 -26.04 -33.07 -14.51
CA ALA C 142 -26.11 -32.84 -15.95
C ALA C 142 -26.94 -33.96 -16.61
N LYS C 143 -26.63 -35.21 -16.28
CA LYS C 143 -27.37 -36.35 -16.83
C LYS C 143 -28.85 -36.25 -16.44
N TYR C 144 -29.10 -35.89 -15.17
CA TYR C 144 -30.46 -35.78 -14.69
C TYR C 144 -31.23 -34.74 -15.50
N LEU C 145 -30.62 -33.57 -15.68
CA LEU C 145 -31.22 -32.53 -16.50
C LEU C 145 -31.48 -33.04 -17.91
N GLY C 146 -30.58 -33.88 -18.40
CA GLY C 146 -30.75 -34.50 -19.72
C GLY C 146 -32.10 -35.21 -19.78
N TYR C 147 -32.40 -35.98 -18.74
CA TYR C 147 -33.68 -36.67 -18.65
C TYR C 147 -34.83 -35.67 -18.52
N LEU C 148 -34.65 -34.72 -17.61
CA LEU C 148 -35.63 -33.67 -17.38
C LEU C 148 -36.00 -32.99 -18.69
N ARG C 149 -35.00 -32.78 -19.54
CA ARG C 149 -35.26 -32.13 -20.82
C ARG C 149 -36.21 -32.96 -21.66
N LEU C 150 -35.92 -34.27 -21.74
CA LEU C 150 -36.77 -35.22 -22.46
C LEU C 150 -38.16 -35.29 -21.84
N GLN C 151 -38.25 -35.08 -20.53
CA GLN C 151 -39.54 -35.07 -19.87
C GLN C 151 -40.37 -33.89 -20.39
N TRP C 152 -39.74 -32.72 -20.48
CA TRP C 152 -40.41 -31.54 -21.03
C TRP C 152 -40.73 -31.69 -22.51
N LYS C 153 -39.80 -32.26 -23.26
CA LYS C 153 -39.99 -32.41 -24.69
C LYS C 153 -41.25 -33.24 -24.96
N PHE C 154 -41.46 -34.30 -24.18
CA PHE C 154 -42.64 -35.15 -24.36
C PHE C 154 -43.93 -34.36 -24.13
N LEU C 155 -43.99 -33.65 -23.01
CA LEU C 155 -45.14 -32.80 -22.72
C LEU C 155 -45.28 -31.73 -23.78
N LEU C 156 -44.15 -31.35 -24.38
CA LEU C 156 -44.13 -30.27 -25.34
C LEU C 156 -44.68 -30.74 -26.68
N GLU C 157 -44.74 -32.05 -26.85
CA GLU C 157 -45.23 -32.62 -28.09
C GLU C 157 -46.57 -33.30 -27.90
N SER C 158 -47.06 -33.27 -26.67
CA SER C 158 -48.37 -33.81 -26.40
C SER C 158 -49.43 -32.83 -26.87
N ASN C 159 -50.70 -33.19 -26.71
CA ASN C 159 -51.80 -32.31 -27.10
C ASN C 159 -52.33 -31.50 -25.94
N GLU C 160 -51.44 -31.17 -25.02
CA GLU C 160 -51.78 -30.29 -23.91
C GLU C 160 -51.59 -28.84 -24.35
N THR C 161 -52.67 -28.07 -24.28
CA THR C 161 -52.69 -26.70 -24.75
C THR C 161 -53.08 -25.75 -23.61
N ASP C 162 -52.76 -24.47 -23.74
CA ASP C 162 -53.18 -23.49 -22.73
C ASP C 162 -52.64 -23.87 -21.36
N PRO C 163 -51.32 -24.04 -21.27
CA PRO C 163 -50.72 -24.54 -20.05
C PRO C 163 -51.20 -23.76 -18.83
N PRO C 164 -51.40 -24.46 -17.71
CA PRO C 164 -51.83 -24.03 -16.39
C PRO C 164 -51.28 -22.69 -15.96
N GLY C 165 -50.09 -22.68 -15.39
CA GLY C 165 -49.55 -21.47 -14.81
C GLY C 165 -48.61 -21.89 -13.71
N PHE C 166 -49.01 -22.91 -12.97
CA PHE C 166 -48.10 -23.57 -12.04
C PHE C 166 -47.03 -24.26 -12.88
N LEU C 167 -47.36 -24.53 -14.14
CA LEU C 167 -46.38 -25.09 -15.07
C LEU C 167 -45.22 -24.12 -15.17
N GLY C 168 -45.51 -22.84 -15.01
CA GLY C 168 -44.47 -21.83 -14.97
C GLY C 168 -43.52 -22.06 -13.81
N GLU C 169 -44.10 -22.29 -12.62
CA GLU C 169 -43.29 -22.62 -11.45
C GLU C 169 -42.38 -23.80 -11.74
N TRP C 170 -42.98 -24.86 -12.27
CA TRP C 170 -42.23 -26.08 -12.53
C TRP C 170 -41.01 -25.79 -13.38
N LEU C 171 -41.19 -24.99 -14.43
CA LEU C 171 -40.07 -24.64 -15.28
C LEU C 171 -39.02 -23.85 -14.50
N VAL C 172 -39.45 -22.88 -13.72
CA VAL C 172 -38.52 -22.11 -12.91
C VAL C 172 -37.72 -23.04 -12.03
N SER C 173 -38.40 -24.01 -11.43
CA SER C 173 -37.72 -24.97 -10.55
C SER C 173 -36.76 -25.84 -11.34
N SER C 174 -37.11 -26.12 -12.59
CA SER C 174 -36.22 -26.85 -13.48
C SER C 174 -34.92 -26.10 -13.69
N PHE C 175 -35.03 -24.81 -14.00
CA PHE C 175 -33.85 -23.99 -14.23
C PHE C 175 -33.02 -23.87 -12.96
N LEU C 176 -33.70 -23.74 -11.84
CA LEU C 176 -33.01 -23.52 -10.59
C LEU C 176 -32.11 -24.69 -10.20
N LEU C 177 -32.40 -25.88 -10.70
CA LEU C 177 -31.55 -27.04 -10.45
C LEU C 177 -30.08 -26.73 -10.76
N ASN C 178 -29.84 -26.19 -11.94
CA ASN C 178 -28.55 -25.63 -12.33
C ASN C 178 -28.81 -24.72 -13.52
N PRO C 179 -28.86 -23.42 -13.25
CA PRO C 179 -29.19 -22.44 -14.28
C PRO C 179 -28.40 -22.64 -15.57
N VAL C 180 -27.08 -22.69 -15.46
CA VAL C 180 -26.21 -22.81 -16.61
C VAL C 180 -26.48 -24.09 -17.40
N LEU C 181 -26.58 -25.22 -16.69
CA LEU C 181 -26.81 -26.48 -17.37
C LEU C 181 -28.25 -26.52 -17.89
N ALA C 182 -29.17 -26.04 -17.07
CA ALA C 182 -30.57 -26.05 -17.43
C ALA C 182 -30.77 -25.20 -18.67
N ALA C 183 -30.07 -24.07 -18.73
CA ALA C 183 -30.19 -23.17 -19.87
C ALA C 183 -29.71 -23.85 -21.14
N ASP C 184 -28.54 -24.51 -21.09
CA ASP C 184 -28.06 -25.25 -22.25
C ASP C 184 -29.11 -26.20 -22.77
N MET C 185 -29.67 -27.01 -21.89
CA MET C 185 -30.56 -28.08 -22.32
C MET C 185 -31.99 -27.66 -22.55
N LEU C 186 -32.58 -26.90 -21.63
CA LEU C 186 -33.97 -26.49 -21.78
C LEU C 186 -34.16 -25.35 -22.80
N LEU C 187 -33.23 -24.40 -22.80
CA LEU C 187 -33.29 -23.29 -23.73
C LEU C 187 -32.62 -23.65 -25.03
N GLY C 188 -31.28 -23.67 -25.03
CA GLY C 188 -30.51 -23.93 -26.23
C GLY C 188 -30.93 -25.18 -26.99
N GLU C 189 -31.25 -26.25 -26.26
CA GLU C 189 -31.56 -27.55 -26.86
C GLU C 189 -33.03 -27.97 -26.76
N LEU C 190 -33.92 -27.01 -26.55
CA LEU C 190 -35.35 -27.31 -26.56
C LEU C 190 -36.19 -26.12 -26.99
N PHE C 191 -36.42 -25.18 -26.06
CA PHE C 191 -37.31 -24.06 -26.32
C PHE C 191 -36.83 -23.10 -27.40
N LEU C 192 -35.53 -23.15 -27.70
CA LEU C 192 -34.97 -22.28 -28.72
C LEU C 192 -34.60 -23.06 -29.98
N LEU C 193 -35.07 -24.30 -30.06
CA LEU C 193 -34.81 -25.13 -31.24
C LEU C 193 -35.61 -24.69 -32.46
N LYS C 194 -36.94 -24.69 -32.33
CA LYS C 194 -37.83 -24.46 -33.47
C LYS C 194 -38.95 -23.52 -33.06
N GLU C 195 -39.81 -23.17 -34.01
CA GLU C 195 -40.96 -22.31 -33.71
C GLU C 195 -41.97 -23.05 -32.81
N SER C 196 -42.32 -24.25 -33.22
CA SER C 196 -43.18 -25.13 -32.43
C SER C 196 -42.86 -25.05 -30.93
N TYR C 197 -41.62 -25.32 -30.56
CA TYR C 197 -41.23 -25.35 -29.15
C TYR C 197 -41.20 -23.97 -28.49
N PHE C 198 -40.72 -22.97 -29.24
CA PHE C 198 -40.65 -21.63 -28.72
C PHE C 198 -42.05 -21.06 -28.50
N PHE C 199 -42.97 -21.45 -29.36
CA PHE C 199 -44.36 -21.04 -29.22
C PHE C 199 -44.90 -21.58 -27.91
N SER C 200 -44.58 -22.85 -27.62
CA SER C 200 -44.95 -23.47 -26.35
C SER C 200 -44.41 -22.65 -25.19
N PHE C 201 -43.15 -22.27 -25.32
CA PHE C 201 -42.46 -21.50 -24.29
C PHE C 201 -43.21 -20.20 -23.99
N GLN C 202 -43.59 -19.46 -25.03
CA GLN C 202 -44.34 -18.21 -24.84
C GLN C 202 -45.60 -18.46 -24.04
N LYS C 203 -46.39 -19.43 -24.50
CA LYS C 203 -47.64 -19.77 -23.84
C LYS C 203 -47.40 -20.05 -22.36
N ILE C 204 -46.35 -20.81 -22.07
CA ILE C 204 -46.06 -21.23 -20.71
C ILE C 204 -45.72 -20.06 -19.80
N ILE C 205 -45.04 -19.06 -20.33
CA ILE C 205 -44.69 -17.91 -19.49
C ILE C 205 -45.75 -16.82 -19.58
N SER C 206 -46.47 -16.74 -20.68
CA SER C 206 -47.50 -15.72 -20.78
C SER C 206 -48.69 -16.11 -19.93
N ALA C 207 -48.89 -17.41 -19.75
CA ALA C 207 -49.97 -17.91 -18.91
C ALA C 207 -49.42 -18.21 -17.53
N SER C 208 -48.40 -17.47 -17.14
CA SER C 208 -47.68 -17.76 -15.92
C SER C 208 -47.64 -16.52 -15.02
N SER C 209 -47.54 -16.74 -13.71
CA SER C 209 -47.41 -15.65 -12.74
C SER C 209 -46.43 -14.53 -13.17
N LEU C 210 -46.69 -13.24 -12.88
CA LEU C 210 -45.78 -12.11 -13.28
C LEU C 210 -44.41 -12.24 -12.66
N ILE C 211 -44.38 -12.56 -11.36
CA ILE C 211 -43.12 -12.73 -10.64
C ILE C 211 -42.28 -13.81 -11.30
N ASP C 212 -42.90 -14.96 -11.59
CA ASP C 212 -42.25 -16.03 -12.33
C ASP C 212 -41.87 -15.61 -13.74
N GLN C 213 -42.70 -14.78 -14.35
CA GLN C 213 -42.41 -14.29 -15.68
C GLN C 213 -41.05 -13.62 -15.67
N LYS C 214 -40.81 -12.79 -14.67
CA LYS C 214 -39.52 -12.09 -14.56
C LYS C 214 -38.35 -13.04 -14.39
N ARG C 215 -38.54 -14.10 -13.61
CA ARG C 215 -37.47 -15.05 -13.37
C ARG C 215 -37.12 -15.77 -14.66
N LEU C 216 -38.12 -16.37 -15.28
CA LEU C 216 -37.92 -17.05 -16.55
C LEU C 216 -37.20 -16.17 -17.57
N ILE C 217 -37.69 -14.95 -17.77
CA ILE C 217 -37.14 -14.10 -18.82
C ILE C 217 -35.87 -13.35 -18.44
N ALA C 218 -35.87 -12.74 -17.25
CA ALA C 218 -34.76 -11.90 -16.82
C ALA C 218 -33.62 -12.69 -16.19
N LYS C 219 -33.94 -13.69 -15.39
CA LYS C 219 -32.90 -14.43 -14.69
C LYS C 219 -32.46 -15.75 -15.36
N PHE C 220 -33.16 -16.15 -16.43
CA PHE C 220 -32.79 -17.39 -17.13
C PHE C 220 -32.62 -17.22 -18.65
N LEU C 221 -33.65 -16.72 -19.32
CA LEU C 221 -33.55 -16.48 -20.75
C LEU C 221 -32.44 -15.49 -21.06
N LEU C 222 -32.56 -14.27 -20.54
CA LEU C 222 -31.59 -13.22 -20.85
C LEU C 222 -30.13 -13.62 -20.76
N PRO C 223 -29.71 -14.10 -19.59
CA PRO C 223 -28.33 -14.48 -19.41
C PRO C 223 -27.90 -15.50 -20.45
N TYR C 224 -28.79 -16.43 -20.82
CA TYR C 224 -28.44 -17.39 -21.86
C TYR C 224 -28.28 -16.68 -23.19
N ILE C 225 -29.25 -15.82 -23.52
CA ILE C 225 -29.15 -15.05 -24.75
C ILE C 225 -27.81 -14.32 -24.79
N GLN C 226 -27.36 -13.88 -23.63
CA GLN C 226 -26.14 -13.11 -23.59
C GLN C 226 -24.93 -13.99 -23.87
N VAL C 227 -25.07 -15.28 -23.59
CA VAL C 227 -23.99 -16.22 -23.79
C VAL C 227 -23.82 -16.50 -25.27
N ILE C 228 -24.92 -16.46 -26.01
CA ILE C 228 -24.89 -16.83 -27.42
C ILE C 228 -24.88 -15.63 -28.35
N VAL C 229 -25.57 -14.57 -27.96
CA VAL C 229 -25.70 -13.39 -28.82
C VAL C 229 -24.41 -13.04 -29.57
N THR C 230 -24.51 -13.01 -30.89
CA THR C 230 -23.48 -12.45 -31.77
C THR C 230 -24.08 -11.31 -32.58
N LEU C 231 -23.25 -10.62 -33.36
CA LEU C 231 -23.77 -9.60 -34.24
C LEU C 231 -24.72 -10.19 -35.28
N GLU C 232 -24.41 -11.38 -35.79
CA GLU C 232 -25.33 -12.04 -36.71
C GLU C 232 -26.56 -12.58 -35.99
N ASN C 233 -26.41 -12.93 -34.72
CA ASN C 233 -27.55 -13.33 -33.91
C ASN C 233 -28.51 -12.21 -33.67
N LEU C 234 -27.93 -11.03 -33.49
CA LEU C 234 -28.64 -9.92 -32.87
C LEU C 234 -30.05 -9.84 -33.39
N ASN C 235 -30.19 -9.80 -34.71
CA ASN C 235 -31.48 -9.63 -35.34
C ASN C 235 -32.50 -10.67 -34.90
N ASP C 236 -32.09 -11.93 -34.92
CA ASP C 236 -32.96 -13.01 -34.50
C ASP C 236 -33.23 -12.99 -33.00
N VAL C 237 -32.33 -12.41 -32.23
CA VAL C 237 -32.58 -12.36 -30.79
C VAL C 237 -33.58 -11.26 -30.45
N ARG C 238 -33.53 -10.14 -31.16
CA ARG C 238 -34.53 -9.11 -30.91
C ARG C 238 -35.89 -9.60 -31.37
N LYS C 239 -35.90 -10.43 -32.41
CA LYS C 239 -37.15 -11.04 -32.84
C LYS C 239 -37.71 -11.84 -31.68
N ILE C 240 -36.82 -12.46 -30.89
CA ILE C 240 -37.26 -13.28 -29.76
C ILE C 240 -37.67 -12.47 -28.56
N LEU C 241 -37.08 -11.30 -28.37
CA LEU C 241 -37.40 -10.52 -27.19
C LEU C 241 -38.67 -9.70 -27.43
N ARG C 242 -38.86 -9.25 -28.67
CA ARG C 242 -40.05 -8.49 -29.01
C ARG C 242 -41.27 -9.37 -28.76
N ARG C 243 -41.07 -10.68 -28.75
CA ARG C 243 -42.16 -11.63 -28.55
C ARG C 243 -42.66 -11.66 -27.10
N PHE C 244 -42.02 -10.90 -26.21
CA PHE C 244 -42.42 -10.84 -24.81
C PHE C 244 -42.74 -9.43 -24.38
N ASP C 245 -43.54 -9.32 -23.32
CA ASP C 245 -43.84 -8.02 -22.74
C ASP C 245 -42.67 -7.55 -21.87
N LEU C 246 -41.69 -6.94 -22.51
CA LEU C 246 -40.48 -6.52 -21.81
C LEU C 246 -40.74 -5.37 -20.87
N ASP C 247 -41.82 -4.65 -21.12
CA ASP C 247 -42.10 -3.44 -20.37
C ASP C 247 -42.43 -3.76 -18.91
N LYS C 248 -43.06 -4.91 -18.69
CA LYS C 248 -43.40 -5.36 -17.33
C LYS C 248 -42.24 -6.10 -16.66
N ILE C 249 -41.37 -6.70 -17.47
CA ILE C 249 -40.40 -7.68 -16.97
C ILE C 249 -38.99 -7.14 -16.67
N ILE C 250 -38.59 -6.07 -17.34
CA ILE C 250 -37.20 -5.62 -17.29
C ILE C 250 -36.97 -4.38 -16.43
N SER C 251 -36.24 -4.51 -15.33
CA SER C 251 -35.92 -3.36 -14.49
C SER C 251 -34.54 -2.79 -14.85
N LEU C 252 -34.28 -1.58 -14.41
CA LEU C 252 -32.94 -1.02 -14.61
C LEU C 252 -31.83 -2.01 -14.24
N SER C 253 -31.88 -2.51 -13.01
CA SER C 253 -30.80 -3.37 -12.52
C SER C 253 -30.52 -4.47 -13.51
N VAL C 254 -31.56 -5.00 -14.15
CA VAL C 254 -31.40 -6.02 -15.18
C VAL C 254 -30.68 -5.44 -16.39
N LEU C 255 -31.09 -4.25 -16.79
CA LEU C 255 -30.50 -3.54 -17.91
C LEU C 255 -29.04 -3.16 -17.62
N PHE C 256 -28.75 -2.89 -16.35
CA PHE C 256 -27.38 -2.60 -15.93
C PHE C 256 -26.49 -3.83 -16.08
N GLU C 257 -27.00 -4.99 -15.66
CA GLU C 257 -26.22 -6.21 -15.67
C GLU C 257 -25.74 -6.60 -17.06
N ILE C 258 -26.57 -6.40 -18.08
CA ILE C 258 -26.26 -6.89 -19.42
C ILE C 258 -24.94 -6.34 -19.95
N GLN C 259 -23.99 -7.24 -20.21
CA GLN C 259 -22.68 -6.83 -20.63
C GLN C 259 -22.56 -6.46 -22.11
N SER C 260 -23.32 -7.13 -22.98
CA SER C 260 -23.21 -6.84 -24.42
C SER C 260 -23.86 -5.52 -24.78
N LEU C 261 -23.10 -4.58 -25.34
CA LEU C 261 -23.70 -3.28 -25.61
C LEU C 261 -24.80 -3.46 -26.65
N PRO C 262 -24.45 -4.04 -27.80
CA PRO C 262 -25.46 -4.23 -28.82
C PRO C 262 -26.73 -4.90 -28.26
N LEU C 263 -26.60 -5.87 -27.37
CA LEU C 263 -27.79 -6.47 -26.78
C LEU C 263 -28.49 -5.43 -25.91
N LYS C 264 -27.73 -4.74 -25.06
CA LYS C 264 -28.31 -3.70 -24.22
C LYS C 264 -29.13 -2.71 -25.06
N GLU C 265 -28.54 -2.20 -26.12
CA GLU C 265 -29.24 -1.33 -27.07
C GLU C 265 -30.54 -1.95 -27.60
N VAL C 266 -30.46 -3.15 -28.16
CA VAL C 266 -31.66 -3.85 -28.63
C VAL C 266 -32.81 -3.81 -27.62
N ILE C 267 -32.49 -3.98 -26.33
CA ILE C 267 -33.54 -3.95 -25.32
C ILE C 267 -34.04 -2.55 -25.03
N VAL C 268 -33.14 -1.58 -25.00
CA VAL C 268 -33.53 -0.19 -24.82
C VAL C 268 -34.55 0.20 -25.89
N ARG C 269 -34.39 -0.36 -27.07
CA ARG C 269 -35.22 0.06 -28.18
C ARG C 269 -36.51 -0.73 -28.30
N LEU C 270 -36.71 -1.70 -27.41
CA LEU C 270 -37.97 -2.42 -27.37
C LEU C 270 -38.88 -1.86 -26.30
N MET C 271 -38.42 -0.82 -25.61
CA MET C 271 -39.16 -0.25 -24.48
C MET C 271 -40.16 0.82 -24.88
N SER C 272 -41.34 0.79 -24.24
CA SER C 272 -42.32 1.85 -24.45
C SER C 272 -41.76 3.19 -23.99
N ASN C 273 -42.31 4.29 -24.47
CA ASN C 273 -41.86 5.61 -24.02
C ASN C 273 -42.18 5.80 -22.55
N HIS C 274 -43.21 5.12 -22.07
CA HIS C 274 -43.52 5.19 -20.66
C HIS C 274 -42.40 4.57 -19.84
N SER C 275 -42.01 3.35 -20.19
CA SER C 275 -40.85 2.76 -19.56
C SER C 275 -39.67 3.71 -19.73
N SER C 276 -39.45 4.20 -20.95
CA SER C 276 -38.29 5.04 -21.23
C SER C 276 -38.24 6.26 -20.33
N THR C 277 -39.38 6.88 -20.11
CA THR C 277 -39.41 8.09 -19.33
C THR C 277 -39.05 7.78 -17.86
N LYS C 278 -39.57 6.67 -17.33
CA LYS C 278 -39.25 6.22 -15.98
C LYS C 278 -37.76 5.94 -15.82
N PHE C 279 -37.20 5.09 -16.68
CA PHE C 279 -35.77 4.79 -16.63
C PHE C 279 -34.93 6.06 -16.74
N VAL C 280 -35.22 6.89 -17.74
CA VAL C 280 -34.44 8.12 -17.89
C VAL C 280 -34.43 8.92 -16.59
N SER C 281 -35.55 8.91 -15.88
CA SER C 281 -35.61 9.60 -14.60
C SER C 281 -34.69 8.91 -13.59
N ALA C 282 -34.90 7.61 -13.37
CA ALA C 282 -34.02 6.84 -12.52
C ALA C 282 -32.57 7.18 -12.87
N LEU C 283 -32.21 7.02 -14.13
CA LEU C 283 -30.86 7.24 -14.57
C LEU C 283 -30.39 8.63 -14.23
N VAL C 284 -31.20 9.64 -14.52
CA VAL C 284 -30.81 11.02 -14.22
C VAL C 284 -30.52 11.20 -12.74
N SER C 285 -31.40 10.72 -11.88
CA SER C 285 -31.16 10.80 -10.44
C SER C 285 -29.84 10.14 -10.09
N LYS C 286 -29.58 9.00 -10.69
CA LYS C 286 -28.38 8.24 -10.39
C LYS C 286 -27.16 9.01 -10.89
N PHE C 287 -27.34 9.67 -12.03
CA PHE C 287 -26.28 10.47 -12.61
C PHE C 287 -25.95 11.63 -11.69
N ALA C 288 -26.96 12.16 -11.02
CA ALA C 288 -26.77 13.32 -10.17
C ALA C 288 -26.12 12.86 -8.87
N ASP C 289 -26.40 11.64 -8.44
CA ASP C 289 -25.85 11.17 -7.17
C ASP C 289 -24.66 10.28 -7.41
N PHE C 290 -23.63 10.86 -7.99
CA PHE C 290 -22.58 10.08 -8.61
C PHE C 290 -21.38 9.84 -7.71
N THR C 291 -21.23 8.58 -7.32
CA THR C 291 -20.23 8.15 -6.35
C THR C 291 -19.29 7.11 -6.92
N ASP C 292 -19.89 6.13 -7.58
CA ASP C 292 -19.17 5.00 -8.13
C ASP C 292 -18.84 5.24 -9.61
N GLU C 293 -17.55 5.32 -9.92
CA GLU C 293 -17.09 5.54 -11.28
C GLU C 293 -17.58 4.46 -12.25
N GLU C 294 -17.41 3.21 -11.86
CA GLU C 294 -17.84 2.11 -12.73
C GLU C 294 -19.35 2.17 -12.96
N VAL C 295 -20.11 2.48 -11.92
CA VAL C 295 -21.57 2.52 -12.03
C VAL C 295 -22.02 3.76 -12.77
N ASP C 296 -21.26 4.84 -12.66
CA ASP C 296 -21.64 6.06 -13.36
C ASP C 296 -21.47 5.88 -14.85
N THR C 297 -20.44 5.13 -15.21
CA THR C 297 -20.17 4.86 -16.61
C THR C 297 -21.34 4.10 -17.23
N LYS C 298 -21.75 3.00 -16.59
CA LYS C 298 -22.86 2.22 -17.09
C LYS C 298 -24.10 3.09 -17.20
N THR C 299 -24.25 4.02 -16.25
CA THR C 299 -25.41 4.92 -16.17
C THR C 299 -25.42 5.92 -17.33
N CYS C 300 -24.28 6.54 -17.56
CA CYS C 300 -24.17 7.50 -18.64
C CYS C 300 -24.46 6.89 -19.98
N GLU C 301 -24.05 5.64 -20.19
CA GLU C 301 -24.30 5.12 -21.52
C GLU C 301 -25.75 4.73 -21.68
N LEU C 302 -26.37 4.22 -20.62
CA LEU C 302 -27.80 4.00 -20.64
C LEU C 302 -28.56 5.30 -20.93
N LEU C 303 -28.11 6.40 -20.34
CA LEU C 303 -28.68 7.68 -20.71
C LEU C 303 -28.56 7.87 -22.22
N VAL C 304 -27.32 7.99 -22.68
CA VAL C 304 -27.06 8.14 -24.09
C VAL C 304 -27.96 7.26 -24.94
N LEU C 305 -28.05 5.97 -24.59
CA LEU C 305 -28.92 5.05 -25.34
C LEU C 305 -30.36 5.55 -25.41
N PHE C 306 -31.01 5.74 -24.26
CA PHE C 306 -32.38 6.29 -24.25
C PHE C 306 -32.51 7.66 -24.91
N ALA C 307 -31.63 8.59 -24.51
CA ALA C 307 -31.71 9.95 -25.05
C ALA C 307 -31.67 9.90 -26.56
N VAL C 308 -30.86 8.99 -27.08
CA VAL C 308 -30.67 8.91 -28.52
C VAL C 308 -31.78 8.13 -29.23
N HIS C 309 -32.16 6.98 -28.69
CA HIS C 309 -33.08 6.11 -29.38
C HIS C 309 -34.55 6.30 -29.02
N ASN C 310 -34.83 6.72 -27.79
CA ASN C 310 -36.22 6.73 -27.34
C ASN C 310 -36.86 8.09 -27.08
N LEU C 311 -36.06 9.16 -26.99
CA LEU C 311 -36.62 10.48 -26.66
C LEU C 311 -36.67 11.45 -27.85
N ASN C 312 -37.65 12.35 -27.88
CA ASN C 312 -37.71 13.42 -28.88
C ASN C 312 -36.71 14.50 -28.60
N HIS C 313 -36.64 15.47 -29.51
CA HIS C 313 -35.79 16.60 -29.25
C HIS C 313 -36.18 17.30 -27.96
N SER C 314 -37.48 17.40 -27.70
CA SER C 314 -37.93 18.22 -26.58
C SER C 314 -37.76 17.53 -25.24
N GLN C 315 -38.09 16.24 -25.18
CA GLN C 315 -37.88 15.50 -23.93
C GLN C 315 -36.41 15.55 -23.53
N ARG C 316 -35.54 15.45 -24.53
CA ARG C 316 -34.12 15.53 -24.34
C ARG C 316 -33.79 16.89 -23.75
N GLU C 317 -34.43 17.94 -24.25
CA GLU C 317 -34.12 19.27 -23.78
C GLU C 317 -34.63 19.47 -22.37
N GLU C 318 -35.70 18.76 -22.02
CA GLU C 318 -36.21 18.82 -20.65
C GLU C 318 -35.18 18.35 -19.65
N ILE C 319 -34.59 17.19 -19.91
CA ILE C 319 -33.55 16.66 -19.04
C ILE C 319 -32.46 17.71 -18.90
N ALA C 320 -32.09 18.33 -20.02
CA ALA C 320 -31.02 19.31 -20.02
C ALA C 320 -31.29 20.43 -19.02
N HIS C 321 -32.55 20.61 -18.70
CA HIS C 321 -32.95 21.66 -17.77
C HIS C 321 -33.32 21.14 -16.41
N ASP C 322 -33.22 19.82 -16.24
CA ASP C 322 -33.53 19.21 -14.96
C ASP C 322 -32.50 19.72 -13.97
N GLU C 323 -32.95 20.18 -12.82
CA GLU C 323 -32.02 20.58 -11.77
C GLU C 323 -31.13 19.41 -11.40
N ARG C 324 -31.72 18.22 -11.37
CA ARG C 324 -30.98 17.00 -11.12
C ARG C 324 -29.85 16.86 -12.11
N PHE C 325 -30.18 16.91 -13.39
CA PHE C 325 -29.13 16.79 -14.39
C PHE C 325 -28.08 17.89 -14.24
N LEU C 326 -28.54 19.13 -14.11
CA LEU C 326 -27.63 20.27 -13.99
C LEU C 326 -26.68 20.10 -12.82
N ASN C 327 -27.20 19.66 -11.69
CA ASN C 327 -26.37 19.46 -10.52
C ASN C 327 -25.42 18.28 -10.74
N GLY C 328 -25.95 17.19 -11.29
CA GLY C 328 -25.10 16.06 -11.66
C GLY C 328 -23.96 16.46 -12.59
N VAL C 329 -24.17 17.46 -13.44
CA VAL C 329 -23.08 17.91 -14.29
C VAL C 329 -21.99 18.54 -13.44
N THR C 330 -22.41 19.36 -12.48
CA THR C 330 -21.46 20.06 -11.64
C THR C 330 -20.61 19.08 -10.85
N LYS C 331 -21.23 18.03 -10.36
CA LYS C 331 -20.50 17.05 -9.60
C LYS C 331 -19.53 16.27 -10.49
N HIS C 332 -19.90 16.07 -11.75
CA HIS C 332 -18.98 15.39 -12.67
C HIS C 332 -17.74 16.26 -12.96
N LEU C 333 -17.96 17.58 -13.01
CA LEU C 333 -16.87 18.47 -13.23
C LEU C 333 -15.98 18.46 -12.00
N GLY C 334 -16.58 18.22 -10.84
CA GLY C 334 -15.84 18.19 -9.58
C GLY C 334 -15.01 16.93 -9.45
N SER C 335 -15.17 16.04 -10.42
CA SER C 335 -14.41 14.81 -10.40
C SER C 335 -12.97 15.09 -10.75
N ASN C 336 -12.09 14.20 -10.32
CA ASN C 336 -10.70 14.28 -10.71
C ASN C 336 -10.44 13.24 -11.77
N GLU C 337 -11.44 12.40 -12.00
CA GLU C 337 -11.40 11.47 -13.11
C GLU C 337 -11.73 12.27 -14.35
N ARG C 338 -10.72 12.55 -15.16
CA ARG C 338 -10.96 13.31 -16.37
C ARG C 338 -12.09 12.69 -17.17
N GLU C 339 -12.10 11.37 -17.23
CA GLU C 339 -13.14 10.66 -17.95
C GLU C 339 -14.54 11.14 -17.53
N ALA C 340 -14.79 11.14 -16.22
CA ALA C 340 -16.08 11.54 -15.64
C ALA C 340 -16.49 12.94 -16.04
N ARG C 341 -15.54 13.86 -16.05
CA ARG C 341 -15.80 15.20 -16.54
C ARG C 341 -16.33 15.12 -17.97
N GLU C 342 -15.56 14.50 -18.84
CA GLU C 342 -15.93 14.35 -20.24
C GLU C 342 -17.29 13.73 -20.45
N ARG C 343 -17.55 12.62 -19.78
CA ARG C 343 -18.85 11.99 -19.82
C ARG C 343 -19.97 13.00 -19.68
N ALA C 344 -19.88 13.84 -18.65
CA ALA C 344 -20.93 14.83 -18.41
C ALA C 344 -21.02 15.79 -19.58
N MET C 345 -19.95 16.53 -19.80
CA MET C 345 -19.93 17.47 -20.91
C MET C 345 -20.48 16.87 -22.23
N PHE C 346 -20.26 15.59 -22.45
CA PHE C 346 -20.72 14.95 -23.67
C PHE C 346 -22.22 14.83 -23.64
N ILE C 347 -22.74 14.17 -22.61
CA ILE C 347 -24.18 14.04 -22.44
C ILE C 347 -24.90 15.38 -22.46
N ALA C 348 -24.23 16.45 -22.04
CA ALA C 348 -24.86 17.76 -21.94
C ALA C 348 -24.98 18.38 -23.34
N LYS C 349 -23.93 18.20 -24.12
CA LYS C 349 -23.94 18.61 -25.53
C LYS C 349 -24.99 17.78 -26.26
N LEU C 350 -25.10 16.51 -25.90
CA LEU C 350 -26.02 15.60 -26.58
C LEU C 350 -27.48 15.95 -26.33
N LEU C 351 -27.77 16.54 -25.18
CA LEU C 351 -29.16 16.72 -24.80
C LEU C 351 -29.76 18.01 -25.31
N SER C 352 -28.94 19.04 -25.44
CA SER C 352 -29.44 20.36 -25.74
C SER C 352 -28.39 21.14 -26.48
N GLY C 353 -28.78 22.27 -27.07
CA GLY C 353 -27.82 23.19 -27.69
C GLY C 353 -27.27 24.25 -26.74
N GLY C 354 -27.95 24.45 -25.61
CA GLY C 354 -27.54 25.45 -24.62
C GLY C 354 -27.07 24.79 -23.34
N HIS C 355 -25.77 24.57 -23.25
CA HIS C 355 -25.21 23.63 -22.27
C HIS C 355 -23.99 24.15 -21.51
N LEU C 356 -23.14 24.87 -22.24
CA LEU C 356 -21.80 25.27 -21.77
C LEU C 356 -20.86 24.78 -22.84
N LYS C 357 -20.41 25.68 -23.72
CA LYS C 357 -19.57 25.30 -24.85
C LYS C 357 -18.37 24.52 -24.35
N TYR C 358 -17.96 23.51 -25.10
CA TYR C 358 -16.93 22.64 -24.58
C TYR C 358 -16.37 21.69 -25.62
N GLU C 359 -15.25 22.07 -26.20
CA GLU C 359 -14.71 21.30 -27.30
C GLU C 359 -13.92 20.09 -26.85
N SER C 360 -14.38 18.92 -27.27
CA SER C 360 -13.58 17.72 -27.14
C SER C 360 -14.11 16.64 -28.06
N ASP C 361 -13.24 15.76 -28.52
CA ASP C 361 -13.67 14.70 -29.43
C ASP C 361 -14.25 13.54 -28.66
N PHE C 362 -14.23 13.63 -27.34
CA PHE C 362 -14.72 12.56 -26.51
C PHE C 362 -16.15 12.23 -26.92
N LYS C 363 -16.46 10.95 -26.99
CA LYS C 363 -17.86 10.56 -27.08
C LYS C 363 -18.17 9.29 -26.29
N ILE C 364 -19.45 8.97 -26.18
CA ILE C 364 -19.85 7.68 -25.66
C ILE C 364 -20.36 6.86 -26.85
N ASN C 365 -19.83 5.67 -27.05
CA ASN C 365 -20.10 4.97 -28.28
C ASN C 365 -21.30 4.07 -28.19
N ILE C 366 -22.48 4.63 -28.39
CA ILE C 366 -23.66 3.82 -28.56
C ILE C 366 -23.45 2.94 -29.82
N PRO C 367 -23.82 1.66 -29.72
CA PRO C 367 -23.82 0.78 -30.89
C PRO C 367 -24.34 1.47 -32.13
N ASN C 368 -25.61 1.23 -32.44
CA ASN C 368 -26.23 1.75 -33.67
C ASN C 368 -26.46 0.66 -34.71
N VAL C 369 -27.45 -0.20 -34.47
CA VAL C 369 -27.63 -1.37 -35.28
C VAL C 369 -28.92 -1.25 -36.06
N LYS C 370 -28.92 -1.64 -37.34
CA LYS C 370 -30.06 -1.34 -38.21
C LYS C 370 -31.00 -2.50 -38.51
N SER C 375 -35.30 -9.85 -42.08
CA SER C 375 -36.01 -9.59 -40.84
C SER C 375 -37.51 -9.38 -41.07
N ASP C 376 -38.28 -10.31 -40.53
CA ASP C 376 -39.70 -10.42 -40.80
C ASP C 376 -40.39 -10.96 -39.56
N ASP C 377 -41.05 -10.06 -38.85
CA ASP C 377 -42.04 -10.45 -37.88
C ASP C 377 -42.16 -11.96 -37.75
N LYS C 378 -41.42 -12.55 -36.82
CA LYS C 378 -41.78 -13.90 -36.40
C LYS C 378 -41.24 -15.03 -37.27
N ILE C 379 -40.49 -14.71 -38.31
CA ILE C 379 -39.71 -15.75 -38.97
C ILE C 379 -38.33 -15.70 -38.34
N ILE C 380 -38.08 -16.65 -37.43
CA ILE C 380 -36.85 -16.67 -36.65
C ILE C 380 -35.93 -17.79 -37.09
N ASP C 381 -34.65 -17.48 -37.19
CA ASP C 381 -33.68 -18.45 -37.65
C ASP C 381 -33.00 -19.11 -36.46
N PHE C 382 -33.67 -20.06 -35.85
CA PHE C 382 -33.14 -20.70 -34.67
C PHE C 382 -31.74 -21.28 -34.93
N GLN C 383 -31.51 -21.78 -36.14
CA GLN C 383 -30.19 -22.28 -36.52
C GLN C 383 -29.07 -21.32 -36.15
N SER C 384 -29.35 -20.02 -36.21
CA SER C 384 -28.30 -19.04 -35.97
C SER C 384 -27.99 -18.92 -34.48
N LEU C 385 -28.99 -19.21 -33.65
CA LEU C 385 -28.78 -19.24 -32.21
C LEU C 385 -27.98 -20.47 -31.83
N LYS C 386 -28.00 -21.49 -32.69
CA LYS C 386 -27.35 -22.75 -32.34
C LYS C 386 -25.96 -22.48 -31.83
N ARG C 387 -25.63 -23.20 -30.76
CA ARG C 387 -24.34 -23.04 -30.15
C ARG C 387 -23.33 -23.98 -30.74
N GLU C 388 -22.24 -23.39 -31.22
CA GLU C 388 -21.09 -24.13 -31.68
C GLU C 388 -20.79 -25.28 -30.72
N ILE C 389 -20.85 -26.53 -31.18
CA ILE C 389 -20.75 -27.70 -30.28
C ILE C 389 -19.67 -27.63 -29.19
N VAL C 390 -18.44 -27.33 -29.61
CA VAL C 390 -17.32 -27.21 -28.69
C VAL C 390 -17.51 -26.14 -27.61
N LYS C 391 -18.25 -25.09 -27.95
CA LYS C 391 -18.46 -23.98 -27.03
C LYS C 391 -19.33 -24.36 -25.85
N ARG C 392 -20.01 -25.50 -25.91
CA ARG C 392 -20.84 -25.86 -24.78
C ARG C 392 -20.29 -27.00 -23.94
N ILE C 393 -19.07 -27.42 -24.23
CA ILE C 393 -18.34 -28.28 -23.30
C ILE C 393 -18.21 -27.53 -21.98
N VAL C 394 -18.66 -28.14 -20.90
CA VAL C 394 -18.56 -27.47 -19.60
C VAL C 394 -17.59 -28.13 -18.64
N PHE C 395 -17.43 -29.45 -18.76
CA PHE C 395 -16.59 -30.22 -17.85
C PHE C 395 -15.25 -30.63 -18.47
N LEU C 396 -14.16 -30.52 -17.71
CA LEU C 396 -12.86 -30.94 -18.21
C LEU C 396 -12.95 -32.39 -18.66
N LYS C 397 -13.71 -33.18 -17.91
CA LYS C 397 -13.99 -34.55 -18.28
C LYS C 397 -14.21 -34.66 -19.80
N ASP C 398 -15.06 -33.77 -20.34
CA ASP C 398 -15.42 -33.81 -21.76
C ASP C 398 -14.38 -33.20 -22.70
N LEU C 399 -13.65 -32.20 -22.25
CA LEU C 399 -12.53 -31.70 -23.04
C LEU C 399 -11.62 -32.85 -23.38
N MET C 400 -11.25 -33.62 -22.37
CA MET C 400 -10.26 -34.66 -22.56
C MET C 400 -10.76 -35.69 -23.54
N LYS C 401 -12.08 -35.92 -23.54
CA LYS C 401 -12.62 -36.91 -24.45
C LYS C 401 -12.45 -36.41 -25.88
N GLU C 402 -12.50 -35.09 -26.07
CA GLU C 402 -12.31 -34.52 -27.40
C GLU C 402 -10.87 -34.69 -27.86
N TYR C 403 -9.92 -34.36 -26.99
CA TYR C 403 -8.52 -34.50 -27.33
C TYR C 403 -8.17 -35.93 -27.70
N GLU C 404 -8.98 -36.88 -27.26
CA GLU C 404 -8.72 -38.27 -27.59
C GLU C 404 -9.34 -38.68 -28.92
N LYS C 405 -9.85 -37.70 -29.65
CA LYS C 405 -10.37 -37.94 -30.99
C LYS C 405 -9.47 -37.25 -32.02
N SER C 409 -10.49 -40.87 -35.70
CA SER C 409 -11.17 -40.08 -36.71
C SER C 409 -11.65 -38.74 -36.14
N ARG C 410 -10.70 -37.91 -35.72
CA ARG C 410 -10.97 -36.54 -35.27
C ARG C 410 -11.64 -35.72 -36.39
N LYS C 411 -12.67 -34.97 -36.03
CA LYS C 411 -13.43 -34.18 -37.00
C LYS C 411 -12.71 -32.90 -37.46
N ALA C 412 -13.24 -31.73 -37.09
CA ALA C 412 -12.71 -30.44 -37.60
C ALA C 412 -11.79 -29.67 -36.64
N PRO C 413 -11.66 -28.34 -36.86
CA PRO C 413 -10.59 -27.46 -36.37
C PRO C 413 -10.21 -27.63 -34.89
N LEU C 414 -8.96 -27.31 -34.56
CA LEU C 414 -8.45 -27.46 -33.20
C LEU C 414 -8.40 -26.15 -32.41
N ILE C 415 -8.33 -25.03 -33.10
CA ILE C 415 -8.19 -23.77 -32.38
C ILE C 415 -9.39 -23.53 -31.47
N PRO C 416 -10.61 -23.82 -31.96
CA PRO C 416 -11.78 -23.76 -31.10
C PRO C 416 -11.57 -24.54 -29.79
N LEU C 417 -11.07 -25.77 -29.90
CA LEU C 417 -10.83 -26.62 -28.73
C LEU C 417 -9.79 -25.98 -27.80
N LEU C 418 -8.72 -25.46 -28.36
CA LEU C 418 -7.70 -24.85 -27.53
C LEU C 418 -8.27 -23.61 -26.86
N LYS C 419 -8.99 -22.81 -27.63
CA LYS C 419 -9.66 -21.64 -27.08
C LYS C 419 -10.56 -22.06 -25.93
N GLN C 420 -11.34 -23.11 -26.12
CA GLN C 420 -12.25 -23.58 -25.09
C GLN C 420 -11.48 -24.09 -23.88
N THR C 421 -10.31 -24.69 -24.10
CA THR C 421 -9.53 -25.22 -22.99
C THR C 421 -9.03 -24.09 -22.11
N VAL C 422 -8.65 -22.99 -22.74
CA VAL C 422 -8.23 -21.85 -21.95
C VAL C 422 -9.42 -21.36 -21.14
N LYS C 423 -10.54 -21.16 -21.80
CA LYS C 423 -11.71 -20.62 -21.15
C LYS C 423 -12.02 -21.41 -19.89
N LEU C 424 -12.24 -22.71 -20.06
CA LEU C 424 -12.60 -23.57 -18.95
C LEU C 424 -11.54 -23.66 -17.87
N ILE C 425 -10.31 -23.97 -18.23
CA ILE C 425 -9.32 -24.14 -17.21
C ILE C 425 -9.11 -22.88 -16.38
N ARG C 426 -9.20 -21.71 -17.01
CA ARG C 426 -8.93 -20.49 -16.28
C ARG C 426 -10.10 -20.11 -15.43
N GLN C 427 -11.30 -20.36 -15.92
CA GLN C 427 -12.50 -20.01 -15.19
C GLN C 427 -12.82 -21.13 -14.23
N LYS C 428 -12.38 -21.00 -12.98
CA LYS C 428 -12.59 -22.09 -12.03
C LYS C 428 -11.38 -23.01 -12.15
N ALA C 429 -11.59 -24.04 -12.97
CA ALA C 429 -10.66 -25.14 -13.20
C ALA C 429 -11.45 -26.45 -13.33
N PHE C 431 -12.65 -26.63 -9.60
CA PHE C 431 -11.27 -26.73 -9.12
C PHE C 431 -11.16 -27.67 -7.89
N GLN C 432 -9.91 -27.93 -7.49
CA GLN C 432 -9.55 -28.90 -6.43
C GLN C 432 -10.38 -30.19 -6.34
N LEU C 433 -11.28 -30.44 -7.30
CA LEU C 433 -12.08 -31.67 -7.29
C LEU C 433 -11.26 -32.90 -7.72
N GLU C 434 -11.60 -33.47 -8.86
CA GLU C 434 -10.77 -34.47 -9.51
C GLU C 434 -10.13 -33.78 -10.71
N VAL C 435 -9.85 -32.50 -10.54
CA VAL C 435 -9.42 -31.67 -11.65
C VAL C 435 -7.98 -31.94 -12.09
N GLY C 436 -7.12 -32.26 -11.13
CA GLY C 436 -5.71 -32.51 -11.43
C GLY C 436 -5.53 -33.60 -12.48
N TYR C 437 -6.36 -34.63 -12.41
CA TYR C 437 -6.26 -35.78 -13.30
C TYR C 437 -6.54 -35.40 -14.74
N TYR C 438 -7.66 -34.75 -14.98
CA TYR C 438 -8.04 -34.36 -16.34
C TYR C 438 -7.10 -33.32 -16.92
N ALA C 439 -6.75 -32.32 -16.13
CA ALA C 439 -5.86 -31.27 -16.60
C ALA C 439 -4.58 -31.90 -17.12
N GLN C 440 -4.10 -32.90 -16.39
CA GLN C 440 -2.87 -33.55 -16.74
C GLN C 440 -2.94 -34.22 -18.11
N GLY C 441 -3.98 -35.01 -18.34
CA GLY C 441 -4.19 -35.61 -19.64
C GLY C 441 -4.29 -34.52 -20.69
N ILE C 442 -5.17 -33.57 -20.47
CA ILE C 442 -5.34 -32.49 -21.43
C ILE C 442 -4.00 -31.87 -21.80
N LEU C 443 -3.17 -31.57 -20.80
CA LEU C 443 -1.87 -30.92 -21.08
C LEU C 443 -1.02 -31.84 -21.94
N SER C 444 -0.87 -33.07 -21.49
CA SER C 444 -0.18 -34.09 -22.25
C SER C 444 -0.65 -34.08 -23.70
N SER C 445 -1.95 -34.19 -23.91
CA SER C 445 -2.51 -34.18 -25.26
C SER C 445 -2.10 -32.95 -26.03
N ILE C 446 -2.25 -31.79 -25.41
CA ILE C 446 -2.00 -30.54 -26.09
C ILE C 446 -0.55 -30.41 -26.54
N VAL C 447 0.37 -30.88 -25.72
CA VAL C 447 1.77 -30.82 -26.08
C VAL C 447 2.03 -31.56 -27.38
N CYS C 448 1.40 -32.71 -27.56
CA CYS C 448 1.63 -33.58 -28.71
C CYS C 448 0.89 -33.19 -29.97
N LEU C 449 -0.05 -32.28 -29.86
CA LEU C 449 -0.82 -31.85 -31.02
C LEU C 449 0.07 -31.40 -32.16
N ASN C 450 -0.29 -31.80 -33.36
CA ASN C 450 0.28 -31.21 -34.55
C ASN C 450 -0.79 -30.40 -35.25
N ASN C 451 -0.39 -29.36 -35.97
CA ASN C 451 -1.36 -28.59 -36.72
C ASN C 451 -1.83 -29.36 -37.96
N GLU C 452 -2.91 -30.14 -37.78
CA GLU C 452 -3.37 -31.09 -38.79
C GLU C 452 -4.08 -30.46 -39.97
N PHE C 453 -4.65 -29.29 -39.75
CA PHE C 453 -5.39 -28.60 -40.78
C PHE C 453 -4.78 -27.22 -40.86
N ASP C 454 -3.48 -27.17 -40.54
CA ASP C 454 -2.78 -25.92 -40.29
C ASP C 454 -3.73 -24.74 -40.38
N GLU C 455 -4.20 -24.33 -39.21
CA GLU C 455 -4.98 -23.12 -39.07
C GLU C 455 -4.04 -22.02 -38.65
N PRO C 456 -4.32 -20.79 -39.08
CA PRO C 456 -3.47 -19.68 -38.66
C PRO C 456 -3.51 -19.62 -37.13
N LEU C 457 -2.46 -19.07 -36.53
CA LEU C 457 -2.47 -18.75 -35.10
C LEU C 457 -2.51 -19.97 -34.18
N PHE C 458 -2.49 -21.17 -34.75
CA PHE C 458 -2.25 -22.37 -33.96
C PHE C 458 -0.99 -22.05 -33.17
N GLU C 459 -0.51 -22.93 -32.33
CA GLU C 459 0.76 -22.61 -31.66
C GLU C 459 0.61 -21.50 -30.63
N GLN C 460 0.06 -20.37 -31.04
CA GLN C 460 -0.27 -19.35 -30.06
C GLN C 460 -1.31 -19.93 -29.11
N TRP C 461 -2.34 -20.51 -29.68
CA TRP C 461 -3.37 -21.09 -28.86
C TRP C 461 -2.83 -22.30 -28.12
N ARG C 462 -2.00 -23.09 -28.79
CA ARG C 462 -1.36 -24.17 -28.07
C ARG C 462 -0.60 -23.62 -26.87
N ILE C 463 0.14 -22.54 -27.08
CA ILE C 463 0.92 -21.99 -25.99
C ILE C 463 -0.02 -21.46 -24.91
N ASN C 464 -1.11 -20.82 -25.34
CA ASN C 464 -2.13 -20.34 -24.39
C ASN C 464 -2.72 -21.44 -23.55
N ALA C 465 -3.13 -22.51 -24.20
CA ALA C 465 -3.69 -23.64 -23.49
C ALA C 465 -2.69 -24.14 -22.46
N LEU C 466 -1.45 -24.34 -22.90
CA LEU C 466 -0.43 -24.87 -22.00
C LEU C 466 -0.18 -23.91 -20.83
N THR C 467 0.00 -22.63 -21.17
CA THR C 467 0.34 -21.67 -20.15
C THR C 467 -0.75 -21.65 -19.11
N SER C 468 -2.01 -21.69 -19.56
CA SER C 468 -3.11 -21.53 -18.63
C SER C 468 -3.25 -22.75 -17.75
N ILE C 469 -3.01 -23.94 -18.29
CA ILE C 469 -2.99 -25.09 -17.40
C ILE C 469 -1.87 -24.94 -16.38
N LEU C 470 -0.72 -24.45 -16.82
CA LEU C 470 0.43 -24.32 -15.92
C LEU C 470 0.22 -23.23 -14.84
N VAL C 471 -0.54 -22.19 -15.19
CA VAL C 471 -0.80 -21.11 -14.25
C VAL C 471 -1.86 -21.50 -13.22
N VAL C 472 -2.92 -22.16 -13.68
CA VAL C 472 -3.98 -22.56 -12.79
C VAL C 472 -3.57 -23.74 -11.92
N LEU C 473 -2.69 -24.60 -12.44
CA LEU C 473 -2.27 -25.79 -11.72
C LEU C 473 -0.75 -25.95 -11.74
N PRO C 474 -0.03 -25.00 -11.16
CA PRO C 474 1.43 -24.97 -11.27
C PRO C 474 2.08 -26.33 -11.12
N GLU C 475 1.55 -27.21 -10.28
CA GLU C 475 2.31 -28.43 -10.05
C GLU C 475 2.06 -29.45 -11.13
N LYS C 476 1.20 -29.10 -12.07
CA LYS C 476 1.06 -29.90 -13.27
C LYS C 476 2.32 -29.67 -14.12
N VAL C 477 3.27 -28.90 -13.61
CA VAL C 477 4.55 -28.68 -14.30
C VAL C 477 5.44 -29.90 -14.21
N ASN C 478 5.21 -30.72 -13.21
CA ASN C 478 6.02 -31.89 -13.02
C ASN C 478 5.91 -32.81 -14.23
N GLY C 479 4.69 -33.10 -14.63
CA GLY C 479 4.46 -33.98 -15.75
C GLY C 479 4.79 -33.28 -17.04
N ALA C 480 4.60 -31.98 -17.08
CA ALA C 480 4.87 -31.26 -18.33
C ALA C 480 6.35 -31.31 -18.63
N ILE C 481 7.17 -30.96 -17.65
CA ILE C 481 8.62 -31.00 -17.81
C ILE C 481 9.11 -32.42 -18.07
N ASN C 482 8.35 -33.43 -17.66
CA ASN C 482 8.74 -34.81 -17.95
C ASN C 482 8.44 -35.19 -19.38
N ILE C 483 7.43 -34.54 -19.94
CA ILE C 483 7.04 -34.78 -21.31
C ILE C 483 8.06 -34.11 -22.19
N LEU C 484 8.62 -33.00 -21.73
CA LEU C 484 9.63 -32.28 -22.51
C LEU C 484 10.86 -33.15 -22.68
N PHE C 485 11.25 -33.85 -21.62
CA PHE C 485 12.24 -34.91 -21.74
C PHE C 485 11.59 -36.21 -22.27
N ASN C 486 11.64 -37.27 -21.47
CA ASN C 486 11.05 -38.57 -21.83
C ASN C 486 10.33 -38.76 -23.17
N SER C 487 9.13 -38.23 -23.32
CA SER C 487 8.37 -38.49 -24.55
C SER C 487 8.98 -37.79 -25.75
N GLU C 488 8.73 -38.34 -26.93
CA GLU C 488 9.38 -37.89 -28.17
C GLU C 488 8.53 -36.94 -28.98
N LEU C 489 8.80 -35.65 -28.83
CA LEU C 489 8.06 -34.63 -29.56
C LEU C 489 8.93 -33.92 -30.59
N SER C 490 8.29 -33.17 -31.47
CA SER C 490 8.95 -32.55 -32.59
C SER C 490 9.39 -31.14 -32.27
N LEU C 491 10.68 -30.94 -32.05
CA LEU C 491 11.22 -29.58 -31.95
C LEU C 491 10.16 -28.51 -31.65
N GLN C 492 9.32 -28.22 -32.65
CA GLN C 492 8.23 -27.25 -32.51
C GLN C 492 7.45 -27.50 -31.23
N GLN C 493 6.89 -28.70 -31.14
CA GLN C 493 6.32 -29.22 -29.92
C GLN C 493 7.14 -28.80 -28.68
N ARG C 494 8.43 -29.12 -28.69
CA ARG C 494 9.30 -28.76 -27.57
C ARG C 494 9.40 -27.25 -27.40
N MET C 495 9.62 -26.55 -28.50
CA MET C 495 9.83 -25.10 -28.46
C MET C 495 8.67 -24.41 -27.78
N SER C 496 7.44 -24.73 -28.18
CA SER C 496 6.30 -24.05 -27.58
C SER C 496 5.99 -24.50 -26.16
N LEU C 497 6.31 -25.75 -25.82
CA LEU C 497 6.20 -26.21 -24.45
C LEU C 497 7.14 -25.38 -23.59
N LEU C 498 8.38 -25.28 -24.05
CA LEU C 498 9.38 -24.48 -23.38
C LEU C 498 8.84 -23.05 -23.20
N SER C 499 8.19 -22.55 -24.25
CA SER C 499 7.56 -21.22 -24.19
C SER C 499 6.47 -21.11 -23.12
N ALA C 500 5.63 -22.12 -23.01
CA ALA C 500 4.56 -22.10 -22.02
C ALA C 500 5.16 -22.05 -20.61
N LEU C 501 6.19 -22.87 -20.39
CA LEU C 501 6.87 -22.90 -19.09
C LEU C 501 7.29 -21.50 -18.70
N GLY C 502 7.97 -20.81 -19.60
CA GLY C 502 8.43 -19.46 -19.28
C GLY C 502 7.30 -18.49 -19.07
N LEU C 503 6.30 -18.57 -19.94
CA LEU C 503 5.16 -17.67 -19.86
C LEU C 503 4.41 -17.85 -18.54
N SER C 504 4.15 -19.10 -18.18
CA SER C 504 3.44 -19.36 -16.96
C SER C 504 4.26 -18.91 -15.75
N ALA C 505 5.58 -19.14 -15.79
CA ALA C 505 6.42 -18.71 -14.67
C ALA C 505 6.25 -17.22 -14.45
N ARG C 506 6.18 -16.47 -15.53
CA ARG C 506 6.10 -15.04 -15.38
C ARG C 506 4.75 -14.63 -14.82
N GLU C 507 3.68 -15.29 -15.27
CA GLU C 507 2.34 -14.99 -14.79
C GLU C 507 2.24 -15.28 -13.31
N LEU C 508 2.65 -16.49 -12.93
CA LEU C 508 2.69 -16.87 -11.55
C LEU C 508 3.51 -15.88 -10.71
N ARG C 509 4.64 -15.39 -11.20
CA ARG C 509 5.39 -14.40 -10.42
C ARG C 509 4.64 -13.07 -10.38
N GLY C 510 3.68 -12.94 -11.29
CA GLY C 510 2.81 -11.77 -11.36
C GLY C 510 3.52 -10.46 -11.10
N LEU C 511 4.46 -10.13 -11.96
CA LEU C 511 5.17 -8.87 -11.85
C LEU C 511 4.87 -8.11 -13.14
N ASP C 512 4.32 -8.85 -14.10
CA ASP C 512 4.12 -8.41 -15.46
C ASP C 512 3.00 -9.27 -16.06
N THR C 570 -0.91 -8.79 -8.61
CA THR C 570 0.34 -9.07 -7.89
C THR C 570 0.24 -10.37 -7.09
N GLN C 571 1.29 -10.72 -6.35
CA GLN C 571 1.27 -11.96 -5.60
C GLN C 571 2.21 -12.96 -6.23
N ASN C 572 3.38 -13.07 -5.64
CA ASN C 572 4.34 -14.02 -6.11
C ASN C 572 3.77 -15.42 -5.92
N ARG C 573 2.80 -15.76 -6.75
CA ARG C 573 2.21 -17.07 -6.73
C ARG C 573 3.21 -18.10 -7.22
N PHE C 574 4.42 -17.65 -7.56
CA PHE C 574 5.41 -18.54 -8.17
C PHE C 574 6.42 -19.08 -7.20
N ARG C 575 6.74 -18.30 -6.18
CA ARG C 575 7.76 -18.70 -5.20
C ARG C 575 7.51 -20.11 -4.70
N LYS C 576 6.26 -20.42 -4.40
CA LYS C 576 5.88 -21.71 -3.90
C LYS C 576 6.20 -22.85 -4.87
N TYR C 577 6.42 -22.55 -6.14
CA TYR C 577 6.69 -23.60 -7.12
C TYR C 577 8.01 -23.44 -7.86
N ALA C 578 8.75 -22.38 -7.52
CA ALA C 578 9.99 -22.05 -8.23
C ALA C 578 10.84 -23.27 -8.54
N GLY C 579 11.20 -24.02 -7.51
CA GLY C 579 12.07 -25.17 -7.69
C GLY C 579 11.51 -26.26 -8.56
N LEU C 580 10.19 -26.33 -8.69
CA LEU C 580 9.57 -27.34 -9.53
C LEU C 580 9.82 -26.98 -10.98
N PHE C 581 9.89 -25.71 -11.27
CA PHE C 581 10.20 -25.29 -12.63
C PHE C 581 11.70 -25.34 -12.82
N PHE C 582 12.43 -24.89 -11.81
CA PHE C 582 13.83 -24.56 -12.06
C PHE C 582 14.81 -25.71 -12.10
N TYR C 583 14.60 -26.72 -11.25
CA TYR C 583 15.63 -27.73 -11.09
C TYR C 583 15.65 -28.77 -12.19
N PRO C 584 14.46 -29.25 -12.56
CA PRO C 584 14.42 -30.24 -13.63
C PRO C 584 15.04 -29.66 -14.90
N LEU C 585 14.81 -28.37 -15.14
CA LEU C 585 15.35 -27.72 -16.33
C LEU C 585 16.85 -27.50 -16.23
N ALA C 586 17.30 -27.12 -15.03
CA ALA C 586 18.71 -26.83 -14.79
C ALA C 586 19.53 -28.09 -14.94
N HIS C 587 19.03 -29.19 -14.39
CA HIS C 587 19.73 -30.44 -14.51
C HIS C 587 19.64 -30.89 -15.97
N GLY C 588 18.44 -30.81 -16.53
CA GLY C 588 18.25 -31.09 -17.94
C GLY C 588 19.43 -30.53 -18.73
N TRP C 589 19.72 -29.25 -18.50
CA TRP C 589 20.83 -28.60 -19.16
C TRP C 589 22.17 -29.26 -18.81
N LEU C 590 22.54 -29.19 -17.54
CA LEU C 590 23.87 -29.63 -17.11
C LEU C 590 24.15 -31.07 -17.51
N ASN C 591 23.21 -31.96 -17.26
CA ASN C 591 23.55 -33.35 -17.43
C ASN C 591 23.30 -33.88 -18.82
N GLY C 592 22.51 -33.17 -19.61
CA GLY C 592 22.24 -33.59 -20.99
C GLY C 592 22.66 -32.54 -22.00
N ILE C 593 22.07 -31.36 -21.88
CA ILE C 593 22.23 -30.27 -22.84
C ILE C 593 21.40 -30.53 -24.09
N GLN C 600 21.16 -24.76 -31.82
CA GLN C 600 21.33 -23.38 -31.39
C GLN C 600 19.98 -22.81 -31.10
N LEU C 601 19.12 -22.85 -32.12
CA LEU C 601 17.81 -22.27 -31.98
C LEU C 601 17.20 -22.80 -30.68
N PHE C 602 17.27 -24.11 -30.52
CA PHE C 602 16.69 -24.78 -29.37
C PHE C 602 17.44 -24.52 -28.07
N LYS C 603 18.70 -24.91 -28.00
CA LYS C 603 19.46 -24.66 -26.78
C LYS C 603 19.34 -23.20 -26.32
N SER C 604 19.33 -22.28 -27.28
CA SER C 604 19.26 -20.86 -26.97
C SER C 604 17.92 -20.51 -26.32
N HIS C 605 16.86 -21.15 -26.80
CA HIS C 605 15.53 -20.96 -26.26
C HIS C 605 15.50 -21.55 -24.87
N TYR C 606 15.79 -22.83 -24.79
CA TYR C 606 15.92 -23.50 -23.50
C TYR C 606 16.66 -22.58 -22.52
N LEU C 607 17.86 -22.14 -22.88
CA LEU C 607 18.61 -21.32 -21.96
C LEU C 607 17.79 -20.10 -21.56
N THR C 608 17.24 -19.41 -22.54
CA THR C 608 16.49 -18.20 -22.27
C THR C 608 15.30 -18.45 -21.36
N THR C 609 14.59 -19.56 -21.58
CA THR C 609 13.42 -19.77 -20.75
C THR C 609 13.88 -20.17 -19.36
N LEU C 610 15.00 -20.89 -19.28
CA LEU C 610 15.60 -21.19 -17.98
C LEU C 610 15.99 -19.89 -17.27
N ARG C 611 16.47 -18.91 -18.03
CA ARG C 611 16.85 -17.63 -17.44
C ARG C 611 15.62 -16.96 -16.87
N ILE C 612 14.55 -16.93 -17.65
CA ILE C 612 13.26 -16.39 -17.19
C ILE C 612 12.81 -17.06 -15.89
N ILE C 613 12.72 -18.38 -15.90
CA ILE C 613 12.36 -19.11 -14.68
C ILE C 613 13.27 -18.74 -13.50
N TYR C 614 14.57 -18.62 -13.74
CA TYR C 614 15.52 -18.29 -12.69
C TYR C 614 15.21 -16.91 -12.10
N SER C 615 14.93 -15.92 -12.93
CA SER C 615 14.61 -14.60 -12.41
C SER C 615 13.27 -14.65 -11.69
N CYS C 616 12.34 -15.40 -12.24
CA CYS C 616 11.02 -15.45 -11.67
C CYS C 616 11.09 -16.01 -10.28
N ALA C 617 12.11 -16.82 -10.04
CA ALA C 617 12.26 -17.41 -8.75
C ALA C 617 13.04 -16.50 -7.82
N ASN C 618 12.97 -15.18 -8.01
CA ASN C 618 13.99 -14.36 -7.35
C ASN C 618 13.94 -14.21 -5.86
N PRO C 619 12.78 -14.37 -5.25
CA PRO C 619 12.99 -14.55 -3.82
C PRO C 619 13.20 -16.01 -3.35
N VAL C 620 12.36 -16.94 -3.77
CA VAL C 620 12.42 -18.30 -3.20
C VAL C 620 12.99 -18.44 -1.78
N HIS C 621 14.28 -18.77 -1.68
CA HIS C 621 14.87 -19.11 -0.36
C HIS C 621 16.03 -20.09 -0.47
N ASP C 622 15.97 -20.95 -1.47
CA ASP C 622 17.11 -21.72 -1.90
C ASP C 622 17.59 -21.10 -3.20
N PHE C 623 17.36 -19.80 -3.34
CA PHE C 623 17.79 -19.06 -4.52
C PHE C 623 19.31 -19.11 -4.65
N GLU C 624 19.99 -19.17 -3.52
CA GLU C 624 21.43 -19.29 -3.50
C GLU C 624 21.85 -20.55 -4.26
N SER C 625 21.26 -21.68 -3.88
CA SER C 625 21.52 -22.93 -4.59
C SER C 625 21.22 -22.77 -6.07
N MET C 626 20.09 -22.16 -6.38
CA MET C 626 19.72 -21.94 -7.77
C MET C 626 20.81 -21.13 -8.49
N THR C 627 21.32 -20.11 -7.81
CA THR C 627 22.36 -19.29 -8.40
C THR C 627 23.62 -20.09 -8.68
N GLU C 628 24.01 -20.97 -7.74
CA GLU C 628 25.18 -21.81 -7.96
C GLU C 628 24.96 -22.61 -9.24
N LEU C 629 23.94 -23.45 -9.26
CA LEU C 629 23.65 -24.21 -10.47
C LEU C 629 23.71 -23.30 -11.68
N MET C 630 23.23 -22.09 -11.51
CA MET C 630 22.99 -21.24 -12.65
C MET C 630 24.28 -20.78 -13.36
N ASN C 631 25.31 -20.41 -12.61
CA ASN C 631 26.51 -19.98 -13.33
C ASN C 631 27.35 -21.10 -13.85
N HIS C 632 27.08 -22.33 -13.41
CA HIS C 632 27.61 -23.46 -14.15
C HIS C 632 26.93 -23.48 -15.50
N ILE C 633 25.61 -23.42 -15.47
CA ILE C 633 24.86 -23.37 -16.71
C ILE C 633 25.28 -22.20 -17.58
N ILE C 634 25.42 -21.01 -17.01
CA ILE C 634 25.76 -19.87 -17.85
C ILE C 634 27.16 -20.04 -18.45
N SER C 635 28.12 -20.30 -17.58
CA SER C 635 29.47 -20.61 -18.00
C SER C 635 29.48 -21.74 -19.06
N SER C 636 28.69 -22.78 -18.82
CA SER C 636 28.57 -23.86 -19.79
C SER C 636 28.09 -23.33 -21.12
N ALA C 637 27.12 -22.41 -21.08
CA ALA C 637 26.54 -21.88 -22.30
C ALA C 637 27.58 -21.13 -23.09
N ILE C 638 28.37 -20.32 -22.39
CA ILE C 638 29.41 -19.51 -23.03
C ILE C 638 30.33 -20.36 -23.90
N GLU C 639 31.09 -21.26 -23.28
CA GLU C 639 31.89 -22.22 -24.05
C GLU C 639 31.06 -22.72 -25.20
N GLU C 640 30.18 -23.67 -24.92
CA GLU C 640 29.21 -24.16 -25.90
C GLU C 640 28.89 -23.15 -27.02
N GLY C 641 28.87 -21.86 -26.70
CA GLY C 641 28.63 -20.83 -27.70
C GLY C 641 27.17 -20.51 -27.94
N ILE C 642 26.32 -20.94 -27.02
CA ILE C 642 24.90 -20.63 -27.08
C ILE C 642 24.64 -19.22 -26.57
N SER C 643 23.49 -18.67 -26.95
CA SER C 643 23.19 -17.28 -26.65
C SER C 643 21.88 -17.10 -25.90
N LEU C 644 21.80 -16.06 -25.07
CA LEU C 644 20.58 -15.67 -24.37
C LEU C 644 19.73 -14.84 -25.28
N ASN C 645 18.42 -14.97 -25.17
CA ASN C 645 17.57 -14.33 -26.14
C ASN C 645 16.80 -13.15 -25.61
N LYS C 646 17.36 -12.44 -24.64
CA LYS C 646 16.74 -11.17 -24.23
C LYS C 646 15.24 -11.33 -24.13
N GLY C 647 14.77 -12.52 -23.78
CA GLY C 647 13.34 -12.77 -23.61
C GLY C 647 12.84 -12.12 -22.35
N MET D 1 18.70 80.06 7.29
CA MET D 1 19.92 80.42 6.51
C MET D 1 20.91 79.28 6.45
N VAL D 2 21.12 78.59 7.57
CA VAL D 2 22.11 77.53 7.65
C VAL D 2 21.92 76.54 6.50
N LEU D 3 20.67 76.29 6.15
CA LEU D 3 20.33 75.34 5.10
C LEU D 3 20.91 75.75 3.76
N GLU D 4 21.21 77.04 3.61
CA GLU D 4 21.86 77.53 2.39
C GLU D 4 23.36 77.24 2.43
N THR D 5 23.95 77.34 3.62
CA THR D 5 25.40 77.24 3.78
C THR D 5 25.94 75.84 3.52
N LEU D 6 25.26 74.84 4.06
CA LEU D 6 25.73 73.47 3.98
C LEU D 6 25.80 72.96 2.55
N LYS D 7 25.01 73.54 1.67
CA LYS D 7 24.95 73.10 0.28
C LYS D 7 26.28 73.26 -0.43
N GLN D 8 27.15 74.10 0.11
CA GLN D 8 28.41 74.42 -0.55
C GLN D 8 29.62 73.68 0.04
N GLY D 9 29.56 73.36 1.33
CA GLY D 9 30.67 72.67 1.98
C GLY D 9 30.60 72.74 3.49
N LEU D 10 31.61 72.21 4.17
CA LEU D 10 31.58 72.17 5.63
C LEU D 10 32.66 71.30 6.27
N ASP D 11 33.49 71.92 7.11
CA ASP D 11 34.34 71.19 8.03
C ASP D 11 33.44 70.36 8.96
N SER D 12 33.82 69.12 9.25
CA SER D 12 32.97 68.23 10.05
C SER D 12 32.58 68.84 11.40
N SER D 13 33.38 69.81 11.87
CA SER D 13 33.08 70.51 13.11
C SER D 13 32.42 71.86 12.82
N GLN D 14 32.29 72.16 11.53
CA GLN D 14 31.55 73.31 11.06
C GLN D 14 30.12 72.87 10.78
N ILE D 15 29.98 71.63 10.35
CA ILE D 15 28.66 71.01 10.19
C ILE D 15 27.99 70.92 11.55
N HIS D 16 28.79 70.60 12.56
CA HIS D 16 28.30 70.55 13.94
C HIS D 16 27.86 71.92 14.42
N GLU D 17 28.62 72.93 14.04
CA GLU D 17 28.31 74.31 14.43
C GLU D 17 27.00 74.76 13.79
N ALA D 18 26.84 74.46 12.50
CA ALA D 18 25.61 74.81 11.79
C ALA D 18 24.39 74.17 12.45
N LEU D 19 24.53 72.90 12.82
CA LEU D 19 23.45 72.16 13.48
C LEU D 19 23.06 72.79 14.81
N ILE D 20 24.05 73.08 15.63
CA ILE D 20 23.82 73.73 16.92
C ILE D 20 23.06 75.04 16.72
N GLN D 21 23.43 75.77 15.67
CA GLN D 21 22.78 77.02 15.34
C GLN D 21 21.34 76.82 14.86
N LEU D 22 21.11 75.68 14.20
CA LEU D 22 19.78 75.37 13.69
C LEU D 22 18.79 75.16 14.83
N ASP D 23 19.26 74.52 15.89
CA ASP D 23 18.41 74.15 17.01
C ASP D 23 18.02 75.31 17.92
N SER D 24 18.87 76.32 18.02
CA SER D 24 18.53 77.49 18.82
C SER D 24 17.34 78.22 18.20
N TYR D 25 17.06 77.93 16.94
CA TYR D 25 15.90 78.50 16.25
C TYR D 25 14.62 77.81 16.70
N PRO D 26 13.47 78.43 16.41
CA PRO D 26 12.20 77.76 16.65
C PRO D 26 12.17 76.47 15.84
N ARG D 27 11.65 75.40 16.44
CA ARG D 27 11.69 74.09 15.81
C ARG D 27 11.19 74.04 14.37
N GLU D 28 9.93 74.39 14.15
CA GLU D 28 9.26 74.05 12.89
C GLU D 28 9.47 72.53 12.66
N PRO D 29 9.55 72.07 11.42
CA PRO D 29 10.23 70.81 11.28
C PRO D 29 10.66 70.74 9.84
N VAL D 30 11.44 69.72 9.48
CA VAL D 30 12.10 69.71 8.17
C VAL D 30 11.14 69.52 6.97
N ASP D 31 11.12 70.50 6.07
CA ASP D 31 10.37 70.37 4.84
C ASP D 31 11.09 69.37 3.95
N LEU D 32 10.46 68.97 2.85
CA LEU D 32 11.07 68.02 1.93
C LEU D 32 12.38 68.52 1.36
N ASP D 33 12.43 69.82 1.07
CA ASP D 33 13.63 70.44 0.49
C ASP D 33 14.81 70.44 1.46
N ALA D 34 14.55 70.83 2.70
CA ALA D 34 15.60 70.92 3.71
C ALA D 34 16.18 69.54 4.04
N SER D 35 15.31 68.54 4.11
CA SER D 35 15.77 67.19 4.40
C SER D 35 16.66 66.69 3.26
N MET D 36 16.26 67.00 2.03
CA MET D 36 17.05 66.61 0.87
C MET D 36 18.45 67.19 0.97
N VAL D 37 18.55 68.43 1.47
CA VAL D 37 19.83 69.08 1.67
C VAL D 37 20.59 68.39 2.81
N LEU D 38 19.89 68.02 3.87
CA LEU D 38 20.47 67.32 5.02
C LEU D 38 21.06 65.96 4.65
N ILE D 39 20.26 65.14 3.97
CA ILE D 39 20.69 63.80 3.63
C ILE D 39 21.94 63.82 2.77
N LYS D 40 21.94 64.67 1.76
CA LYS D 40 23.04 64.73 0.80
C LYS D 40 24.35 65.28 1.39
N PHE D 41 24.24 66.23 2.30
CA PHE D 41 25.44 66.95 2.76
C PHE D 41 25.89 66.62 4.19
N VAL D 42 24.95 66.25 5.06
CA VAL D 42 25.30 65.92 6.45
C VAL D 42 25.48 64.42 6.70
N ILE D 43 24.37 63.69 6.81
CA ILE D 43 24.40 62.27 7.17
C ILE D 43 25.75 61.58 6.89
N PRO D 44 26.35 61.83 5.70
CA PRO D 44 27.62 61.21 5.33
C PRO D 44 28.68 61.21 6.43
N VAL D 45 28.63 62.18 7.34
CA VAL D 45 29.58 62.26 8.44
C VAL D 45 28.97 61.80 9.77
N TYR D 46 27.65 61.69 9.80
CA TYR D 46 26.91 61.38 11.03
C TYR D 46 27.75 60.73 12.13
N PRO D 47 28.43 59.62 11.82
CA PRO D 47 29.20 58.90 12.83
C PRO D 47 30.32 59.76 13.41
N SER D 48 30.85 60.67 12.59
CA SER D 48 31.96 61.52 13.03
C SER D 48 31.51 62.59 14.03
N LEU D 49 30.29 63.10 13.84
CA LEU D 49 29.78 64.19 14.68
C LEU D 49 29.69 63.83 16.16
N PRO D 50 29.94 64.81 17.04
CA PRO D 50 29.82 64.60 18.48
C PRO D 50 28.40 64.19 18.86
N GLU D 51 28.27 63.49 19.98
CA GLU D 51 26.98 62.98 20.43
C GLU D 51 25.90 64.06 20.53
N ARG D 52 26.33 65.29 20.83
CA ARG D 52 25.36 66.39 20.97
C ARG D 52 24.74 66.71 19.61
N SER D 53 25.51 66.49 18.55
CA SER D 53 25.09 66.86 17.21
C SER D 53 24.25 65.75 16.58
N LYS D 54 24.56 64.51 16.94
CA LYS D 54 23.77 63.38 16.48
C LYS D 54 22.37 63.46 17.06
N VAL D 55 22.28 63.88 18.32
CA VAL D 55 21.02 63.87 19.05
C VAL D 55 20.01 64.83 18.44
N ILE D 56 20.49 66.02 18.05
CA ILE D 56 19.61 67.02 17.47
C ILE D 56 19.34 66.69 16.00
N LEU D 57 20.20 65.87 15.43
CA LEU D 57 20.01 65.38 14.08
C LEU D 57 18.88 64.34 14.09
N ARG D 58 18.96 63.39 15.03
CA ARG D 58 17.93 62.38 15.16
C ARG D 58 16.57 62.98 15.49
N ARG D 59 16.57 63.99 16.36
CA ARG D 59 15.33 64.64 16.75
C ARG D 59 14.64 65.26 15.55
N LEU D 60 15.46 65.74 14.61
CA LEU D 60 14.92 66.29 13.37
C LEU D 60 14.16 65.22 12.61
N ALA D 61 14.73 64.02 12.55
CA ALA D 61 14.03 62.88 12.00
C ALA D 61 12.81 62.57 12.86
N SER D 62 12.98 62.60 14.18
CA SER D 62 11.87 62.36 15.13
C SER D 62 10.61 63.14 14.78
N LYS D 63 10.80 64.36 14.27
CA LYS D 63 9.67 65.26 14.07
C LYS D 63 9.26 65.47 12.62
N SER D 64 10.01 64.90 11.69
CA SER D 64 9.74 65.15 10.28
C SER D 64 8.94 64.06 9.59
N PHE D 65 9.44 62.84 9.63
CA PHE D 65 8.93 61.77 8.80
C PHE D 65 9.25 62.03 7.34
N THR D 66 8.70 63.09 6.78
CA THR D 66 9.03 63.46 5.41
C THR D 66 10.56 63.45 5.27
N PHE D 67 11.25 63.72 6.39
CA PHE D 67 12.71 63.59 6.45
C PHE D 67 13.11 62.12 6.42
N LEU D 68 12.66 61.36 7.42
CA LEU D 68 12.91 59.92 7.50
C LEU D 68 12.64 59.21 6.17
N CYS D 69 11.40 59.32 5.72
CA CYS D 69 11.00 58.81 4.42
C CYS D 69 12.10 59.01 3.37
N GLN D 70 12.64 60.22 3.32
CA GLN D 70 13.66 60.56 2.33
C GLN D 70 14.97 59.81 2.56
N ILE D 71 15.38 59.74 3.83
CA ILE D 71 16.58 59.01 4.20
C ILE D 71 16.45 57.56 3.75
N VAL D 72 15.22 57.05 3.80
CA VAL D 72 14.95 55.67 3.43
C VAL D 72 14.99 55.47 1.92
N THR D 73 14.19 56.24 1.20
CA THR D 73 14.13 56.11 -0.25
C THR D 73 15.47 56.43 -0.92
N PHE D 74 16.31 57.19 -0.22
CA PHE D 74 17.65 57.49 -0.71
C PHE D 74 18.58 56.30 -0.48
N SER D 75 18.28 55.51 0.55
CA SER D 75 19.13 54.38 0.89
C SER D 75 19.02 53.27 -0.14
N ARG D 76 17.81 53.00 -0.60
CA ARG D 76 17.59 51.93 -1.56
C ARG D 76 17.99 52.34 -2.97
N THR D 77 17.94 53.65 -3.27
CA THR D 77 18.48 54.12 -4.55
C THR D 77 19.95 53.74 -4.60
N ILE D 78 20.72 54.29 -3.66
CA ILE D 78 22.13 53.93 -3.51
C ILE D 78 22.29 52.42 -3.40
N GLY D 83 30.53 50.07 -4.09
CA GLY D 83 30.68 49.43 -2.79
C GLY D 83 29.52 49.73 -1.85
N LEU D 84 29.46 49.00 -0.74
CA LEU D 84 28.38 49.16 0.22
C LEU D 84 28.63 50.18 1.31
N GLN D 85 29.80 50.82 1.29
CA GLN D 85 30.20 51.72 2.37
C GLN D 85 29.19 52.83 2.67
N GLU D 86 28.74 53.54 1.62
CA GLU D 86 27.80 54.65 1.80
C GLU D 86 26.46 54.20 2.39
N ILE D 87 25.94 53.08 1.92
CA ILE D 87 24.65 52.60 2.42
C ILE D 87 24.74 52.16 3.88
N ARG D 88 25.91 51.66 4.28
CA ARG D 88 26.12 51.21 5.66
C ARG D 88 26.15 52.39 6.62
N ILE D 89 26.54 53.55 6.11
CA ILE D 89 26.50 54.76 6.90
C ILE D 89 25.03 55.14 7.08
N TYR D 90 24.28 55.20 5.98
CA TYR D 90 22.86 55.53 6.03
C TYR D 90 22.06 54.55 6.88
N GLN D 91 22.41 53.27 6.78
CA GLN D 91 21.80 52.24 7.61
C GLN D 91 21.97 52.60 9.08
N GLU D 92 23.20 52.99 9.45
CA GLU D 92 23.53 53.40 10.81
C GLU D 92 22.52 54.38 11.34
N ILE D 93 22.42 55.51 10.66
CA ILE D 93 21.53 56.59 11.05
C ILE D 93 20.09 56.08 11.17
N LEU D 94 19.65 55.31 10.18
CA LEU D 94 18.30 54.75 10.21
C LEU D 94 18.06 53.93 11.46
N GLU D 95 18.95 52.99 11.77
CA GLU D 95 18.75 52.20 12.98
C GLU D 95 18.78 53.05 14.26
N ASP D 96 19.76 53.95 14.37
CA ASP D 96 19.86 54.82 15.55
C ASP D 96 18.59 55.66 15.72
N ILE D 97 17.98 56.04 14.60
CA ILE D 97 16.78 56.85 14.68
C ILE D 97 15.71 56.11 15.48
N ILE D 98 15.25 54.97 14.96
CA ILE D 98 14.21 54.19 15.66
C ILE D 98 14.72 53.59 16.94
N SER D 99 16.03 53.46 17.06
CA SER D 99 16.61 52.93 18.28
C SER D 99 16.49 53.94 19.40
N PHE D 100 17.13 55.10 19.22
CA PHE D 100 17.22 56.14 20.26
C PHE D 100 16.02 57.07 20.35
N GLU D 101 15.30 57.25 19.24
CA GLU D 101 14.10 58.06 19.26
C GLU D 101 12.84 57.19 19.10
N PRO D 102 12.34 56.65 20.22
CA PRO D 102 11.17 55.77 20.20
C PRO D 102 9.88 56.52 19.95
N GLY D 103 9.98 57.84 19.84
CA GLY D 103 8.82 58.68 19.62
C GLY D 103 8.31 58.69 18.18
N CYS D 104 9.21 58.53 17.23
CA CYS D 104 8.86 58.69 15.81
C CYS D 104 7.41 58.34 15.50
N LEU D 105 7.03 57.09 15.73
CA LEU D 105 5.71 56.64 15.32
C LEU D 105 4.62 57.55 15.89
N THR D 106 4.65 57.73 17.19
CA THR D 106 3.66 58.56 17.84
C THR D 106 3.75 60.04 17.42
N PHE D 107 4.95 60.53 17.12
CA PHE D 107 5.08 61.90 16.57
C PHE D 107 4.39 62.00 15.20
N TYR D 108 4.72 61.08 14.30
CA TYR D 108 4.14 61.08 12.96
C TYR D 108 2.63 60.92 13.00
N LEU D 109 2.15 60.17 14.00
CA LEU D 109 0.72 59.99 14.17
C LEU D 109 0.02 61.35 14.19
N LYS D 110 0.52 62.27 15.02
CA LYS D 110 -0.09 63.59 15.13
C LYS D 110 0.16 64.46 13.90
N ALA D 111 1.41 64.49 13.44
CA ALA D 111 1.80 65.40 12.37
C ALA D 111 1.30 65.02 10.96
N SER D 112 1.54 63.78 10.54
CA SER D 112 1.33 63.40 9.14
C SER D 112 0.18 62.42 8.90
N THR D 113 -0.94 62.61 9.61
CA THR D 113 -2.11 61.76 9.43
C THR D 113 -3.29 62.50 8.84
N THR D 114 -3.02 63.58 8.10
CA THR D 114 -4.07 64.44 7.57
C THR D 114 -4.75 63.88 6.33
N SER D 115 -4.20 62.80 5.77
CA SER D 115 -4.74 62.22 4.57
C SER D 115 -4.46 60.73 4.55
N LYS D 116 -5.21 59.98 3.75
CA LYS D 116 -4.96 58.56 3.65
C LYS D 116 -3.62 58.30 2.96
N ALA D 117 -3.23 59.22 2.08
CA ALA D 117 -1.97 59.11 1.36
C ALA D 117 -0.77 59.11 2.30
N ASP D 118 -0.77 60.03 3.25
CA ASP D 118 0.28 60.13 4.25
C ASP D 118 0.28 58.94 5.20
N ARG D 119 -0.91 58.54 5.65
CA ARG D 119 -1.04 57.41 6.56
C ARG D 119 -0.46 56.16 5.94
N ASP D 120 -0.85 55.92 4.68
CA ASP D 120 -0.44 54.72 3.99
C ASP D 120 1.05 54.72 3.72
N SER D 121 1.60 55.87 3.38
CA SER D 121 3.05 55.96 3.20
C SER D 121 3.77 55.71 4.52
N ILE D 122 3.18 56.12 5.64
CA ILE D 122 3.81 55.89 6.94
C ILE D 122 3.72 54.44 7.36
N LYS D 123 2.62 53.79 6.97
CA LYS D 123 2.43 52.37 7.20
C LYS D 123 3.45 51.59 6.41
N ALA D 124 3.57 51.92 5.12
CA ALA D 124 4.48 51.21 4.23
C ALA D 124 5.94 51.34 4.68
N LEU D 125 6.26 52.46 5.34
CA LEU D 125 7.61 52.66 5.85
C LEU D 125 7.88 51.75 7.03
N PHE D 126 7.00 51.84 8.04
CA PHE D 126 7.19 51.11 9.28
C PHE D 126 6.81 49.65 9.19
N PHE D 127 5.59 49.36 8.71
CA PHE D 127 5.00 48.03 8.86
C PHE D 127 5.01 47.12 7.65
N GLY D 128 4.67 47.64 6.48
CA GLY D 128 4.89 46.86 5.26
C GLY D 128 6.39 46.71 5.28
N SER D 129 6.98 47.73 5.88
CA SER D 129 8.40 47.89 6.20
C SER D 129 9.38 48.02 5.05
N LYS D 130 9.35 49.17 4.41
CA LYS D 130 10.41 49.56 3.51
C LYS D 130 11.62 49.91 4.34
N LEU D 131 11.38 50.41 5.55
CA LEU D 131 12.46 50.70 6.48
C LEU D 131 13.24 49.43 6.74
N PHE D 132 12.53 48.39 7.16
CA PHE D 132 13.19 47.16 7.54
C PHE D 132 13.99 46.56 6.38
N ASN D 133 13.48 46.76 5.17
CA ASN D 133 14.13 46.20 3.99
C ASN D 133 15.50 46.79 3.75
N VAL D 134 15.66 48.06 4.11
CA VAL D 134 16.96 48.69 3.94
C VAL D 134 17.85 48.37 5.13
N LEU D 135 17.23 47.96 6.24
CA LEU D 135 17.98 47.56 7.42
C LEU D 135 18.18 46.06 7.49
N ALA D 136 17.65 45.34 6.50
CA ALA D 136 17.65 43.88 6.52
C ALA D 136 19.06 43.27 6.58
N ASN D 137 20.01 43.89 5.89
CA ASN D 137 21.38 43.40 5.94
C ASN D 137 22.11 43.77 7.21
N ARG D 138 21.41 44.43 8.14
CA ARG D 138 22.06 44.95 9.33
C ARG D 138 21.45 44.36 10.59
N ILE D 139 20.14 44.18 10.55
CA ILE D 139 19.39 43.71 11.71
C ILE D 139 18.34 42.76 11.20
N ASP D 140 17.89 41.84 12.06
CA ASP D 140 16.90 40.85 11.63
C ASP D 140 15.51 41.24 12.12
N MET D 141 14.51 40.52 11.62
CA MET D 141 13.13 40.84 11.90
C MET D 141 12.81 40.86 13.38
N ALA D 142 13.39 39.94 14.13
CA ALA D 142 13.14 39.91 15.57
C ALA D 142 13.60 41.20 16.23
N LYS D 143 14.83 41.62 15.93
CA LYS D 143 15.34 42.88 16.47
C LYS D 143 14.50 44.06 16.02
N TYR D 144 14.10 44.06 14.75
CA TYR D 144 13.28 45.15 14.23
C TYR D 144 11.98 45.25 15.00
N LEU D 145 11.30 44.11 15.18
CA LEU D 145 10.08 44.06 15.96
C LEU D 145 10.32 44.56 17.37
N GLY D 146 11.49 44.25 17.91
CA GLY D 146 11.87 44.77 19.22
C GLY D 146 11.75 46.28 19.28
N TYR D 147 12.25 46.94 18.23
CA TYR D 147 12.18 48.39 18.13
C TYR D 147 10.72 48.81 17.92
N LEU D 148 10.04 48.13 17.00
CA LEU D 148 8.63 48.41 16.72
C LEU D 148 7.81 48.36 18.03
N ARG D 149 8.15 47.43 18.89
CA ARG D 149 7.43 47.31 20.15
C ARG D 149 7.60 48.58 20.96
N LEU D 150 8.84 49.04 21.08
CA LEU D 150 9.16 50.26 21.81
C LEU D 150 8.49 51.46 21.15
N GLN D 151 8.31 51.40 19.83
CA GLN D 151 7.63 52.48 19.13
C GLN D 151 6.18 52.54 19.59
N TRP D 152 5.53 51.39 19.67
CA TRP D 152 4.16 51.32 20.19
C TRP D 152 4.07 51.70 21.66
N LYS D 153 5.02 51.24 22.45
CA LYS D 153 5.00 51.51 23.87
C LYS D 153 5.00 53.01 24.13
N PHE D 154 5.80 53.75 23.36
CA PHE D 154 5.88 55.20 23.52
C PHE D 154 4.53 55.86 23.24
N LEU D 155 3.94 55.51 22.10
CA LEU D 155 2.62 56.03 21.76
C LEU D 155 1.61 55.57 22.80
N LEU D 156 1.88 54.44 23.43
CA LEU D 156 0.95 53.84 24.37
C LEU D 156 1.01 54.57 25.70
N GLU D 157 2.07 55.34 25.89
CA GLU D 157 2.25 56.07 27.13
C GLU D 157 2.10 57.55 26.91
N SER D 158 1.84 57.94 25.67
CA SER D 158 1.60 59.33 25.36
C SER D 158 0.19 59.70 25.78
N ASN D 159 -0.18 60.96 25.58
CA ASN D 159 -1.52 61.43 25.93
C ASN D 159 -2.46 61.43 24.74
N GLU D 160 -2.23 60.47 23.84
CA GLU D 160 -3.11 60.25 22.71
C GLU D 160 -4.25 59.33 23.13
N THR D 161 -5.48 59.81 23.01
CA THR D 161 -6.66 59.10 23.47
C THR D 161 -7.62 58.90 22.29
N ASP D 162 -8.54 57.94 22.40
CA ASP D 162 -9.55 57.75 21.37
C ASP D 162 -8.91 57.49 20.02
N PRO D 163 -8.04 56.48 19.96
CA PRO D 163 -7.25 56.21 18.77
C PRO D 163 -8.13 56.17 17.54
N PRO D 164 -7.61 56.71 16.42
CA PRO D 164 -8.17 56.82 15.07
C PRO D 164 -9.00 55.63 14.62
N GLY D 165 -8.34 54.62 14.09
CA GLY D 165 -9.05 53.50 13.51
C GLY D 165 -8.17 52.93 12.44
N PHE D 166 -7.49 53.81 11.72
CA PHE D 166 -6.41 53.37 10.84
C PHE D 166 -5.28 52.87 11.72
N LEU D 167 -5.27 53.31 12.97
CA LEU D 167 -4.31 52.80 13.94
C LEU D 167 -4.49 51.28 14.05
N GLY D 168 -5.73 50.84 13.86
CA GLY D 168 -6.02 49.41 13.83
C GLY D 168 -5.26 48.73 12.70
N GLU D 169 -5.35 49.31 11.50
CA GLU D 169 -4.60 48.81 10.35
C GLU D 169 -3.14 48.68 10.71
N TRP D 170 -2.58 49.76 11.25
CA TRP D 170 -1.16 49.79 11.56
C TRP D 170 -0.76 48.62 12.43
N LEU D 171 -1.56 48.36 13.46
CA LEU D 171 -1.27 47.24 14.33
C LEU D 171 -1.36 45.92 13.57
N VAL D 172 -2.38 45.76 12.74
CA VAL D 172 -2.51 44.54 11.95
C VAL D 172 -1.26 44.35 11.12
N SER D 173 -0.78 45.45 10.53
CA SER D 173 0.41 45.37 9.68
C SER D 173 1.63 45.02 10.51
N SER D 174 1.64 45.49 11.76
CA SER D 174 2.71 45.16 12.68
C SER D 174 2.76 43.66 12.92
N PHE D 175 1.61 43.06 13.17
CA PHE D 175 1.54 41.63 13.44
C PHE D 175 1.95 40.84 12.21
N LEU D 176 1.51 41.33 11.06
CA LEU D 176 1.73 40.63 9.83
C LEU D 176 3.20 40.48 9.49
N LEU D 177 4.02 41.39 9.99
CA LEU D 177 5.47 41.28 9.79
C LEU D 177 5.99 39.88 10.13
N ASN D 178 5.62 39.41 11.32
CA ASN D 178 5.84 38.03 11.74
C ASN D 178 4.90 37.78 12.89
N PRO D 179 3.79 37.11 12.62
CA PRO D 179 2.75 36.86 13.61
C PRO D 179 3.31 36.33 14.93
N VAL D 180 4.05 35.24 14.85
CA VAL D 180 4.60 34.60 16.04
C VAL D 180 5.53 35.52 16.84
N LEU D 181 6.41 36.23 16.14
CA LEU D 181 7.33 37.11 16.83
C LEU D 181 6.58 38.34 17.30
N ALA D 182 5.71 38.85 16.44
CA ALA D 182 4.93 40.03 16.78
C ALA D 182 4.07 39.75 17.99
N ALA D 183 3.48 38.56 18.04
CA ALA D 183 2.65 38.20 19.17
C ALA D 183 3.45 38.17 20.48
N ASP D 184 4.63 37.53 20.47
CA ASP D 184 5.48 37.55 21.65
C ASP D 184 5.70 38.96 22.17
N MET D 185 6.13 39.84 21.29
CA MET D 185 6.52 41.18 21.71
C MET D 185 5.38 42.16 21.89
N LEU D 186 4.45 42.22 20.94
CA LEU D 186 3.36 43.18 21.04
C LEU D 186 2.27 42.75 22.03
N LEU D 187 1.95 41.45 22.05
CA LEU D 187 0.94 40.93 22.96
C LEU D 187 1.59 40.56 24.27
N GLY D 188 2.34 39.47 24.31
CA GLY D 188 2.93 38.96 25.53
C GLY D 188 3.72 40.01 26.30
N GLU D 189 4.45 40.85 25.58
CA GLU D 189 5.36 41.82 26.21
C GLU D 189 4.94 43.28 26.08
N LEU D 190 3.65 43.51 25.83
CA LEU D 190 3.14 44.87 25.80
C LEU D 190 1.66 44.94 26.18
N PHE D 191 0.78 44.63 25.23
CA PHE D 191 -0.65 44.77 25.44
C PHE D 191 -1.22 43.86 26.52
N LEU D 192 -0.50 42.80 26.86
CA LEU D 192 -0.96 41.88 27.86
C LEU D 192 -0.14 42.00 29.14
N LEU D 193 0.65 43.06 29.24
CA LEU D 193 1.45 43.30 30.44
C LEU D 193 0.62 43.76 31.62
N LYS D 194 -0.08 44.88 31.47
CA LYS D 194 -0.81 45.53 32.57
C LYS D 194 -2.18 45.95 32.10
N GLU D 195 -2.99 46.48 33.02
CA GLU D 195 -4.32 47.00 32.66
C GLU D 195 -4.20 48.22 31.75
N SER D 196 -3.40 49.18 32.18
CA SER D 196 -3.10 50.36 31.39
C SER D 196 -2.95 50.03 29.89
N TYR D 197 -2.05 49.13 29.55
CA TYR D 197 -1.77 48.83 28.15
C TYR D 197 -2.90 48.04 27.49
N PHE D 198 -3.49 47.10 28.23
CA PHE D 198 -4.56 46.29 27.68
C PHE D 198 -5.77 47.17 27.41
N PHE D 199 -5.97 48.16 28.26
CA PHE D 199 -7.05 49.11 28.08
C PHE D 199 -6.85 49.85 26.75
N SER D 200 -5.62 50.26 26.49
CA SER D 200 -5.24 50.88 25.21
C SER D 200 -5.62 49.95 24.06
N PHE D 201 -5.26 48.69 24.23
CA PHE D 201 -5.50 47.69 23.22
C PHE D 201 -6.99 47.62 22.86
N GLN D 202 -7.86 47.58 23.88
CA GLN D 202 -9.29 47.51 23.63
C GLN D 202 -9.74 48.69 22.81
N LYS D 203 -9.35 49.87 23.25
CA LYS D 203 -9.72 51.11 22.56
C LYS D 203 -9.32 51.05 21.10
N ILE D 204 -8.11 50.57 20.86
CA ILE D 204 -7.56 50.51 19.50
C ILE D 204 -8.35 49.59 18.59
N ILE D 205 -8.83 48.48 19.12
CA ILE D 205 -9.57 47.56 18.28
C ILE D 205 -11.06 47.87 18.30
N SER D 206 -11.55 48.45 19.38
CA SER D 206 -12.97 48.76 19.44
C SER D 206 -13.26 49.96 18.55
N ALA D 207 -12.27 50.83 18.40
CA ALA D 207 -12.40 51.99 17.53
C ALA D 207 -11.81 51.67 16.17
N SER D 208 -11.87 50.41 15.80
CA SER D 208 -11.20 49.94 14.61
C SER D 208 -12.18 49.22 13.68
N SER D 209 -11.89 49.24 12.39
CA SER D 209 -12.71 48.55 11.39
C SER D 209 -13.15 47.15 11.83
N LEU D 210 -14.36 46.74 11.48
CA LEU D 210 -14.83 45.39 11.86
C LEU D 210 -13.93 44.31 11.27
N ILE D 211 -13.58 44.46 10.00
CA ILE D 211 -12.74 43.50 9.30
C ILE D 211 -11.40 43.38 10.02
N ASP D 212 -10.79 44.52 10.32
CA ASP D 212 -9.57 44.55 11.11
C ASP D 212 -9.76 44.02 12.53
N GLN D 213 -10.93 44.28 13.09
CA GLN D 213 -11.25 43.77 14.41
C GLN D 213 -11.07 42.27 14.41
N LYS D 214 -11.60 41.60 13.39
CA LYS D 214 -11.51 40.16 13.29
C LYS D 214 -10.06 39.67 13.20
N ARG D 215 -9.24 40.40 12.44
CA ARG D 215 -7.85 40.00 12.24
C ARG D 215 -7.12 40.10 13.57
N LEU D 216 -7.17 41.27 14.19
CA LEU D 216 -6.54 41.48 15.48
C LEU D 216 -6.93 40.42 16.49
N ILE D 217 -8.24 40.16 16.63
CA ILE D 217 -8.68 39.25 17.67
C ILE D 217 -8.63 37.76 17.29
N ALA D 218 -9.09 37.44 16.09
CA ALA D 218 -9.19 36.05 15.68
C ALA D 218 -7.88 35.51 15.11
N LYS D 219 -7.16 36.31 14.34
CA LYS D 219 -5.95 35.82 13.67
C LYS D 219 -4.65 36.17 14.41
N PHE D 220 -4.73 36.97 15.47
CA PHE D 220 -3.51 37.34 16.21
C PHE D 220 -3.61 37.13 17.71
N LEU D 221 -4.60 37.76 18.35
CA LEU D 221 -4.82 37.53 19.77
C LEU D 221 -5.06 36.04 20.07
N LEU D 222 -6.13 35.49 19.52
CA LEU D 222 -6.53 34.12 19.83
C LEU D 222 -5.40 33.08 19.78
N PRO D 223 -4.70 33.01 18.63
CA PRO D 223 -3.64 32.04 18.49
C PRO D 223 -2.58 32.23 19.56
N TYR D 224 -2.30 33.48 19.95
CA TYR D 224 -1.34 33.73 21.02
C TYR D 224 -1.91 33.22 22.35
N ILE D 225 -3.16 33.57 22.64
CA ILE D 225 -3.82 33.07 23.85
C ILE D 225 -3.72 31.55 23.90
N GLN D 226 -3.79 30.91 22.74
CA GLN D 226 -3.79 29.49 22.70
C GLN D 226 -2.42 28.95 23.03
N VAL D 227 -1.40 29.75 22.80
CA VAL D 227 -0.02 29.34 23.05
C VAL D 227 0.24 29.36 24.54
N ILE D 228 -0.42 30.28 25.25
CA ILE D 228 -0.14 30.46 26.67
C ILE D 228 -1.19 29.83 27.57
N VAL D 229 -2.43 29.82 27.13
CA VAL D 229 -3.53 29.28 27.95
C VAL D 229 -3.17 28.02 28.72
N THR D 230 -3.31 28.09 30.04
CA THR D 230 -3.24 26.92 30.93
C THR D 230 -4.55 26.81 31.68
N LEU D 231 -4.72 25.75 32.45
CA LEU D 231 -5.89 25.67 33.29
C LEU D 231 -5.94 26.80 34.32
N GLU D 232 -4.80 27.17 34.87
CA GLU D 232 -4.77 28.30 35.80
C GLU D 232 -4.94 29.63 35.07
N ASN D 233 -4.51 29.69 33.82
CA ASN D 233 -4.75 30.85 32.99
C ASN D 233 -6.21 31.05 32.68
N LEU D 234 -6.90 29.93 32.48
CA LEU D 234 -8.17 29.93 31.80
C LEU D 234 -9.03 31.07 32.28
N ASN D 235 -9.18 31.17 33.60
CA ASN D 235 -10.06 32.17 34.19
C ASN D 235 -9.71 33.58 33.75
N ASP D 236 -8.43 33.92 33.82
CA ASP D 236 -7.96 35.23 33.42
C ASP D 236 -8.08 35.45 31.92
N VAL D 237 -8.05 34.37 31.15
CA VAL D 237 -8.16 34.55 29.70
C VAL D 237 -9.63 34.79 29.31
N ARG D 238 -10.57 34.15 30.01
CA ARG D 238 -11.96 34.43 29.69
C ARG D 238 -12.30 35.84 30.12
N LYS D 239 -11.65 36.32 31.18
CA LYS D 239 -11.83 37.69 31.60
C LYS D 239 -11.40 38.59 30.45
N ILE D 240 -10.37 38.17 29.72
CA ILE D 240 -9.87 38.98 28.58
C ILE D 240 -10.75 38.88 27.35
N LEU D 241 -11.40 37.75 27.14
CA LEU D 241 -12.18 37.59 25.93
C LEU D 241 -13.57 38.20 26.11
N ARG D 242 -14.09 38.15 27.33
CA ARG D 242 -15.38 38.74 27.61
C ARG D 242 -15.29 40.23 27.35
N ARG D 243 -14.08 40.77 27.38
CA ARG D 243 -13.86 42.19 27.19
C ARG D 243 -14.05 42.62 25.72
N PHE D 244 -14.30 41.67 24.83
CA PHE D 244 -14.52 41.98 23.42
C PHE D 244 -15.87 41.50 22.94
N ASP D 245 -16.35 42.10 21.86
CA ASP D 245 -17.58 41.64 21.23
C ASP D 245 -17.31 40.39 20.38
N LEU D 246 -17.31 39.23 21.02
CA LEU D 246 -16.98 37.99 20.35
C LEU D 246 -18.06 37.57 19.36
N ASP D 247 -19.26 38.10 19.57
CA ASP D 247 -20.40 37.69 18.77
C ASP D 247 -20.25 38.12 17.32
N LYS D 248 -19.61 39.28 17.12
CA LYS D 248 -19.35 39.80 15.78
C LYS D 248 -18.08 39.22 15.14
N ILE D 249 -17.15 38.80 15.98
CA ILE D 249 -15.78 38.52 15.55
C ILE D 249 -15.46 37.03 15.26
N ILE D 250 -16.17 36.13 15.92
CA ILE D 250 -15.81 34.71 15.88
C ILE D 250 -16.70 33.83 15.00
N SER D 251 -16.13 33.29 13.93
CA SER D 251 -16.90 32.39 13.06
C SER D 251 -16.64 30.93 13.44
N LEU D 252 -17.48 30.03 12.94
CA LEU D 252 -17.26 28.62 13.19
C LEU D 252 -15.82 28.21 12.88
N SER D 253 -15.37 28.53 11.67
CA SER D 253 -14.06 28.10 11.22
C SER D 253 -13.00 28.44 12.26
N VAL D 254 -13.14 29.60 12.87
CA VAL D 254 -12.24 30.03 13.96
C VAL D 254 -12.40 29.11 15.15
N LEU D 255 -13.64 28.83 15.51
CA LEU D 255 -13.97 27.95 16.62
C LEU D 255 -13.47 26.52 16.36
N PHE D 256 -13.51 26.12 15.09
CA PHE D 256 -13.00 24.82 14.70
C PHE D 256 -11.49 24.72 14.90
N GLU D 257 -10.78 25.77 14.52
CA GLU D 257 -9.33 25.78 14.59
C GLU D 257 -8.80 25.59 16.00
N ILE D 258 -9.45 26.19 16.99
CA ILE D 258 -8.91 26.20 18.34
C ILE D 258 -8.68 24.80 18.88
N GLN D 259 -7.44 24.49 19.20
CA GLN D 259 -7.08 23.16 19.64
C GLN D 259 -7.40 22.89 21.11
N SER D 260 -7.28 23.90 21.98
CA SER D 260 -7.51 23.65 23.40
C SER D 260 -8.98 23.49 23.72
N LEU D 261 -9.38 22.34 24.27
CA LEU D 261 -10.81 22.14 24.48
C LEU D 261 -11.29 23.17 25.49
N PRO D 262 -10.66 23.21 26.67
CA PRO D 262 -11.09 24.16 27.67
C PRO D 262 -11.20 25.58 27.10
N LEU D 263 -10.26 26.00 26.27
CA LEU D 263 -10.38 27.32 25.65
C LEU D 263 -11.60 27.34 24.73
N LYS D 264 -11.72 26.32 23.86
CA LYS D 264 -12.89 26.24 22.97
C LYS D 264 -14.19 26.41 23.78
N GLU D 265 -14.34 25.64 24.86
CA GLU D 265 -15.48 25.76 25.76
C GLU D 265 -15.70 27.19 26.27
N VAL D 266 -14.68 27.78 26.88
CA VAL D 266 -14.76 29.16 27.33
C VAL D 266 -15.36 30.10 26.27
N ILE D 267 -15.01 29.91 25.00
CA ILE D 267 -15.54 30.78 23.95
C ILE D 267 -16.99 30.44 23.63
N VAL D 268 -17.30 29.15 23.59
CA VAL D 268 -18.69 28.74 23.36
C VAL D 268 -19.59 29.40 24.39
N ARG D 269 -19.07 29.57 25.59
CA ARG D 269 -19.92 30.05 26.66
C ARG D 269 -19.97 31.56 26.77
N LEU D 270 -19.25 32.25 25.89
CA LEU D 270 -19.33 33.70 25.86
C LEU D 270 -20.24 34.14 24.74
N MET D 271 -20.84 33.18 24.04
CA MET D 271 -21.66 33.51 22.88
C MET D 271 -23.10 33.77 23.26
N SER D 272 -23.67 34.84 22.72
CA SER D 272 -25.08 35.06 22.93
C SER D 272 -25.88 33.84 22.45
N ASN D 273 -27.12 33.73 22.90
CA ASN D 273 -27.98 32.64 22.45
C ASN D 273 -28.30 32.78 20.98
N HIS D 274 -28.26 34.00 20.48
CA HIS D 274 -28.44 34.20 19.07
C HIS D 274 -27.28 33.59 18.28
N SER D 275 -26.06 33.93 18.65
CA SER D 275 -24.93 33.25 18.06
C SER D 275 -25.10 31.75 18.25
N SER D 276 -25.45 31.34 19.46
CA SER D 276 -25.50 29.91 19.75
C SER D 276 -26.47 29.18 18.85
N THR D 277 -27.59 29.82 18.57
CA THR D 277 -28.62 29.17 17.79
C THR D 277 -28.13 29.01 16.34
N LYS D 278 -27.49 30.06 15.81
CA LYS D 278 -26.88 30.00 14.47
C LYS D 278 -25.84 28.90 14.36
N PHE D 279 -24.83 28.90 15.22
CA PHE D 279 -23.83 27.86 15.21
C PHE D 279 -24.44 26.47 15.33
N VAL D 280 -25.34 26.27 16.30
CA VAL D 280 -25.94 24.96 16.47
C VAL D 280 -26.58 24.50 15.16
N SER D 281 -27.15 25.44 14.43
CA SER D 281 -27.72 25.12 13.14
C SER D 281 -26.62 24.69 12.17
N ALA D 282 -25.65 25.57 11.92
CA ALA D 282 -24.49 25.23 11.13
C ALA D 282 -23.99 23.83 11.50
N LEU D 283 -23.67 23.63 12.77
CA LEU D 283 -23.15 22.37 13.21
C LEU D 283 -24.09 21.21 12.89
N VAL D 284 -25.37 21.37 13.13
CA VAL D 284 -26.31 20.29 12.84
C VAL D 284 -26.25 19.93 11.37
N SER D 285 -26.32 20.92 10.49
CA SER D 285 -26.23 20.66 9.07
C SER D 285 -24.96 19.90 8.74
N LYS D 286 -23.87 20.30 9.38
CA LYS D 286 -22.58 19.70 9.12
C LYS D 286 -22.57 18.26 9.62
N PHE D 287 -23.23 18.07 10.76
CA PHE D 287 -23.38 16.74 11.36
C PHE D 287 -24.15 15.83 10.41
N ALA D 288 -25.13 16.39 9.74
CA ALA D 288 -25.97 15.60 8.86
C ALA D 288 -25.20 15.27 7.59
N ASP D 289 -24.31 16.17 7.18
CA ASP D 289 -23.59 15.96 5.92
C ASP D 289 -22.20 15.42 6.22
N PHE D 290 -22.14 14.24 6.81
CA PHE D 290 -20.93 13.80 7.45
C PHE D 290 -20.07 12.92 6.58
N THR D 291 -18.91 13.46 6.22
CA THR D 291 -17.99 12.85 5.26
C THR D 291 -16.63 12.63 5.87
N ASP D 292 -16.16 13.65 6.55
CA ASP D 292 -14.83 13.66 7.12
C ASP D 292 -14.88 13.28 8.60
N GLU D 293 -14.24 12.16 8.93
CA GLU D 293 -14.23 11.67 10.30
C GLU D 293 -13.60 12.68 11.27
N GLU D 294 -12.46 13.23 10.90
CA GLU D 294 -11.78 14.15 11.78
C GLU D 294 -12.64 15.40 11.99
N VAL D 295 -13.29 15.86 10.91
CA VAL D 295 -14.12 17.06 10.98
C VAL D 295 -15.42 16.78 11.72
N ASP D 296 -15.92 15.56 11.60
CA ASP D 296 -17.17 15.23 12.26
C ASP D 296 -16.95 15.21 13.75
N THR D 297 -15.78 14.76 14.15
CA THR D 297 -15.45 14.69 15.56
C THR D 297 -15.44 16.09 16.16
N LYS D 298 -14.72 17.01 15.53
CA LYS D 298 -14.68 18.38 16.01
C LYS D 298 -16.09 18.96 16.07
N THR D 299 -16.94 18.60 15.10
CA THR D 299 -18.32 19.07 15.01
C THR D 299 -19.20 18.55 16.15
N CYS D 300 -19.08 17.26 16.42
CA CYS D 300 -19.86 16.65 17.47
C CYS D 300 -19.54 17.25 18.80
N GLU D 301 -18.28 17.58 19.03
CA GLU D 301 -18.00 18.08 20.37
C GLU D 301 -18.47 19.53 20.50
N LEU D 302 -18.35 20.31 19.44
CA LEU D 302 -18.94 21.64 19.44
C LEU D 302 -20.45 21.58 19.69
N LEU D 303 -21.15 20.62 19.07
CA LEU D 303 -22.54 20.40 19.42
C LEU D 303 -22.66 20.19 20.93
N VAL D 304 -22.10 19.09 21.42
CA VAL D 304 -22.12 18.81 22.83
C VAL D 304 -21.87 20.07 23.66
N LEU D 305 -20.83 20.82 23.34
CA LEU D 305 -20.54 22.07 24.08
C LEU D 305 -21.75 23.00 24.12
N PHE D 306 -22.25 23.44 22.96
CA PHE D 306 -23.43 24.28 22.90
C PHE D 306 -24.68 23.65 23.54
N ALA D 307 -24.97 22.41 23.16
CA ALA D 307 -26.18 21.76 23.66
C ALA D 307 -26.14 21.76 25.17
N VAL D 308 -24.96 21.59 25.73
CA VAL D 308 -24.82 21.48 27.17
C VAL D 308 -24.79 22.84 27.87
N HIS D 309 -24.02 23.77 27.34
CA HIS D 309 -23.79 25.04 28.03
C HIS D 309 -24.73 26.16 27.62
N ASN D 310 -25.22 26.14 26.39
CA ASN D 310 -25.97 27.30 25.89
C ASN D 310 -27.45 27.09 25.59
N LEU D 311 -27.91 25.86 25.53
CA LEU D 311 -29.31 25.62 25.15
C LEU D 311 -30.17 25.15 26.33
N ASN D 312 -31.47 25.47 26.33
CA ASN D 312 -32.43 24.97 27.31
C ASN D 312 -32.76 23.53 27.06
N HIS D 313 -33.56 22.95 27.94
CA HIS D 313 -34.06 21.62 27.69
C HIS D 313 -34.84 21.57 26.37
N SER D 314 -35.62 22.61 26.08
CA SER D 314 -36.52 22.53 24.95
C SER D 314 -35.80 22.74 23.62
N GLN D 315 -34.91 23.73 23.57
CA GLN D 315 -34.13 23.93 22.34
C GLN D 315 -33.37 22.66 21.97
N ARG D 316 -32.83 22.01 23.00
CA ARG D 316 -32.14 20.75 22.82
C ARG D 316 -33.09 19.72 22.21
N GLU D 317 -34.34 19.71 22.69
CA GLU D 317 -35.28 18.72 22.21
C GLU D 317 -35.69 19.03 20.78
N GLU D 318 -35.66 20.30 20.41
CA GLU D 318 -35.96 20.70 19.04
C GLU D 318 -34.98 20.07 18.07
N ILE D 319 -33.69 20.20 18.36
CA ILE D 319 -32.66 19.60 17.54
C ILE D 319 -32.93 18.12 17.41
N ALA D 320 -33.28 17.48 18.53
CA ALA D 320 -33.52 16.05 18.53
C ALA D 320 -34.59 15.66 17.50
N HIS D 321 -35.43 16.63 17.15
CA HIS D 321 -36.50 16.38 16.20
C HIS D 321 -36.24 16.97 14.84
N ASP D 322 -35.09 17.60 14.69
CA ASP D 322 -34.70 18.16 13.41
C ASP D 322 -34.53 17.01 12.44
N GLU D 323 -35.13 17.12 11.26
CA GLU D 323 -34.95 16.13 10.22
C GLU D 323 -33.47 16.00 9.90
N ARG D 324 -32.78 17.13 9.86
CA ARG D 324 -31.35 17.17 9.65
C ARG D 324 -30.63 16.29 10.66
N PHE D 325 -30.87 16.55 11.95
CA PHE D 325 -30.25 15.74 12.98
C PHE D 325 -30.61 14.29 12.84
N LEU D 326 -31.90 14.00 12.69
CA LEU D 326 -32.37 12.61 12.57
C LEU D 326 -31.68 11.89 11.41
N ASN D 327 -31.57 12.55 10.27
CA ASN D 327 -30.92 11.96 9.14
C ASN D 327 -29.43 11.80 9.38
N GLY D 328 -28.81 12.83 9.93
CA GLY D 328 -27.41 12.72 10.35
C GLY D 328 -27.14 11.55 11.31
N VAL D 329 -28.11 11.20 12.14
CA VAL D 329 -27.92 10.05 13.02
C VAL D 329 -27.85 8.78 12.17
N THR D 330 -28.74 8.68 11.19
CA THR D 330 -28.81 7.48 10.35
C THR D 330 -27.52 7.29 9.60
N LYS D 331 -26.95 8.38 9.11
CA LYS D 331 -25.71 8.28 8.40
C LYS D 331 -24.57 7.91 9.32
N HIS D 332 -24.61 8.35 10.57
CA HIS D 332 -23.57 7.94 11.50
C HIS D 332 -23.65 6.45 11.81
N LEU D 333 -24.87 5.93 11.83
CA LEU D 333 -25.04 4.52 12.07
C LEU D 333 -24.52 3.74 10.87
N GLY D 334 -24.60 4.36 9.69
CA GLY D 334 -24.15 3.74 8.44
C GLY D 334 -22.65 3.75 8.35
N SER D 335 -22.02 4.37 9.33
CA SER D 335 -20.56 4.38 9.37
C SER D 335 -20.02 3.03 9.76
N ASN D 336 -18.78 2.76 9.34
CA ASN D 336 -18.11 1.55 9.76
C ASN D 336 -17.11 1.89 10.83
N GLU D 337 -16.94 3.19 11.06
CA GLU D 337 -16.18 3.69 12.19
C GLU D 337 -17.07 3.56 13.41
N ARG D 338 -16.77 2.57 14.25
CA ARG D 338 -17.58 2.36 15.43
C ARG D 338 -17.70 3.65 16.22
N GLU D 339 -16.60 4.39 16.29
CA GLU D 339 -16.58 5.65 17.00
C GLU D 339 -17.72 6.57 16.53
N ALA D 340 -17.81 6.77 15.21
CA ALA D 340 -18.83 7.62 14.62
C ALA D 340 -20.25 7.22 14.99
N ARG D 341 -20.52 5.92 14.99
CA ARG D 341 -21.79 5.43 15.46
C ARG D 341 -22.04 5.94 16.88
N GLU D 342 -21.11 5.62 17.78
CA GLU D 342 -21.22 6.03 19.17
C GLU D 342 -21.45 7.53 19.34
N ARG D 343 -20.63 8.33 18.68
CA ARG D 343 -20.81 9.77 18.71
C ARG D 343 -22.28 10.15 18.53
N ALA D 344 -22.91 9.62 17.49
CA ALA D 344 -24.29 9.98 17.21
C ALA D 344 -25.18 9.55 18.36
N MET D 345 -25.22 8.25 18.63
CA MET D 345 -26.04 7.73 19.70
C MET D 345 -25.86 8.53 21.01
N PHE D 346 -24.66 9.03 21.25
CA PHE D 346 -24.39 9.79 22.46
C PHE D 346 -25.11 11.12 22.40
N ILE D 347 -24.81 11.90 21.39
CA ILE D 347 -25.48 13.17 21.19
C ILE D 347 -27.01 13.05 21.17
N ALA D 348 -27.54 11.90 20.75
CA ALA D 348 -28.98 11.74 20.62
C ALA D 348 -29.57 11.53 22.00
N LYS D 349 -28.87 10.75 22.81
CA LYS D 349 -29.27 10.54 24.19
C LYS D 349 -29.16 11.88 24.92
N LEU D 350 -28.15 12.66 24.55
CA LEU D 350 -27.89 13.93 25.23
C LEU D 350 -28.97 14.96 24.95
N LEU D 351 -29.59 14.89 23.79
CA LEU D 351 -30.48 15.95 23.39
C LEU D 351 -31.91 15.76 23.87
N SER D 352 -32.33 14.52 23.99
CA SER D 352 -33.72 14.22 24.27
C SER D 352 -33.82 12.91 25.03
N GLY D 353 -35.00 12.65 25.60
CA GLY D 353 -35.28 11.35 26.23
C GLY D 353 -35.86 10.30 25.27
N GLY D 354 -36.37 10.75 24.11
CA GLY D 354 -36.97 9.86 23.12
C GLY D 354 -36.13 9.81 21.85
N HIS D 355 -35.21 8.84 21.79
CA HIS D 355 -34.10 8.86 20.84
C HIS D 355 -33.87 7.52 20.12
N LEU D 356 -34.03 6.43 20.86
CA LEU D 356 -33.64 5.09 20.41
C LEU D 356 -32.74 4.58 21.51
N LYS D 357 -33.28 3.73 22.38
CA LYS D 357 -32.53 3.24 23.54
C LYS D 357 -31.21 2.65 23.07
N TYR D 358 -30.16 2.85 23.84
CA TYR D 358 -28.86 2.43 23.36
C TYR D 358 -27.81 2.50 24.43
N GLU D 359 -27.53 1.36 25.05
CA GLU D 359 -26.59 1.33 26.16
C GLU D 359 -25.15 1.33 25.74
N SER D 360 -24.42 2.36 26.16
CA SER D 360 -22.98 2.33 26.07
C SER D 360 -22.38 3.37 27.00
N ASP D 361 -21.18 3.12 27.48
CA ASP D 361 -20.55 4.05 28.40
C ASP D 361 -19.86 5.16 27.64
N PHE D 362 -19.92 5.08 26.30
CA PHE D 362 -19.25 6.07 25.48
C PHE D 362 -19.74 7.45 25.85
N LYS D 363 -18.82 8.40 25.96
CA LYS D 363 -19.24 9.79 26.02
C LYS D 363 -18.32 10.73 25.23
N ILE D 364 -18.72 11.98 25.09
CA ILE D 364 -17.85 12.99 24.58
C ILE D 364 -17.48 13.87 25.77
N ASN D 365 -16.19 14.08 26.00
CA ASN D 365 -15.79 14.71 27.24
C ASN D 365 -15.69 16.21 27.13
N ILE D 366 -16.81 16.88 27.27
CA ILE D 366 -16.74 18.32 27.44
C ILE D 366 -15.92 18.63 28.72
N PRO D 367 -15.03 19.62 28.63
CA PRO D 367 -14.34 20.14 29.81
C PRO D 367 -15.26 20.20 31.03
N ASN D 368 -15.74 21.41 31.32
CA ASN D 368 -16.53 21.67 32.53
C ASN D 368 -15.74 22.47 33.57
N VAL D 369 -15.57 23.77 33.33
CA VAL D 369 -14.69 24.56 34.14
C VAL D 369 -15.52 25.58 34.90
N LYS D 370 -15.22 25.78 36.18
CA LYS D 370 -16.09 26.61 37.03
C LYS D 370 -15.64 28.05 37.33
N SER D 375 -12.45 35.62 40.61
CA SER D 375 -13.00 36.06 39.33
C SER D 375 -14.01 37.19 39.49
N ASP D 376 -13.62 38.35 38.95
CA ASP D 376 -14.33 39.59 39.18
C ASP D 376 -14.18 40.46 37.95
N ASP D 377 -15.25 40.49 37.16
CA ASP D 377 -15.44 41.53 36.18
C ASP D 377 -14.22 42.46 36.09
N LYS D 378 -13.27 42.15 35.21
CA LYS D 378 -12.32 43.19 34.82
C LYS D 378 -11.13 43.36 35.76
N ILE D 379 -11.04 42.57 36.82
CA ILE D 379 -9.78 42.50 37.55
C ILE D 379 -9.04 41.30 36.96
N ILE D 380 -8.05 41.59 36.11
CA ILE D 380 -7.32 40.58 35.36
C ILE D 380 -5.91 40.42 35.87
N ASP D 381 -5.48 39.18 36.02
CA ASP D 381 -4.16 38.91 36.54
C ASP D 381 -3.17 38.69 35.41
N PHE D 382 -2.72 39.77 34.81
CA PHE D 382 -1.84 39.66 33.67
C PHE D 382 -0.61 38.80 34.01
N GLN D 383 -0.13 38.90 35.23
CA GLN D 383 1.00 38.07 35.66
C GLN D 383 0.82 36.59 35.31
N SER D 384 -0.41 36.12 35.31
CA SER D 384 -0.65 34.71 35.08
C SER D 384 -0.50 34.37 33.60
N LEU D 385 -0.77 35.35 32.75
CA LEU D 385 -0.56 35.18 31.32
C LEU D 385 0.92 35.15 31.01
N LYS D 386 1.74 35.74 31.89
CA LYS D 386 3.16 35.86 31.61
C LYS D 386 3.74 34.50 31.24
N ARG D 387 4.77 34.51 30.42
CA ARG D 387 5.31 33.27 29.89
C ARG D 387 6.64 32.91 30.52
N GLU D 388 6.72 31.68 31.01
CA GLU D 388 7.95 31.14 31.52
C GLU D 388 9.13 31.50 30.59
N ILE D 389 10.11 32.25 31.07
CA ILE D 389 11.18 32.78 30.19
C ILE D 389 11.72 31.81 29.13
N VAL D 390 12.13 30.63 29.56
CA VAL D 390 12.68 29.61 28.67
C VAL D 390 11.70 29.19 27.57
N LYS D 391 10.41 29.26 27.87
CA LYS D 391 9.41 28.80 26.94
C LYS D 391 9.28 29.71 25.74
N ARG D 392 9.86 30.89 25.81
CA ARG D 392 9.74 31.78 24.67
C ARG D 392 11.01 31.93 23.84
N ILE D 393 12.03 31.13 24.17
CA ILE D 393 13.17 31.00 23.29
C ILE D 393 12.66 30.46 21.96
N VAL D 394 12.95 31.15 20.87
CA VAL D 394 12.48 30.70 19.57
C VAL D 394 13.59 30.23 18.64
N PHE D 395 14.79 30.81 18.82
CA PHE D 395 15.93 30.53 17.93
C PHE D 395 16.97 29.65 18.59
N LEU D 396 17.50 28.67 17.86
CA LEU D 396 18.54 27.79 18.40
C LEU D 396 19.68 28.66 18.87
N LYS D 397 19.95 29.71 18.11
CA LYS D 397 20.94 30.71 18.50
C LYS D 397 20.87 30.97 20.01
N ASP D 398 19.66 31.21 20.53
CA ASP D 398 19.45 31.54 21.95
C ASP D 398 19.46 30.34 22.89
N LEU D 399 19.05 29.18 22.43
CA LEU D 399 19.21 27.99 23.24
C LEU D 399 20.67 27.86 23.62
N MET D 400 21.53 27.95 22.63
CA MET D 400 22.94 27.69 22.86
C MET D 400 23.50 28.70 23.87
N LYS D 401 22.98 29.91 23.83
CA LYS D 401 23.49 30.92 24.74
C LYS D 401 23.13 30.53 26.17
N GLU D 402 22.00 29.85 26.34
CA GLU D 402 21.57 29.38 27.66
C GLU D 402 22.49 28.27 28.15
N TYR D 403 22.74 27.29 27.30
CA TYR D 403 23.61 26.20 27.67
C TYR D 403 24.98 26.69 28.09
N GLU D 404 25.37 27.88 27.64
CA GLU D 404 26.66 28.42 27.99
C GLU D 404 26.63 29.19 29.30
N LYS D 405 25.52 29.09 30.01
CA LYS D 405 25.40 29.67 31.34
C LYS D 405 25.29 28.56 32.38
N SER D 409 27.65 31.41 36.10
CA SER D 409 26.57 31.56 37.09
C SER D 409 25.21 31.24 36.47
N ARG D 410 25.04 29.98 36.05
CA ARG D 410 23.76 29.45 35.59
C ARG D 410 22.68 29.58 36.66
N LYS D 411 21.50 30.03 36.27
CA LYS D 411 20.40 30.26 37.21
C LYS D 411 19.70 28.96 37.66
N ALA D 412 18.45 28.74 37.24
CA ALA D 412 17.65 27.62 37.76
C ALA D 412 17.53 26.40 36.82
N PRO D 413 16.48 25.58 37.02
CA PRO D 413 16.33 24.19 36.54
C PRO D 413 16.73 23.97 35.07
N LEU D 414 17.15 22.74 34.77
CA LEU D 414 17.59 22.38 33.41
C LEU D 414 16.55 21.62 32.61
N ILE D 415 15.61 20.97 33.29
CA ILE D 415 14.67 20.15 32.55
C ILE D 415 13.83 21.02 31.60
N PRO D 416 13.41 22.20 32.05
CA PRO D 416 12.74 23.13 31.17
C PRO D 416 13.55 23.37 29.89
N LEU D 417 14.85 23.62 30.03
CA LEU D 417 15.71 23.86 28.88
C LEU D 417 15.78 22.64 27.95
N LEU D 418 15.94 21.45 28.52
CA LEU D 418 16.00 20.26 27.71
C LEU D 418 14.66 20.08 26.99
N LYS D 419 13.57 20.26 27.73
CA LYS D 419 12.23 20.17 27.16
C LYS D 419 12.14 21.12 25.99
N GLN D 420 12.58 22.34 26.20
CA GLN D 420 12.53 23.35 25.14
C GLN D 420 13.42 22.99 23.96
N THR D 421 14.56 22.35 24.23
CA THR D 421 15.44 21.94 23.15
C THR D 421 14.78 20.90 22.27
N VAL D 422 14.05 19.98 22.89
CA VAL D 422 13.33 19.00 22.08
C VAL D 422 12.30 19.72 21.23
N LYS D 423 11.51 20.57 21.86
CA LYS D 423 10.44 21.24 21.15
C LYS D 423 10.95 21.91 19.91
N LEU D 424 11.92 22.80 20.08
CA LEU D 424 12.48 23.59 18.98
C LEU D 424 13.16 22.72 17.93
N ILE D 425 14.09 21.87 18.34
CA ILE D 425 14.81 21.09 17.35
C ILE D 425 13.88 20.22 16.50
N ARG D 426 12.85 19.67 17.11
CA ARG D 426 11.99 18.77 16.38
C ARG D 426 11.04 19.55 15.48
N GLN D 427 10.61 20.70 15.95
CA GLN D 427 9.67 21.50 15.18
C GLN D 427 10.47 22.36 14.23
N LYS D 428 10.65 21.92 12.99
CA LYS D 428 11.45 22.68 12.05
C LYS D 428 12.87 22.16 12.21
N ALA D 429 13.60 22.89 13.04
CA ALA D 429 15.03 22.72 13.34
C ALA D 429 15.67 24.10 13.48
N PHE D 431 15.30 25.17 9.72
CA PHE D 431 16.14 24.07 9.27
C PHE D 431 17.03 24.45 8.06
N GLN D 432 17.94 23.55 7.70
CA GLN D 432 18.96 23.76 6.66
C GLN D 432 19.60 25.17 6.58
N LEU D 433 19.29 26.06 7.51
CA LEU D 433 19.88 27.42 7.50
C LEU D 433 21.36 27.41 7.96
N GLU D 434 21.61 28.01 9.12
CA GLU D 434 22.89 27.86 9.81
C GLU D 434 22.62 26.98 11.01
N VAL D 435 21.71 26.03 10.83
CA VAL D 435 21.21 25.22 11.92
C VAL D 435 22.21 24.17 12.40
N GLY D 436 22.97 23.61 11.48
CA GLY D 436 23.95 22.58 11.82
C GLY D 436 24.90 23.04 12.90
N TYR D 437 25.34 24.28 12.81
CA TYR D 437 26.33 24.83 13.75
C TYR D 437 25.84 24.88 15.18
N TYR D 438 24.68 25.50 15.38
CA TYR D 438 24.09 25.61 16.71
C TYR D 438 23.70 24.25 17.29
N ALA D 439 23.08 23.40 16.48
CA ALA D 439 22.67 22.07 16.96
C ALA D 439 23.89 21.36 17.52
N GLN D 440 25.00 21.51 16.82
CA GLN D 440 26.20 20.85 17.21
C GLN D 440 26.70 21.27 18.59
N GLY D 441 26.79 22.59 18.81
CA GLY D 441 27.14 23.11 20.12
C GLY D 441 26.15 22.61 21.14
N ILE D 442 24.86 22.84 20.90
CA ILE D 442 23.84 22.38 21.83
C ILE D 442 24.05 20.92 22.20
N LEU D 443 24.28 20.04 21.23
CA LEU D 443 24.43 18.63 21.53
C LEU D 443 25.63 18.43 22.43
N SER D 444 26.75 18.99 22.02
CA SER D 444 27.96 18.93 22.79
C SER D 444 27.65 19.32 24.23
N SER D 445 27.03 20.48 24.42
CA SER D 445 26.68 20.96 25.75
C SER D 445 25.84 19.94 26.50
N ILE D 446 24.81 19.44 25.85
CA ILE D 446 23.87 18.57 26.52
C ILE D 446 24.55 17.29 27.01
N VAL D 447 25.48 16.76 26.21
CA VAL D 447 26.19 15.55 26.61
C VAL D 447 26.93 15.74 27.93
N CYS D 448 27.52 16.92 28.12
CA CYS D 448 28.33 17.20 29.28
C CYS D 448 27.57 17.60 30.52
N LEU D 449 26.29 17.91 30.36
CA LEU D 449 25.47 18.32 31.50
C LEU D 449 25.56 17.35 32.66
N ASN D 450 25.66 17.89 33.87
CA ASN D 450 25.44 17.09 35.05
C ASN D 450 24.17 17.56 35.71
N ASN D 451 23.51 16.67 36.43
CA ASN D 451 22.30 17.06 37.13
C ASN D 451 22.65 17.91 38.36
N GLU D 452 22.73 19.23 38.18
CA GLU D 452 23.25 20.15 39.19
C GLU D 452 22.30 20.42 40.33
N PHE D 453 21.01 20.26 40.08
CA PHE D 453 19.99 20.51 41.08
C PHE D 453 19.16 19.24 41.18
N ASP D 454 19.83 18.13 40.88
CA ASP D 454 19.18 16.86 40.63
C ASP D 454 17.68 17.02 40.68
N GLU D 455 17.11 17.16 39.49
CA GLU D 455 15.68 17.16 39.31
C GLU D 455 15.28 15.76 38.88
N PRO D 456 14.09 15.33 39.28
CA PRO D 456 13.64 14.02 38.86
C PRO D 456 13.61 14.02 37.34
N LEU D 457 13.73 12.84 36.72
CA LEU D 457 13.50 12.67 35.30
C LEU D 457 14.51 13.35 34.41
N PHE D 458 15.52 13.98 35.00
CA PHE D 458 16.68 14.42 34.22
C PHE D 458 17.12 13.18 33.47
N GLU D 459 18.13 13.24 32.65
CA GLU D 459 18.59 11.98 32.01
C GLU D 459 17.61 11.49 30.97
N GLN D 460 16.34 11.36 31.34
CA GLN D 460 15.35 11.06 30.34
C GLN D 460 15.31 12.23 29.37
N TRP D 461 15.21 13.42 29.92
CA TRP D 461 15.15 14.58 29.09
C TRP D 461 16.48 14.80 28.42
N ARG D 462 17.57 14.51 29.11
CA ARG D 462 18.85 14.56 28.41
C ARG D 462 18.82 13.59 27.22
N ILE D 463 18.32 12.39 27.43
CA ILE D 463 18.32 11.45 26.35
C ILE D 463 17.40 11.94 25.25
N ASN D 464 16.26 12.51 25.64
CA ASN D 464 15.32 13.08 24.66
C ASN D 464 15.94 14.15 23.82
N ALA D 465 16.63 15.09 24.46
CA ALA D 465 17.24 16.18 23.76
C ALA D 465 18.25 15.59 22.78
N LEU D 466 19.08 14.67 23.26
CA LEU D 466 20.12 14.11 22.39
C LEU D 466 19.49 13.36 21.22
N THR D 467 18.51 12.51 21.52
CA THR D 467 17.89 11.70 20.49
C THR D 467 17.32 12.61 19.41
N SER D 468 16.70 13.70 19.82
CA SER D 468 15.96 14.49 18.88
C SER D 468 16.92 15.26 18.02
N ILE D 469 18.04 15.69 18.58
CA ILE D 469 19.05 16.30 17.72
C ILE D 469 19.56 15.28 16.72
N LEU D 470 19.77 14.05 17.18
CA LEU D 470 20.30 13.01 16.31
C LEU D 470 19.30 12.62 15.21
N VAL D 471 18.02 12.69 15.53
CA VAL D 471 16.98 12.29 14.57
C VAL D 471 16.78 13.36 13.50
N VAL D 472 16.75 14.62 13.96
CA VAL D 472 16.53 15.73 13.05
C VAL D 472 17.76 16.01 12.20
N LEU D 473 18.94 15.76 12.76
CA LEU D 473 20.19 16.04 12.07
C LEU D 473 21.14 14.86 12.14
N PRO D 474 20.76 13.72 11.56
CA PRO D 474 21.52 12.48 11.73
C PRO D 474 23.02 12.65 11.62
N GLU D 475 23.53 13.55 10.78
CA GLU D 475 24.99 13.54 10.62
C GLU D 475 25.71 14.29 11.73
N LYS D 476 24.93 14.85 12.64
CA LYS D 476 25.49 15.39 13.84
C LYS D 476 25.95 14.23 14.72
N VAL D 477 25.80 12.99 14.22
CA VAL D 477 26.27 11.80 14.94
C VAL D 477 27.79 11.70 14.90
N ASN D 478 28.39 12.32 13.91
CA ASN D 478 29.81 12.25 13.76
C ASN D 478 30.49 12.84 14.98
N GLY D 479 30.07 14.04 15.36
CA GLY D 479 30.64 14.71 16.50
C GLY D 479 30.20 14.08 17.79
N ALA D 480 28.99 13.54 17.80
CA ALA D 480 28.48 12.92 19.03
C ALA D 480 29.32 11.69 19.37
N ILE D 481 29.47 10.81 18.39
CA ILE D 481 30.28 9.60 18.58
C ILE D 481 31.74 9.95 18.90
N ASN D 482 32.20 11.13 18.49
CA ASN D 482 33.57 11.54 18.82
C ASN D 482 33.67 11.99 20.24
N ILE D 483 32.56 12.51 20.76
CA ILE D 483 32.53 12.98 22.12
C ILE D 483 32.49 11.75 23.02
N LEU D 484 31.86 10.68 22.54
CA LEU D 484 31.75 9.47 23.33
C LEU D 484 33.14 8.90 23.55
N PHE D 485 33.96 8.94 22.51
CA PHE D 485 35.38 8.67 22.69
C PHE D 485 36.12 9.89 23.23
N ASN D 486 37.08 10.40 22.47
CA ASN D 486 37.85 11.60 22.83
C ASN D 486 37.58 12.32 24.18
N SER D 487 36.47 13.06 24.28
CA SER D 487 36.26 13.85 25.50
C SER D 487 35.96 12.97 26.71
N GLU D 488 36.25 13.50 27.89
CA GLU D 488 36.17 12.71 29.13
C GLU D 488 34.89 12.93 29.90
N LEU D 489 33.94 12.02 29.73
CA LEU D 489 32.68 12.11 30.42
C LEU D 489 32.50 11.01 31.43
N SER D 490 31.45 11.10 32.23
CA SER D 490 31.22 10.19 33.33
C SER D 490 30.16 9.18 33.03
N LEU D 491 30.56 7.97 32.74
CA LEU D 491 29.58 6.91 32.64
C LEU D 491 28.20 7.46 32.33
N GLN D 492 27.46 7.78 33.37
CA GLN D 492 26.10 8.26 33.19
C GLN D 492 26.14 8.96 31.88
N GLN D 493 26.98 9.95 31.81
CA GLN D 493 27.16 10.72 30.59
C GLN D 493 27.29 9.80 29.37
N ARG D 494 28.23 8.86 29.41
CA ARG D 494 28.43 7.91 28.32
C ARG D 494 27.22 7.03 28.11
N MET D 495 26.70 6.46 29.20
CA MET D 495 25.59 5.53 29.13
C MET D 495 24.41 6.15 28.40
N SER D 496 24.02 7.37 28.76
CA SER D 496 22.85 7.97 28.14
C SER D 496 23.10 8.46 26.72
N LEU D 497 24.32 8.85 26.42
CA LEU D 497 24.69 9.19 25.04
C LEU D 497 24.54 7.94 24.19
N LEU D 498 25.10 6.84 24.69
CA LEU D 498 24.99 5.55 24.02
C LEU D 498 23.50 5.26 23.80
N SER D 499 22.68 5.52 24.82
CA SER D 499 21.24 5.35 24.71
C SER D 499 20.61 6.20 23.61
N ALA D 500 21.03 7.45 23.51
CA ALA D 500 20.46 8.33 22.50
C ALA D 500 20.78 7.79 21.11
N LEU D 501 22.03 7.33 20.92
CA LEU D 501 22.45 6.78 19.65
C LEU D 501 21.50 5.68 19.23
N GLY D 502 21.23 4.75 20.13
CA GLY D 502 20.36 3.65 19.79
C GLY D 502 18.94 4.10 19.53
N LEU D 503 18.46 5.01 20.35
CA LEU D 503 17.09 5.48 20.24
C LEU D 503 16.89 6.19 18.93
N SER D 504 17.83 7.07 18.58
CA SER D 504 17.71 7.81 17.33
C SER D 504 17.82 6.85 16.14
N ALA D 505 18.71 5.88 16.21
CA ALA D 505 18.82 4.92 15.13
C ALA D 505 17.46 4.29 14.86
N ARG D 506 16.76 3.95 15.93
CA ARG D 506 15.50 3.26 15.74
C ARG D 506 14.47 4.18 15.13
N GLU D 507 14.47 5.44 15.55
CA GLU D 507 13.51 6.40 15.03
C GLU D 507 13.75 6.63 13.56
N LEU D 508 14.99 6.90 13.23
CA LEU D 508 15.38 7.06 11.85
C LEU D 508 15.00 5.84 11.02
N ARG D 509 15.18 4.63 11.53
CA ARG D 509 14.76 3.46 10.73
C ARG D 509 13.23 3.41 10.63
N GLY D 510 12.58 4.14 11.52
CA GLY D 510 11.14 4.25 11.56
C GLY D 510 10.42 2.96 11.27
N LEU D 511 10.62 1.98 12.15
CA LEU D 511 9.92 0.71 12.03
C LEU D 511 9.08 0.57 13.29
N ASP D 512 9.38 1.44 14.24
CA ASP D 512 8.85 1.41 15.60
C ASP D 512 8.98 2.82 16.19
N THR D 570 6.72 5.79 8.63
CA THR D 570 7.64 4.88 7.96
C THR D 570 8.73 5.66 7.19
N GLN D 571 9.61 4.95 6.49
CA GLN D 571 10.67 5.62 5.76
C GLN D 571 11.98 5.36 6.43
N ASN D 572 12.74 4.44 5.88
CA ASN D 572 14.02 4.11 6.41
C ASN D 572 14.90 5.34 6.24
N ARG D 573 14.66 6.35 7.05
CA ARG D 573 15.46 7.55 7.04
C ARG D 573 16.84 7.25 7.59
N PHE D 574 17.08 5.99 7.94
CA PHE D 574 18.34 5.62 8.60
C PHE D 574 19.38 5.03 7.66
N ARG D 575 18.92 4.35 6.60
CA ARG D 575 19.84 3.70 5.69
C ARG D 575 20.91 4.66 5.23
N LYS D 576 20.51 5.86 4.90
CA LYS D 576 21.42 6.88 4.42
C LYS D 576 22.52 7.22 5.42
N TYR D 577 22.36 6.86 6.68
CA TYR D 577 23.36 7.23 7.69
C TYR D 577 23.90 6.03 8.44
N ALA D 578 23.38 4.84 8.13
CA ALA D 578 23.74 3.61 8.85
C ALA D 578 25.22 3.53 9.20
N GLY D 579 26.08 3.65 8.20
CA GLY D 579 27.50 3.49 8.44
C GLY D 579 28.12 4.57 9.30
N LEU D 580 27.47 5.73 9.38
CA LEU D 580 27.98 6.79 10.26
C LEU D 580 27.77 6.39 11.71
N PHE D 581 26.68 5.66 11.98
CA PHE D 581 26.45 5.19 13.33
C PHE D 581 27.28 3.94 13.56
N PHE D 582 27.33 3.07 12.56
CA PHE D 582 27.77 1.72 12.82
C PHE D 582 29.27 1.50 12.89
N TYR D 583 30.04 2.19 12.07
CA TYR D 583 31.46 1.86 11.96
C TYR D 583 32.28 2.41 13.11
N PRO D 584 32.05 3.68 13.48
CA PRO D 584 32.85 4.25 14.55
C PRO D 584 32.65 3.43 15.82
N LEU D 585 31.43 2.94 16.01
CA LEU D 585 31.12 2.16 17.19
C LEU D 585 31.76 0.78 17.12
N ALA D 586 31.72 0.17 15.93
CA ALA D 586 32.21 -1.17 15.74
C ALA D 586 33.71 -1.21 15.95
N HIS D 587 34.38 -0.22 15.40
CA HIS D 587 35.83 -0.14 15.58
C HIS D 587 36.11 0.20 17.03
N GLY D 588 35.39 1.18 17.56
CA GLY D 588 35.47 1.49 18.97
C GLY D 588 35.59 0.21 19.76
N TRP D 589 34.68 -0.73 19.51
CA TRP D 589 34.69 -2.02 20.19
C TRP D 589 35.96 -2.81 19.89
N LEU D 590 36.15 -3.17 18.63
CA LEU D 590 37.24 -4.05 18.25
C LEU D 590 38.60 -3.52 18.69
N ASN D 591 38.87 -2.26 18.39
CA ASN D 591 40.24 -1.79 18.63
C ASN D 591 40.50 -1.28 20.06
N GLY D 592 39.44 -1.00 20.80
CA GLY D 592 39.60 -0.54 22.17
C GLY D 592 38.90 -1.45 23.16
N ILE D 593 37.59 -1.58 23.01
CA ILE D 593 36.72 -2.29 23.95
C ILE D 593 36.46 -1.44 25.18
N GLN D 600 31.18 -4.23 32.78
CA GLN D 600 30.13 -5.11 32.31
C GLN D 600 28.93 -4.26 31.96
N LEU D 601 28.48 -3.50 32.94
CA LEU D 601 27.30 -2.71 32.78
C LEU D 601 27.46 -1.91 31.49
N PHE D 602 28.62 -1.29 31.35
CA PHE D 602 28.91 -0.44 30.19
C PHE D 602 29.14 -1.23 28.92
N LYS D 603 30.14 -2.09 28.89
CA LYS D 603 30.37 -2.88 27.68
C LYS D 603 29.07 -3.53 27.19
N SER D 604 28.26 -4.01 28.12
CA SER D 604 27.03 -4.73 27.77
C SER D 604 26.02 -3.79 27.10
N HIS D 605 26.02 -2.54 27.55
CA HIS D 605 25.16 -1.51 26.98
C HIS D 605 25.68 -1.17 25.60
N TYR D 606 26.94 -0.74 25.53
CA TYR D 606 27.62 -0.51 24.27
C TYR D 606 27.28 -1.63 23.29
N LEU D 607 27.53 -2.88 23.65
CA LEU D 607 27.25 -3.97 22.74
C LEU D 607 25.79 -3.94 22.31
N THR D 608 24.87 -3.84 23.26
CA THR D 608 23.47 -3.84 22.92
C THR D 608 23.10 -2.69 21.99
N THR D 609 23.66 -1.51 22.22
CA THR D 609 23.25 -0.41 21.40
C THR D 609 23.86 -0.59 20.02
N LEU D 610 25.05 -1.18 19.99
CA LEU D 610 25.68 -1.52 18.71
C LEU D 610 24.81 -2.54 17.98
N ARG D 611 24.22 -3.48 18.72
CA ARG D 611 23.34 -4.48 18.11
C ARG D 611 22.12 -3.78 17.48
N ILE D 612 21.51 -2.89 18.26
CA ILE D 612 20.41 -2.08 17.75
C ILE D 612 20.77 -1.36 16.45
N ILE D 613 21.87 -0.60 16.49
CA ILE D 613 22.31 0.07 15.28
C ILE D 613 22.54 -0.89 14.11
N TYR D 614 23.14 -2.05 14.39
CA TYR D 614 23.35 -3.05 13.35
C TYR D 614 22.04 -3.52 12.73
N SER D 615 21.03 -3.81 13.53
CA SER D 615 19.76 -4.23 12.96
C SER D 615 19.12 -3.07 12.21
N CYS D 616 19.25 -1.88 12.77
CA CYS D 616 18.59 -0.73 12.17
C CYS D 616 19.15 -0.50 10.80
N ALA D 617 20.39 -0.94 10.59
CA ALA D 617 21.01 -0.76 9.30
C ALA D 617 20.67 -1.94 8.39
N ASN D 618 19.52 -2.60 8.55
CA ASN D 618 19.39 -3.87 7.89
C ASN D 618 19.27 -3.93 6.39
N PRO D 619 18.82 -2.85 5.77
CA PRO D 619 19.13 -2.96 4.35
C PRO D 619 20.51 -2.37 3.94
N VAL D 620 20.83 -1.13 4.33
CA VAL D 620 22.04 -0.48 3.79
C VAL D 620 22.52 -0.90 2.38
N HIS D 621 23.48 -1.81 2.32
CA HIS D 621 24.11 -2.15 1.03
C HIS D 621 25.55 -2.62 1.20
N ASP D 622 26.20 -2.09 2.22
CA ASP D 622 27.45 -2.66 2.70
C ASP D 622 27.15 -3.37 4.00
N PHE D 623 25.92 -3.87 4.10
CA PHE D 623 25.48 -4.60 5.27
C PHE D 623 26.34 -5.86 5.44
N GLU D 624 26.77 -6.43 4.32
CA GLU D 624 27.63 -7.59 4.33
C GLU D 624 28.89 -7.27 5.15
N SER D 625 29.54 -6.17 4.79
CA SER D 625 30.72 -5.72 5.51
C SER D 625 30.38 -5.55 6.97
N MET D 626 29.26 -4.89 7.24
CA MET D 626 28.84 -4.69 8.62
C MET D 626 28.72 -6.04 9.34
N THR D 627 28.14 -7.02 8.66
CA THR D 627 27.97 -8.33 9.26
C THR D 627 29.31 -8.97 9.59
N GLU D 628 30.29 -8.84 8.68
CA GLU D 628 31.62 -9.39 8.94
C GLU D 628 32.16 -8.77 10.24
N LEU D 629 32.30 -7.45 10.27
CA LEU D 629 32.76 -6.81 11.48
C LEU D 629 31.99 -7.32 12.67
N MET D 630 30.70 -7.57 12.45
CA MET D 630 29.82 -7.80 13.57
C MET D 630 30.09 -9.12 14.28
N ASN D 631 30.33 -10.21 13.55
CA ASN D 631 30.59 -11.44 14.29
C ASN D 631 31.98 -11.55 14.86
N HIS D 632 32.86 -10.65 14.47
CA HIS D 632 34.09 -10.52 15.23
C HIS D 632 33.69 -9.93 16.55
N ILE D 633 32.93 -8.84 16.49
CA ILE D 633 32.47 -8.21 17.70
C ILE D 633 31.68 -9.18 18.58
N ILE D 634 30.76 -9.93 17.99
CA ILE D 634 29.95 -10.84 18.80
C ILE D 634 30.82 -11.93 19.45
N SER D 635 31.57 -12.62 18.61
CA SER D 635 32.54 -13.60 19.08
C SER D 635 33.47 -12.99 20.13
N SER D 636 33.93 -11.77 19.89
CA SER D 636 34.75 -11.08 20.89
C SER D 636 33.99 -10.94 22.20
N ALA D 637 32.70 -10.61 22.11
CA ALA D 637 31.90 -10.38 23.30
C ALA D 637 31.79 -11.66 24.10
N ILE D 638 31.54 -12.76 23.40
CA ILE D 638 31.40 -14.07 24.06
C ILE D 638 32.59 -14.40 24.96
N GLU D 639 33.77 -14.59 24.38
CA GLU D 639 34.97 -14.73 25.20
C GLU D 639 34.92 -13.75 26.35
N GLU D 640 35.28 -12.50 26.06
CA GLU D 640 35.14 -11.41 27.02
C GLU D 640 34.09 -11.66 28.11
N GLY D 641 33.00 -12.35 27.76
CA GLY D 641 31.95 -12.69 28.73
C GLY D 641 30.90 -11.61 28.91
N ILE D 642 30.84 -10.67 27.98
CA ILE D 642 29.83 -9.61 27.99
C ILE D 642 28.52 -10.13 27.44
N SER D 643 27.42 -9.45 27.77
CA SER D 643 26.10 -9.95 27.46
C SER D 643 25.28 -8.95 26.68
N LEU D 644 24.40 -9.45 25.82
CA LEU D 644 23.45 -8.62 25.07
C LEU D 644 22.25 -8.33 25.97
N ASN D 645 21.67 -7.15 25.82
CA ASN D 645 20.64 -6.76 26.73
C ASN D 645 19.25 -6.74 26.16
N LYS D 646 18.97 -7.61 25.19
CA LYS D 646 17.59 -7.76 24.74
C LYS D 646 16.92 -6.40 24.61
N GLY D 647 17.71 -5.38 24.29
CA GLY D 647 17.16 -4.04 24.08
C GLY D 647 16.38 -3.97 22.77
#